data_2BOY
#
_entry.id   2BOY
#
_cell.length_a   83.179
_cell.length_b   86.610
_cell.length_c   93.447
_cell.angle_alpha   85.37
_cell.angle_beta   66.53
_cell.angle_gamma   76.94
#
_symmetry.space_group_name_H-M   'P 1'
#
loop_
_entity.id
_entity.type
_entity.pdbx_description
1 polymer '3-CHLOROCATECHOL 1,2-DIOXYGENASE'
2 non-polymer 'FE (III) ION'
3 non-polymer 'BENZHYDROXAMIC ACID'
4 non-polymer '2-(HEXADECANOYLOXY)-1-[(PHOSPHONOOXY)METHYL]ETHYL HEXADECANOATE'
5 non-polymer 'MAGNESIUM ION'
6 water water
#
_entity_poly.entity_id   1
_entity_poly.type   'polypeptide(L)'
_entity_poly.pdbx_seq_one_letter_code
;MSTDRTGNIVGKMIAAINAVIKDEKVSYSEYKASTGWLISVGEKNEWPLFLDVFFEHAIESVAAESNRGSQSSIQGPYFI
PGAPELSIPYTMPMRDDESGDTLIFRGEVVDQEGAPLADVLLDMWQADAAGEYSFINPTLPDYLFRGKIRTDENGRFTLR
TIVPAPYEIPKNGPTGALLAAAGWHAWRPAHLHWIIAKEGYESLTTQLYFENGQWTGSDVANAVKPELLLSLDKIEAQSG
PHFETSYKFTLGKV
;
_entity_poly.pdbx_strand_id   A,B,C,D,E,F,G,H
#
# COMPACT_ATOMS: atom_id res chain seq x y z
N SER A 2 -20.77 8.46 34.25
CA SER A 2 -19.34 8.11 34.46
C SER A 2 -18.72 8.84 35.67
N THR A 3 -17.68 8.23 36.26
CA THR A 3 -16.94 8.89 37.34
C THR A 3 -16.29 10.13 36.75
N ASP A 4 -15.86 10.01 35.48
CA ASP A 4 -15.22 11.13 34.81
C ASP A 4 -16.18 12.33 34.76
N ARG A 5 -17.38 12.08 34.26
CA ARG A 5 -18.36 13.14 34.07
C ARG A 5 -18.76 13.74 35.43
N THR A 6 -19.13 12.89 36.38
CA THR A 6 -19.54 13.51 37.66
C THR A 6 -18.46 14.22 38.41
N GLY A 7 -17.26 13.65 38.42
CA GLY A 7 -16.11 14.41 38.86
C GLY A 7 -15.89 15.72 38.12
N ASN A 8 -16.05 15.75 36.80
CA ASN A 8 -15.82 16.98 36.06
C ASN A 8 -16.80 18.05 36.56
N ILE A 9 -18.06 17.67 36.67
CA ILE A 9 -19.14 18.64 36.96
C ILE A 9 -19.03 19.15 38.39
N VAL A 10 -19.02 18.21 39.33
CA VAL A 10 -18.91 18.55 40.75
C VAL A 10 -17.59 19.23 41.07
N GLY A 11 -16.50 18.77 40.46
CA GLY A 11 -15.21 19.43 40.65
C GLY A 11 -15.26 20.90 40.26
N LYS A 12 -15.82 21.18 39.09
CA LYS A 12 -15.94 22.56 38.59
C LYS A 12 -16.77 23.43 39.54
N MET A 13 -17.90 22.90 40.02
CA MET A 13 -18.79 23.62 40.97
C MET A 13 -18.03 23.98 42.26
N ILE A 14 -17.43 22.97 42.88
CA ILE A 14 -16.67 23.18 44.13
C ILE A 14 -15.55 24.20 43.95
N ALA A 15 -14.77 24.06 42.87
CA ALA A 15 -13.69 25.02 42.60
C ALA A 15 -14.22 26.42 42.46
N ALA A 16 -15.33 26.54 41.74
CA ALA A 16 -15.93 27.84 41.51
C ALA A 16 -16.39 28.47 42.83
N ILE A 17 -16.97 27.67 43.73
CA ILE A 17 -17.43 28.22 45.01
C ILE A 17 -16.20 28.65 45.83
N ASN A 18 -15.15 27.83 45.79
CA ASN A 18 -13.91 28.18 46.52
C ASN A 18 -13.20 29.43 45.96
N ALA A 19 -13.33 29.70 44.67
CA ALA A 19 -12.77 30.92 44.08
C ALA A 19 -13.51 32.14 44.62
N VAL A 20 -14.82 32.02 44.74
CA VAL A 20 -15.62 33.09 45.33
C VAL A 20 -15.28 33.32 46.82
N ILE A 21 -15.13 32.24 47.58
CA ILE A 21 -14.71 32.38 48.97
C ILE A 21 -13.41 33.19 49.08
N LYS A 22 -12.45 32.85 48.23
CA LYS A 22 -11.15 33.53 48.24
C LYS A 22 -11.25 34.99 47.80
N ASP A 23 -11.99 35.25 46.73
CA ASP A 23 -12.10 36.60 46.18
C ASP A 23 -12.91 37.51 47.12
N GLU A 24 -13.98 36.97 47.70
CA GLU A 24 -14.77 37.77 48.61
C GLU A 24 -14.34 37.76 50.08
N LYS A 25 -13.30 36.98 50.40
CA LYS A 25 -12.83 36.84 51.78
C LYS A 25 -13.97 36.44 52.72
N VAL A 26 -14.67 35.38 52.34
CA VAL A 26 -15.77 34.88 53.14
C VAL A 26 -15.17 34.44 54.48
N SER A 27 -15.82 34.81 55.57
CA SER A 27 -15.28 34.63 56.92
C SER A 27 -15.74 33.33 57.59
N TYR A 28 -15.17 33.00 58.75
CA TYR A 28 -15.58 31.79 59.45
C TYR A 28 -17.00 31.99 59.96
N SER A 29 -17.31 33.25 60.31
CA SER A 29 -18.63 33.54 60.84
C SER A 29 -19.72 33.33 59.75
N GLU A 30 -19.44 33.83 58.57
CA GLU A 30 -20.26 33.61 57.37
C GLU A 30 -20.39 32.10 57.03
N TYR A 31 -19.27 31.37 57.09
CA TYR A 31 -19.26 29.90 56.87
C TYR A 31 -20.18 29.18 57.87
N LYS A 32 -20.07 29.54 59.16
CA LYS A 32 -20.93 28.93 60.18
C LYS A 32 -22.41 29.27 59.99
N ALA A 33 -22.70 30.54 59.66
CA ALA A 33 -24.08 30.93 59.36
C ALA A 33 -24.62 30.13 58.14
N SER A 34 -23.76 29.93 57.13
CA SER A 34 -24.15 29.18 55.93
C SER A 34 -24.41 27.70 56.25
N THR A 35 -23.56 27.13 57.10
CA THR A 35 -23.75 25.78 57.58
C THR A 35 -25.12 25.59 58.25
N GLY A 36 -25.47 26.49 59.18
CA GLY A 36 -26.77 26.44 59.81
C GLY A 36 -27.89 26.59 58.83
N TRP A 37 -27.69 27.44 57.81
CA TRP A 37 -28.73 27.66 56.79
C TRP A 37 -28.95 26.41 55.98
N LEU A 38 -27.86 25.80 55.52
CA LEU A 38 -28.00 24.56 54.74
C LEU A 38 -28.74 23.47 55.50
N ILE A 39 -28.41 23.32 56.78
CA ILE A 39 -29.07 22.33 57.65
C ILE A 39 -30.59 22.62 57.69
N SER A 40 -30.95 23.89 57.84
CA SER A 40 -32.38 24.31 57.91
C SER A 40 -33.18 23.99 56.62
N VAL A 41 -32.52 24.09 55.48
CA VAL A 41 -33.15 23.72 54.22
C VAL A 41 -33.66 22.29 54.28
N GLY A 42 -32.80 21.38 54.73
CA GLY A 42 -33.24 19.99 54.86
C GLY A 42 -34.26 19.78 55.97
N GLU A 43 -34.09 20.47 57.08
CA GLU A 43 -35.02 20.30 58.22
C GLU A 43 -36.42 20.79 57.86
N LYS A 44 -36.49 21.79 56.98
CA LYS A 44 -37.80 22.32 56.58
C LYS A 44 -38.30 21.75 55.24
N ASN A 45 -37.62 20.72 54.74
CA ASN A 45 -38.03 20.04 53.49
C ASN A 45 -38.15 20.99 52.29
N GLU A 46 -37.16 21.86 52.20
CA GLU A 46 -37.12 22.86 51.14
C GLU A 46 -36.04 22.62 50.08
N TRP A 47 -35.43 21.43 50.01
CA TRP A 47 -34.50 21.21 48.88
C TRP A 47 -35.15 21.39 47.50
N PRO A 48 -36.29 20.77 47.22
CA PRO A 48 -36.93 20.98 45.91
C PRO A 48 -37.25 22.46 45.64
N LEU A 49 -37.78 23.20 46.63
CA LEU A 49 -38.07 24.60 46.44
C LEU A 49 -36.79 25.40 46.13
N PHE A 50 -35.77 25.24 46.98
CA PHE A 50 -34.53 26.00 46.81
C PHE A 50 -33.92 25.73 45.44
N LEU A 51 -33.79 24.43 45.12
CA LEU A 51 -33.15 24.08 43.86
C LEU A 51 -33.98 24.54 42.67
N ASP A 52 -35.30 24.36 42.78
CA ASP A 52 -36.20 24.76 41.69
C ASP A 52 -36.23 26.26 41.49
N VAL A 53 -36.07 27.05 42.55
CA VAL A 53 -35.97 28.51 42.39
C VAL A 53 -34.70 28.91 41.61
N PHE A 54 -33.56 28.39 42.04
CA PHE A 54 -32.27 28.91 41.58
C PHE A 54 -31.61 28.17 40.44
N PHE A 55 -31.92 26.89 40.30
CA PHE A 55 -31.19 26.02 39.37
C PHE A 55 -32.03 25.35 38.30
N GLU A 56 -33.31 25.05 38.56
CA GLU A 56 -34.06 24.30 37.54
C GLU A 56 -34.11 25.01 36.17
N HIS A 57 -34.25 26.35 36.15
CA HIS A 57 -34.23 27.07 34.86
C HIS A 57 -33.01 26.69 33.99
N ALA A 58 -31.85 26.56 34.61
CA ALA A 58 -30.61 26.21 33.88
C ALA A 58 -30.71 24.78 33.36
N ILE A 59 -31.19 23.88 34.19
CA ILE A 59 -31.35 22.47 33.79
C ILE A 59 -32.36 22.39 32.63
N GLU A 60 -33.48 23.07 32.80
CA GLU A 60 -34.53 23.06 31.78
C GLU A 60 -34.06 23.70 30.46
N SER A 61 -33.24 24.74 30.55
CA SER A 61 -32.74 25.39 29.36
C SER A 61 -31.86 24.41 28.54
N VAL A 62 -31.07 23.56 29.20
CA VAL A 62 -30.32 22.56 28.39
C VAL A 62 -31.25 21.49 27.79
N ALA A 63 -32.20 21.03 28.58
CA ALA A 63 -33.21 20.07 28.14
C ALA A 63 -33.99 20.62 26.92
N ALA A 64 -34.27 21.92 26.96
CA ALA A 64 -35.11 22.57 25.97
C ALA A 64 -34.47 22.59 24.57
N GLU A 65 -33.14 22.60 24.51
CA GLU A 65 -32.46 22.51 23.21
C GLU A 65 -32.86 21.29 22.33
N SER A 66 -33.37 20.25 22.97
CA SER A 66 -33.86 19.05 22.28
C SER A 66 -35.37 18.98 22.05
N ASN A 67 -36.09 20.08 22.33
CA ASN A 67 -37.56 20.09 22.19
C ASN A 67 -37.98 19.73 20.76
N ARG A 68 -39.02 18.92 20.62
CA ARG A 68 -39.61 18.65 19.29
C ARG A 68 -40.93 19.38 19.13
N GLY A 69 -41.33 20.10 20.17
CA GLY A 69 -42.59 20.81 20.10
C GLY A 69 -42.47 22.26 20.53
N SER A 70 -43.55 22.80 21.06
CA SER A 70 -43.56 24.23 21.41
C SER A 70 -42.78 24.52 22.71
N GLN A 71 -42.67 25.81 23.08
CA GLN A 71 -41.77 26.23 24.12
C GLN A 71 -42.09 25.61 25.47
N SER A 72 -41.06 25.22 26.22
CA SER A 72 -41.22 24.48 27.49
C SER A 72 -40.76 25.38 28.61
N SER A 73 -41.01 24.96 29.87
CA SER A 73 -40.48 25.70 31.01
C SER A 73 -40.28 24.79 32.22
N ILE A 74 -39.79 25.35 33.34
CA ILE A 74 -39.59 24.53 34.54
C ILE A 74 -40.90 23.97 35.03
N GLN A 75 -40.84 22.84 35.72
CA GLN A 75 -42.03 22.32 36.41
C GLN A 75 -42.27 23.08 37.74
N GLY A 76 -41.19 23.38 38.46
CA GLY A 76 -41.32 23.89 39.83
C GLY A 76 -41.71 22.77 40.79
N PRO A 77 -41.83 23.09 42.08
CA PRO A 77 -41.98 22.06 43.13
C PRO A 77 -43.40 21.79 43.60
N TYR A 78 -44.39 22.41 42.96
CA TYR A 78 -45.75 22.34 43.48
C TYR A 78 -46.74 21.54 42.66
N PHE A 79 -46.26 20.71 41.73
CA PHE A 79 -47.19 19.80 41.04
C PHE A 79 -47.67 18.77 42.02
N ILE A 80 -48.96 18.39 41.93
CA ILE A 80 -49.53 17.29 42.69
C ILE A 80 -50.33 16.36 41.76
N PRO A 81 -49.95 15.09 41.69
CA PRO A 81 -50.62 14.14 40.80
C PRO A 81 -52.02 13.86 41.30
N GLY A 82 -52.85 13.34 40.40
CA GLY A 82 -54.17 12.93 40.77
C GLY A 82 -55.28 13.96 40.65
N ALA A 83 -55.03 15.12 40.05
CA ALA A 83 -56.11 16.12 39.90
C ALA A 83 -57.34 15.55 39.21
N PRO A 84 -58.53 16.03 39.56
CA PRO A 84 -59.77 15.50 38.96
C PRO A 84 -59.86 15.74 37.44
N GLU A 85 -60.40 14.77 36.73
CA GLU A 85 -60.74 14.92 35.32
C GLU A 85 -61.96 15.84 35.30
N LEU A 86 -61.81 16.99 34.66
CA LEU A 86 -62.90 17.99 34.67
C LEU A 86 -63.96 17.57 33.65
N SER A 87 -65.18 18.05 33.82
CA SER A 87 -66.23 17.71 32.85
C SER A 87 -66.65 18.95 32.07
N ILE A 88 -67.13 18.71 30.85
CA ILE A 88 -67.55 19.80 29.97
C ILE A 88 -68.74 20.53 30.59
N PRO A 89 -68.75 21.87 30.67
CA PRO A 89 -67.68 22.76 30.18
C PRO A 89 -66.60 22.89 31.23
N TYR A 90 -65.37 22.62 30.82
CA TYR A 90 -64.23 22.55 31.72
C TYR A 90 -64.08 23.79 32.56
N THR A 91 -64.09 23.56 33.86
CA THR A 91 -63.97 24.61 34.88
C THR A 91 -63.02 24.14 35.98
N MET A 92 -61.98 24.93 36.25
CA MET A 92 -61.03 24.57 37.31
C MET A 92 -61.75 24.54 38.66
N PRO A 93 -61.34 23.63 39.56
CA PRO A 93 -61.98 23.53 40.89
C PRO A 93 -61.82 24.81 41.68
N MET A 94 -62.97 25.43 41.98
CA MET A 94 -62.99 26.73 42.64
C MET A 94 -64.06 26.72 43.73
N ARG A 95 -63.89 27.56 44.73
CA ARG A 95 -64.87 27.64 45.82
C ARG A 95 -66.10 28.40 45.34
N ASP A 96 -67.25 28.20 45.99
CA ASP A 96 -68.46 28.92 45.56
C ASP A 96 -68.33 30.45 45.62
N ASP A 97 -67.37 30.96 46.37
CA ASP A 97 -67.18 32.41 46.45
C ASP A 97 -65.77 32.81 46.02
N GLU A 98 -65.19 32.03 45.11
CA GLU A 98 -63.80 32.26 44.70
C GLU A 98 -63.60 33.67 44.19
N SER A 99 -62.64 34.41 44.73
CA SER A 99 -62.41 35.75 44.20
C SER A 99 -61.42 35.76 43.03
N GLY A 100 -61.38 36.90 42.33
CA GLY A 100 -60.49 37.12 41.19
C GLY A 100 -61.24 37.33 39.88
N ASP A 101 -60.52 37.75 38.86
CA ASP A 101 -61.07 38.01 37.54
C ASP A 101 -61.23 36.68 36.80
N THR A 102 -62.39 36.46 36.18
CA THR A 102 -62.65 35.25 35.39
C THR A 102 -61.79 35.24 34.16
N LEU A 103 -61.20 34.07 33.87
CA LEU A 103 -60.36 33.91 32.71
C LEU A 103 -60.93 32.78 31.87
N ILE A 104 -61.13 33.03 30.58
CA ILE A 104 -61.53 31.97 29.65
C ILE A 104 -60.34 31.68 28.78
N PHE A 105 -59.87 30.43 28.88
CA PHE A 105 -58.63 30.03 28.18
C PHE A 105 -58.99 29.08 27.03
N ARG A 106 -58.68 29.49 25.80
CA ARG A 106 -58.99 28.67 24.62
C ARG A 106 -57.68 28.04 24.17
N GLY A 107 -57.59 26.70 24.32
CA GLY A 107 -56.38 25.97 23.99
C GLY A 107 -56.51 25.19 22.69
N GLU A 108 -55.37 24.97 22.04
CA GLU A 108 -55.31 24.08 20.90
C GLU A 108 -53.98 23.36 21.02
N VAL A 109 -53.97 22.08 20.65
CA VAL A 109 -52.74 21.29 20.59
C VAL A 109 -52.64 20.69 19.18
N VAL A 110 -51.51 20.95 18.52
CA VAL A 110 -51.26 20.44 17.16
C VAL A 110 -49.99 19.58 17.12
N ASP A 111 -49.78 18.81 16.05
CA ASP A 111 -48.52 18.09 15.89
C ASP A 111 -47.54 18.97 15.09
N GLN A 112 -46.38 18.44 14.77
CA GLN A 112 -45.38 19.24 14.10
C GLN A 112 -45.72 19.59 12.65
N GLU A 113 -46.73 18.92 12.05
CA GLU A 113 -47.28 19.41 10.76
C GLU A 113 -48.38 20.45 10.97
N GLY A 114 -48.71 20.75 12.22
CA GLY A 114 -49.76 21.71 12.49
C GLY A 114 -51.18 21.17 12.50
N ALA A 115 -51.32 19.86 12.32
CA ALA A 115 -52.60 19.19 12.38
C ALA A 115 -53.01 18.98 13.83
N PRO A 116 -54.31 19.07 14.11
CA PRO A 116 -54.85 18.89 15.48
C PRO A 116 -54.54 17.52 16.07
N LEU A 117 -54.29 17.51 17.38
CA LEU A 117 -54.10 16.27 18.12
C LEU A 117 -55.26 16.14 19.07
N ALA A 118 -56.06 15.10 18.87
CA ALA A 118 -57.19 14.79 19.76
C ALA A 118 -56.75 13.93 20.95
N ASP A 119 -57.49 14.00 22.05
CA ASP A 119 -57.26 13.17 23.24
C ASP A 119 -55.87 13.39 23.86
N VAL A 120 -55.32 14.57 23.68
CA VAL A 120 -54.14 14.97 24.45
C VAL A 120 -54.62 15.22 25.86
N LEU A 121 -53.86 14.73 26.84
CA LEU A 121 -54.23 14.92 28.24
C LEU A 121 -53.40 16.08 28.76
N LEU A 122 -54.06 17.03 29.42
CA LEU A 122 -53.35 18.19 29.98
C LEU A 122 -53.66 18.27 31.46
N ASP A 123 -52.61 18.37 32.27
CA ASP A 123 -52.71 18.55 33.69
C ASP A 123 -52.40 20.02 33.91
N MET A 124 -53.28 20.77 34.56
CA MET A 124 -53.00 22.21 34.78
C MET A 124 -53.10 22.54 36.25
N TRP A 125 -52.16 23.32 36.78
CA TRP A 125 -52.27 23.79 38.15
C TRP A 125 -51.84 25.23 38.20
N GLN A 126 -52.37 25.95 39.19
CA GLN A 126 -52.11 27.37 39.29
C GLN A 126 -52.42 27.75 40.73
N ALA A 127 -51.95 28.92 41.10
CA ALA A 127 -52.27 29.52 42.38
C ALA A 127 -53.60 30.23 42.30
N ASP A 128 -54.19 30.54 43.47
CA ASP A 128 -55.44 31.25 43.49
C ASP A 128 -55.18 32.75 43.41
N ALA A 129 -56.25 33.56 43.54
CA ALA A 129 -56.12 35.01 43.42
C ALA A 129 -55.35 35.65 44.58
N ALA A 130 -55.08 34.90 45.63
CA ALA A 130 -54.17 35.36 46.68
C ALA A 130 -52.74 34.82 46.53
N GLY A 131 -52.45 34.11 45.42
CA GLY A 131 -51.11 33.51 45.29
C GLY A 131 -50.85 32.22 46.07
N GLU A 132 -51.89 31.49 46.44
CA GLU A 132 -51.71 30.26 47.21
C GLU A 132 -52.04 29.03 46.38
N TYR A 133 -51.30 27.95 46.59
CA TYR A 133 -51.59 26.68 45.96
C TYR A 133 -52.26 25.69 46.89
N SER A 134 -53.21 24.90 46.38
CA SER A 134 -53.74 23.79 47.13
C SER A 134 -52.62 22.76 47.46
N PHE A 135 -52.84 22.03 48.56
CA PHE A 135 -51.86 21.13 49.22
C PHE A 135 -50.69 21.84 49.86
N ILE A 136 -50.00 22.65 49.07
CA ILE A 136 -48.92 23.48 49.52
C ILE A 136 -49.36 24.31 50.74
N ASN A 137 -50.47 25.01 50.57
CA ASN A 137 -51.22 25.63 51.67
C ASN A 137 -52.36 24.67 52.03
N PRO A 138 -52.23 23.92 53.12
CA PRO A 138 -53.18 22.83 53.39
C PRO A 138 -54.55 23.31 53.88
N THR A 139 -54.70 24.61 54.12
CA THR A 139 -56.04 25.08 54.47
C THR A 139 -56.96 25.22 53.25
N LEU A 140 -56.42 25.17 52.02
CA LEU A 140 -57.25 25.28 50.82
C LEU A 140 -57.85 23.91 50.60
N PRO A 141 -59.02 23.84 49.96
CA PRO A 141 -59.60 22.55 49.57
C PRO A 141 -58.60 21.79 48.70
N ASP A 142 -58.47 20.48 48.96
CA ASP A 142 -57.62 19.61 48.10
C ASP A 142 -58.02 19.75 46.64
N TYR A 143 -57.01 19.92 45.79
CA TYR A 143 -57.16 20.09 44.34
C TYR A 143 -57.85 21.39 43.91
N LEU A 144 -57.92 22.38 44.81
CA LEU A 144 -58.39 23.68 44.32
C LEU A 144 -57.41 24.06 43.19
N PHE A 145 -57.93 24.54 42.06
CA PHE A 145 -57.10 25.07 40.97
C PHE A 145 -56.09 24.04 40.44
N ARG A 146 -56.53 22.78 40.41
CA ARG A 146 -55.79 21.69 39.78
C ARG A 146 -56.78 20.82 39.01
N GLY A 147 -56.50 20.55 37.73
CA GLY A 147 -57.44 19.75 36.95
C GLY A 147 -56.81 19.12 35.72
N LYS A 148 -57.46 18.07 35.23
CA LYS A 148 -57.07 17.41 33.99
C LYS A 148 -58.17 17.59 32.96
N ILE A 149 -57.76 17.91 31.73
CA ILE A 149 -58.68 18.03 30.60
C ILE A 149 -58.07 17.31 29.40
N ARG A 150 -58.88 17.19 28.35
CA ARG A 150 -58.48 16.47 27.14
C ARG A 150 -58.79 17.37 25.96
N THR A 151 -57.98 17.37 24.91
CA THR A 151 -58.38 18.04 23.67
C THR A 151 -59.48 17.23 23.01
N ASP A 152 -60.34 17.92 22.27
CA ASP A 152 -61.45 17.30 21.55
C ASP A 152 -60.97 16.82 20.19
N GLU A 153 -61.89 16.42 19.31
CA GLU A 153 -61.56 15.99 17.92
C GLU A 153 -60.83 17.03 17.12
N ASN A 154 -61.02 18.28 17.48
CA ASN A 154 -60.33 19.34 16.76
C ASN A 154 -59.06 19.80 17.44
N GLY A 155 -58.63 19.08 18.47
CA GLY A 155 -57.40 19.44 19.19
C GLY A 155 -57.59 20.64 20.13
N ARG A 156 -58.85 20.94 20.46
CA ARG A 156 -59.20 22.16 21.18
C ARG A 156 -59.84 21.88 22.54
N PHE A 157 -59.80 22.90 23.39
CA PHE A 157 -60.58 22.88 24.62
C PHE A 157 -60.78 24.34 25.03
N THR A 158 -61.77 24.54 25.89
CA THR A 158 -62.03 25.85 26.48
C THR A 158 -62.03 25.59 27.95
N LEU A 159 -61.31 26.42 28.70
CA LEU A 159 -61.18 26.20 30.15
C LEU A 159 -61.54 27.49 30.88
N ARG A 160 -62.44 27.38 31.88
CA ARG A 160 -62.74 28.52 32.73
C ARG A 160 -61.98 28.47 34.05
N THR A 161 -61.35 29.57 34.40
CA THR A 161 -60.65 29.66 35.66
C THR A 161 -60.65 31.11 36.10
N ILE A 162 -59.74 31.46 37.00
CA ILE A 162 -59.57 32.82 37.47
C ILE A 162 -58.12 33.18 37.17
N VAL A 163 -57.82 34.46 36.93
CA VAL A 163 -56.42 34.89 36.74
C VAL A 163 -55.66 34.70 38.03
N PRO A 164 -54.57 33.88 38.01
CA PRO A 164 -53.80 33.67 39.24
C PRO A 164 -53.06 34.96 39.61
N ALA A 165 -52.83 35.16 40.89
CA ALA A 165 -51.94 36.22 41.37
C ALA A 165 -50.48 35.78 41.22
N PRO A 166 -49.57 36.75 41.12
CA PRO A 166 -48.16 36.47 41.35
C PRO A 166 -47.95 35.93 42.76
N TYR A 167 -46.83 35.23 42.94
N TYR A 167 -46.87 35.24 43.02
CA TYR A 167 -46.48 34.37 44.09
CA TYR A 167 -46.69 34.86 44.40
C TYR A 167 -45.17 34.94 44.71
C TYR A 167 -45.23 34.89 44.77
N GLU A 168 -45.06 35.12 46.05
CA GLU A 168 -43.79 35.28 46.70
C GLU A 168 -43.33 33.94 47.31
N ILE A 169 -42.08 33.56 47.09
CA ILE A 169 -41.48 32.48 47.89
C ILE A 169 -41.57 32.92 49.37
N PRO A 170 -42.16 32.11 50.26
CA PRO A 170 -42.43 32.57 51.64
C PRO A 170 -41.19 32.86 52.48
N LYS A 171 -41.09 34.02 53.12
CA LYS A 171 -39.90 34.34 53.94
C LYS A 171 -39.78 33.43 55.15
N ASN A 172 -40.87 32.75 55.50
CA ASN A 172 -40.95 31.91 56.69
C ASN A 172 -40.19 30.57 56.55
N GLY A 173 -39.51 30.38 55.42
CA GLY A 173 -38.69 29.19 55.19
C GLY A 173 -37.28 29.63 54.80
N PRO A 174 -36.35 28.68 54.75
CA PRO A 174 -34.96 29.01 54.42
C PRO A 174 -34.79 29.63 53.01
N THR A 175 -35.56 29.22 52.02
CA THR A 175 -35.31 29.75 50.66
C THR A 175 -35.67 31.24 50.66
N GLY A 176 -36.86 31.51 51.19
CA GLY A 176 -37.34 32.87 51.34
C GLY A 176 -36.44 33.66 52.26
N ALA A 177 -35.88 33.02 53.28
CA ALA A 177 -34.93 33.74 54.17
C ALA A 177 -33.66 34.15 53.45
N LEU A 178 -33.13 33.26 52.60
CA LEU A 178 -31.96 33.65 51.81
C LEU A 178 -32.26 34.83 50.84
N LEU A 179 -33.40 34.75 50.15
CA LEU A 179 -33.76 35.80 49.18
C LEU A 179 -33.82 37.13 49.94
N ALA A 180 -34.46 37.08 51.11
CA ALA A 180 -34.58 38.28 51.93
C ALA A 180 -33.21 38.82 52.36
N ALA A 181 -32.34 37.92 52.82
CA ALA A 181 -31.00 38.31 53.26
C ALA A 181 -30.10 38.82 52.13
N ALA A 182 -30.31 38.34 50.90
CA ALA A 182 -29.50 38.83 49.75
C ALA A 182 -30.06 40.09 49.06
N GLY A 183 -31.14 40.64 49.60
CA GLY A 183 -31.82 41.79 49.00
C GLY A 183 -32.52 41.52 47.66
N TRP A 184 -32.92 40.27 47.40
CA TRP A 184 -33.50 39.90 46.10
C TRP A 184 -35.00 39.76 46.22
N HIS A 185 -35.75 40.28 45.25
CA HIS A 185 -37.18 40.07 45.21
C HIS A 185 -37.47 38.57 45.18
N ALA A 186 -38.53 38.18 45.88
CA ALA A 186 -38.90 36.78 45.98
C ALA A 186 -40.10 36.41 45.10
N TRP A 187 -40.38 37.19 44.05
CA TRP A 187 -41.65 37.05 43.31
C TRP A 187 -41.52 36.27 42.02
N ARG A 188 -42.50 35.43 41.75
CA ARG A 188 -42.77 34.91 40.39
C ARG A 188 -43.98 35.71 39.82
N PRO A 189 -43.94 36.03 38.52
CA PRO A 189 -45.10 36.65 37.86
C PRO A 189 -46.21 35.59 37.83
N ALA A 190 -47.46 36.01 37.60
CA ALA A 190 -48.62 35.08 37.58
C ALA A 190 -48.47 34.10 36.45
N HIS A 191 -48.88 32.84 36.65
CA HIS A 191 -48.68 31.81 35.61
C HIS A 191 -49.63 30.60 35.77
N LEU A 192 -49.85 29.90 34.65
CA LEU A 192 -50.57 28.65 34.62
C LEU A 192 -49.52 27.60 34.27
N HIS A 193 -49.50 26.51 35.05
CA HIS A 193 -48.55 25.35 34.83
C HIS A 193 -49.25 24.29 33.99
N TRP A 194 -48.52 23.57 33.10
CA TRP A 194 -49.15 22.56 32.27
C TRP A 194 -48.19 21.39 32.09
N ILE A 195 -48.71 20.18 32.22
CA ILE A 195 -48.01 18.97 31.74
C ILE A 195 -48.95 18.36 30.72
N ILE A 196 -48.44 18.15 29.51
CA ILE A 196 -49.27 17.81 28.37
C ILE A 196 -48.70 16.55 27.74
N ALA A 197 -49.57 15.58 27.51
CA ALA A 197 -49.08 14.25 27.12
C ALA A 197 -50.04 13.55 26.14
N LYS A 198 -49.48 12.74 25.24
CA LYS A 198 -50.29 11.88 24.41
C LYS A 198 -49.37 10.74 23.95
N GLU A 199 -49.86 9.50 24.06
CA GLU A 199 -49.14 8.34 23.52
C GLU A 199 -48.57 8.55 22.13
N GLY A 200 -47.26 8.25 21.98
CA GLY A 200 -46.54 8.47 20.75
C GLY A 200 -45.90 9.83 20.58
N TYR A 201 -46.04 10.70 21.59
CA TYR A 201 -45.47 12.04 21.52
C TYR A 201 -44.65 12.30 22.73
N GLU A 202 -43.67 13.19 22.58
CA GLU A 202 -42.88 13.64 23.69
C GLU A 202 -43.73 14.63 24.51
N SER A 203 -43.71 14.47 25.83
CA SER A 203 -44.55 15.26 26.72
C SER A 203 -44.02 16.67 26.77
N LEU A 204 -44.87 17.64 27.11
CA LEU A 204 -44.40 18.99 27.20
C LEU A 204 -44.75 19.48 28.60
N THR A 205 -43.76 19.97 29.32
CA THR A 205 -43.98 20.76 30.55
C THR A 205 -43.74 22.21 30.31
N THR A 206 -44.69 23.06 30.68
CA THR A 206 -44.49 24.47 30.38
C THR A 206 -45.33 25.35 31.33
N GLN A 207 -45.22 26.65 31.15
CA GLN A 207 -45.95 27.63 31.99
C GLN A 207 -46.37 28.73 31.06
N LEU A 208 -47.51 29.37 31.35
CA LEU A 208 -47.89 30.52 30.53
C LEU A 208 -48.10 31.71 31.47
N TYR A 209 -47.60 32.86 31.08
CA TYR A 209 -47.58 34.09 31.88
C TYR A 209 -48.47 35.12 31.21
N PHE A 210 -48.72 36.26 31.86
CA PHE A 210 -49.66 37.27 31.35
C PHE A 210 -48.87 38.52 31.01
N GLU A 211 -48.90 38.91 29.73
CA GLU A 211 -48.14 40.03 29.13
C GLU A 211 -48.02 41.23 30.05
N ASN A 212 -49.15 41.62 30.60
CA ASN A 212 -49.28 42.87 31.33
C ASN A 212 -48.87 42.74 32.81
N GLY A 213 -48.43 41.55 33.21
CA GLY A 213 -48.31 41.22 34.62
C GLY A 213 -47.03 41.74 35.24
N GLN A 214 -47.07 42.00 36.54
CA GLN A 214 -45.84 42.46 37.18
C GLN A 214 -44.91 41.25 37.32
N TRP A 215 -43.61 41.49 37.36
CA TRP A 215 -42.58 40.47 37.56
C TRP A 215 -42.23 39.63 36.32
N THR A 216 -42.86 39.85 35.15
CA THR A 216 -42.46 39.05 33.98
C THR A 216 -41.01 39.30 33.55
N GLY A 217 -40.47 40.47 33.91
CA GLY A 217 -39.08 40.81 33.67
C GLY A 217 -38.13 40.58 34.83
N SER A 218 -38.61 40.00 35.94
CA SER A 218 -37.76 39.77 37.08
C SER A 218 -38.28 38.58 37.89
N ASP A 219 -38.55 37.48 37.20
CA ASP A 219 -38.98 36.24 37.85
C ASP A 219 -37.86 35.77 38.75
N VAL A 220 -38.15 35.66 40.05
CA VAL A 220 -37.16 35.08 40.99
C VAL A 220 -36.56 33.72 40.46
N ALA A 221 -37.39 32.95 39.77
CA ALA A 221 -36.98 31.63 39.26
C ALA A 221 -36.36 31.67 37.84
N ASN A 222 -36.35 32.83 37.20
CA ASN A 222 -35.73 32.97 35.85
C ASN A 222 -36.31 32.01 34.81
N ALA A 223 -37.62 31.79 34.90
CA ALA A 223 -38.26 30.79 34.06
C ALA A 223 -39.19 31.39 33.00
N VAL A 224 -39.18 32.72 32.83
CA VAL A 224 -40.04 33.32 31.81
C VAL A 224 -39.31 33.21 30.47
N LYS A 225 -40.07 32.81 29.44
CA LYS A 225 -39.58 32.86 28.05
C LYS A 225 -40.62 33.61 27.20
N PRO A 226 -40.15 34.32 26.17
CA PRO A 226 -41.02 35.22 25.43
C PRO A 226 -42.14 34.49 24.72
N GLU A 227 -41.94 33.24 24.30
CA GLU A 227 -43.01 32.47 23.63
C GLU A 227 -44.17 32.15 24.55
N LEU A 228 -43.97 32.35 25.86
CA LEU A 228 -44.96 31.92 26.89
C LEU A 228 -45.78 33.08 27.50
N LEU A 229 -45.65 34.25 26.93
CA LEU A 229 -46.44 35.40 27.36
C LEU A 229 -47.78 35.50 26.62
N LEU A 230 -48.86 35.50 27.40
CA LEU A 230 -50.21 35.53 26.82
C LEU A 230 -50.72 36.95 26.77
N SER A 231 -51.55 37.23 25.77
CA SER A 231 -52.31 38.49 25.72
C SER A 231 -53.74 38.22 26.17
N LEU A 232 -54.29 39.13 26.94
CA LEU A 232 -55.62 39.06 27.49
C LEU A 232 -56.53 40.07 26.78
N ASP A 233 -57.72 39.62 26.38
CA ASP A 233 -58.76 40.53 25.88
C ASP A 233 -59.84 40.69 26.94
N LYS A 234 -60.20 41.93 27.24
CA LYS A 234 -61.25 42.19 28.20
C LYS A 234 -62.60 42.10 27.51
N ILE A 235 -63.46 41.22 28.01
CA ILE A 235 -64.81 41.03 27.45
C ILE A 235 -65.86 41.54 28.43
N GLU A 236 -66.60 42.58 28.03
CA GLU A 236 -67.68 43.09 28.88
C GLU A 236 -69.01 42.52 28.40
N ALA A 237 -69.55 41.55 29.13
CA ALA A 237 -70.81 40.91 28.73
C ALA A 237 -71.39 39.83 29.65
N GLN A 238 -72.35 40.25 30.50
CA GLN A 238 -73.31 39.39 31.23
C GLN A 238 -72.82 38.33 32.25
N SER A 239 -72.70 38.69 33.53
CA SER A 239 -72.70 40.04 34.04
C SER A 239 -71.32 40.19 34.72
N GLY A 240 -70.60 41.27 34.38
CA GLY A 240 -69.21 41.45 34.77
C GLY A 240 -68.24 41.34 33.60
N PRO A 241 -67.10 42.03 33.68
CA PRO A 241 -66.08 41.89 32.63
C PRO A 241 -65.35 40.57 32.91
N HIS A 242 -64.84 39.94 31.87
CA HIS A 242 -63.93 38.84 32.11
C HIS A 242 -62.82 38.95 31.07
N PHE A 243 -61.86 38.04 31.14
CA PHE A 243 -60.71 38.07 30.25
C PHE A 243 -60.72 36.81 29.47
N GLU A 244 -60.23 36.90 28.25
CA GLU A 244 -60.08 35.74 27.38
C GLU A 244 -58.69 35.72 26.78
N THR A 245 -58.18 34.50 26.58
CA THR A 245 -56.86 34.33 25.97
C THR A 245 -56.82 33.01 25.19
N SER A 246 -55.84 32.85 24.30
CA SER A 246 -55.77 31.71 23.39
C SER A 246 -54.33 31.32 23.38
N TYR A 247 -54.08 30.02 23.27
CA TYR A 247 -52.72 29.53 23.10
C TYR A 247 -52.71 28.26 22.28
N LYS A 248 -51.68 28.11 21.47
CA LYS A 248 -51.53 26.88 20.70
C LYS A 248 -50.26 26.17 21.11
N PHE A 249 -50.42 24.94 21.63
CA PHE A 249 -49.32 24.07 22.01
C PHE A 249 -48.96 23.11 20.86
N THR A 250 -47.69 22.76 20.76
CA THR A 250 -47.26 21.77 19.76
C THR A 250 -46.56 20.59 20.44
N LEU A 251 -46.92 19.36 20.05
CA LEU A 251 -46.18 18.18 20.50
C LEU A 251 -45.45 17.54 19.31
N GLY A 252 -44.27 16.97 19.58
CA GLY A 252 -43.50 16.32 18.53
C GLY A 252 -43.52 14.83 18.79
N LYS A 253 -43.46 14.05 17.72
CA LYS A 253 -43.55 12.58 17.86
C LYS A 253 -42.36 12.01 18.56
N VAL A 254 -42.57 10.90 19.26
CA VAL A 254 -41.48 10.12 19.87
C VAL A 254 -40.52 9.62 18.77
N SER B 2 8.38 -19.76 -48.07
CA SER B 2 9.20 -19.40 -49.26
C SER B 2 9.19 -17.89 -49.46
N THR B 3 10.22 -17.34 -50.13
CA THR B 3 10.19 -15.92 -50.47
C THR B 3 9.07 -15.71 -51.45
N ASP B 4 8.80 -16.70 -52.33
CA ASP B 4 7.73 -16.58 -53.30
C ASP B 4 6.37 -16.37 -52.63
N ARG B 5 6.13 -17.13 -51.58
CA ARG B 5 4.85 -17.08 -50.89
C ARG B 5 4.74 -15.76 -50.10
N THR B 6 5.77 -15.44 -49.36
CA THR B 6 5.83 -14.18 -48.60
C THR B 6 5.71 -12.98 -49.53
N GLY B 7 6.53 -12.96 -50.58
CA GLY B 7 6.42 -11.91 -51.57
C GLY B 7 5.04 -11.84 -52.15
N ASN B 8 4.45 -13.01 -52.46
CA ASN B 8 3.10 -13.02 -53.01
C ASN B 8 2.06 -12.42 -52.08
N ILE B 9 2.05 -12.85 -50.82
CA ILE B 9 1.03 -12.37 -49.87
C ILE B 9 1.27 -10.87 -49.58
N VAL B 10 2.49 -10.49 -49.20
CA VAL B 10 2.73 -9.07 -48.82
C VAL B 10 2.49 -8.16 -50.04
N GLY B 11 2.94 -8.60 -51.22
CA GLY B 11 2.75 -7.82 -52.43
C GLY B 11 1.30 -7.60 -52.74
N LYS B 12 0.47 -8.65 -52.59
CA LYS B 12 -0.96 -8.47 -52.77
C LYS B 12 -1.57 -7.50 -51.78
N MET B 13 -1.14 -7.57 -50.52
CA MET B 13 -1.67 -6.67 -49.50
C MET B 13 -1.31 -5.22 -49.80
N ILE B 14 -0.02 -4.97 -50.03
CA ILE B 14 0.43 -3.61 -50.40
C ILE B 14 -0.31 -3.10 -51.62
N ALA B 15 -0.41 -3.93 -52.67
CA ALA B 15 -1.16 -3.52 -53.86
C ALA B 15 -2.62 -3.16 -53.60
N ALA B 16 -3.28 -3.93 -52.73
CA ALA B 16 -4.67 -3.65 -52.41
C ALA B 16 -4.82 -2.34 -51.64
N ILE B 17 -3.89 -2.06 -50.73
CA ILE B 17 -3.94 -0.79 -50.01
C ILE B 17 -3.69 0.37 -50.98
N ASN B 18 -2.70 0.22 -51.86
CA ASN B 18 -2.47 1.26 -52.87
C ASN B 18 -3.66 1.50 -53.80
N ALA B 19 -4.38 0.42 -54.09
CA ALA B 19 -5.62 0.52 -54.88
C ALA B 19 -6.68 1.41 -54.19
N VAL B 20 -6.82 1.26 -52.88
CA VAL B 20 -7.76 2.14 -52.12
C VAL B 20 -7.26 3.59 -52.12
N ILE B 21 -5.97 3.76 -51.84
CA ILE B 21 -5.39 5.09 -51.87
C ILE B 21 -5.80 5.78 -53.16
N LYS B 22 -5.59 5.10 -54.28
CA LYS B 22 -5.85 5.67 -55.59
C LYS B 22 -7.36 5.92 -55.80
N ASP B 23 -8.20 4.93 -55.48
CA ASP B 23 -9.65 5.03 -55.71
C ASP B 23 -10.27 6.12 -54.84
N GLU B 24 -9.82 6.21 -53.60
CA GLU B 24 -10.36 7.21 -52.68
C GLU B 24 -9.57 8.53 -52.64
N LYS B 25 -8.52 8.62 -53.43
CA LYS B 25 -7.72 9.86 -53.48
C LYS B 25 -7.27 10.31 -52.08
N VAL B 26 -6.70 9.39 -51.32
CA VAL B 26 -6.11 9.81 -50.07
C VAL B 26 -4.97 10.81 -50.25
N SER B 27 -4.95 11.78 -49.34
CA SER B 27 -4.16 13.00 -49.48
C SER B 27 -2.88 12.84 -48.68
N TYR B 28 -1.92 13.71 -48.91
CA TYR B 28 -0.69 13.69 -48.12
C TYR B 28 -0.99 13.97 -46.64
N SER B 29 -1.97 14.83 -46.35
CA SER B 29 -2.35 15.11 -44.97
C SER B 29 -2.91 13.86 -44.26
N GLU B 30 -3.72 13.07 -44.98
CA GLU B 30 -4.20 11.83 -44.42
C GLU B 30 -3.07 10.81 -44.20
N TYR B 31 -2.14 10.78 -45.16
CA TYR B 31 -0.95 9.92 -45.09
C TYR B 31 -0.11 10.24 -43.85
N LYS B 32 0.11 11.53 -43.59
CA LYS B 32 0.90 11.96 -42.44
C LYS B 32 0.20 11.67 -41.14
N ALA B 33 -1.11 11.86 -41.10
CA ALA B 33 -1.86 11.56 -39.88
C ALA B 33 -1.83 10.05 -39.60
N SER B 34 -1.94 9.26 -40.68
CA SER B 34 -1.87 7.80 -40.56
C SER B 34 -0.50 7.34 -40.07
N THR B 35 0.56 7.97 -40.58
CA THR B 35 1.92 7.68 -40.11
C THR B 35 2.00 7.92 -38.61
N GLY B 36 1.48 9.06 -38.12
CA GLY B 36 1.57 9.33 -36.71
C GLY B 36 0.76 8.35 -35.88
N TRP B 37 -0.36 7.90 -36.43
CA TRP B 37 -1.19 6.93 -35.72
C TRP B 37 -0.48 5.57 -35.64
N LEU B 38 0.10 5.12 -36.76
CA LEU B 38 0.86 3.85 -36.73
C LEU B 38 2.02 3.84 -35.72
N ILE B 39 2.71 4.97 -35.60
CA ILE B 39 3.75 5.13 -34.57
C ILE B 39 3.15 5.04 -33.17
N SER B 40 2.00 5.66 -32.95
CA SER B 40 1.38 5.61 -31.61
C SER B 40 0.98 4.21 -31.18
N VAL B 41 0.55 3.39 -32.15
CA VAL B 41 0.19 2.01 -31.82
C VAL B 41 1.33 1.35 -31.08
N GLY B 42 2.52 1.41 -31.65
CA GLY B 42 3.70 0.81 -31.03
C GLY B 42 4.11 1.41 -29.70
N GLU B 43 4.10 2.74 -29.65
CA GLU B 43 4.47 3.47 -28.44
C GLU B 43 3.56 3.09 -27.29
N LYS B 44 2.32 2.72 -27.58
CA LYS B 44 1.37 2.38 -26.53
C LYS B 44 1.17 0.88 -26.40
N ASN B 45 2.04 0.08 -27.06
CA ASN B 45 2.03 -1.39 -26.95
C ASN B 45 0.69 -2.01 -27.32
N GLU B 46 0.08 -1.46 -28.36
CA GLU B 46 -1.20 -1.96 -28.83
C GLU B 46 -1.15 -2.82 -30.12
N TRP B 47 0.03 -3.21 -30.57
CA TRP B 47 0.00 -4.06 -31.77
C TRP B 47 -0.87 -5.32 -31.57
N PRO B 48 -0.65 -6.11 -30.53
CA PRO B 48 -1.50 -7.31 -30.35
C PRO B 48 -2.99 -6.97 -30.30
N LEU B 49 -3.34 -5.92 -29.57
CA LEU B 49 -4.73 -5.49 -29.47
C LEU B 49 -5.33 -5.10 -30.84
N PHE B 50 -4.65 -4.21 -31.55
CA PHE B 50 -5.13 -3.74 -32.84
C PHE B 50 -5.29 -4.91 -33.84
N LEU B 51 -4.26 -5.75 -33.93
CA LEU B 51 -4.27 -6.83 -34.92
C LEU B 51 -5.35 -7.89 -34.58
N ASP B 52 -5.40 -8.30 -33.31
CA ASP B 52 -6.42 -9.27 -32.86
C ASP B 52 -7.84 -8.74 -33.01
N VAL B 53 -8.05 -7.42 -32.89
CA VAL B 53 -9.38 -6.88 -33.17
C VAL B 53 -9.76 -7.02 -34.67
N PHE B 54 -8.86 -6.59 -35.55
CA PHE B 54 -9.25 -6.41 -36.94
C PHE B 54 -8.92 -7.55 -37.90
N PHE B 55 -7.92 -8.33 -37.56
CA PHE B 55 -7.42 -9.37 -38.48
C PHE B 55 -7.44 -10.78 -37.95
N GLU B 56 -7.39 -10.97 -36.62
CA GLU B 56 -7.27 -12.34 -36.12
C GLU B 56 -8.45 -13.21 -36.56
N HIS B 57 -9.66 -12.67 -36.64
CA HIS B 57 -10.80 -13.50 -37.10
C HIS B 57 -10.58 -14.11 -38.50
N ALA B 58 -9.83 -13.41 -39.35
CA ALA B 58 -9.65 -13.87 -40.71
C ALA B 58 -8.63 -14.96 -40.70
N ILE B 59 -7.58 -14.79 -39.91
CA ILE B 59 -6.55 -15.79 -39.72
C ILE B 59 -7.21 -17.07 -39.14
N GLU B 60 -8.07 -16.85 -38.14
CA GLU B 60 -8.70 -17.95 -37.43
C GLU B 60 -9.65 -18.72 -38.36
N SER B 61 -10.38 -17.99 -39.19
CA SER B 61 -11.31 -18.58 -40.13
C SER B 61 -10.56 -19.50 -41.11
N VAL B 62 -9.39 -19.05 -41.58
CA VAL B 62 -8.55 -20.04 -42.33
C VAL B 62 -8.07 -21.26 -41.51
N ALA B 63 -7.63 -21.04 -40.28
CA ALA B 63 -7.23 -22.19 -39.46
C ALA B 63 -8.41 -23.14 -39.26
N ALA B 64 -9.61 -22.58 -39.11
CA ALA B 64 -10.78 -23.37 -38.72
C ALA B 64 -11.21 -24.32 -39.87
N GLU B 65 -10.89 -23.98 -41.12
CA GLU B 65 -11.13 -24.89 -42.29
C GLU B 65 -10.59 -26.30 -42.08
N SER B 66 -9.52 -26.41 -41.30
CA SER B 66 -8.84 -27.69 -41.05
C SER B 66 -9.22 -28.34 -39.70
N ASN B 67 -10.25 -27.81 -39.02
CA ASN B 67 -10.63 -28.32 -37.70
C ASN B 67 -11.02 -29.79 -37.79
N ARG B 68 -10.54 -30.58 -36.84
CA ARG B 68 -10.95 -31.96 -36.69
C ARG B 68 -11.92 -32.15 -35.52
N GLY B 69 -12.18 -31.05 -34.80
CA GLY B 69 -13.10 -31.10 -33.69
C GLY B 69 -14.16 -30.01 -33.81
N SER B 70 -14.69 -29.58 -32.67
CA SER B 70 -15.80 -28.61 -32.68
C SER B 70 -15.33 -27.20 -32.95
N GLN B 71 -16.31 -26.27 -32.98
CA GLN B 71 -16.04 -24.93 -33.50
C GLN B 71 -15.01 -24.14 -32.64
N SER B 72 -14.13 -23.43 -33.34
CA SER B 72 -13.04 -22.66 -32.76
C SER B 72 -13.28 -21.17 -32.90
N SER B 73 -12.50 -20.37 -32.20
CA SER B 73 -12.58 -18.90 -32.40
C SER B 73 -11.25 -18.29 -32.07
N ILE B 74 -11.17 -16.95 -32.16
CA ILE B 74 -9.86 -16.31 -31.96
C ILE B 74 -9.37 -16.46 -30.50
N GLN B 75 -8.07 -16.30 -30.32
CA GLN B 75 -7.50 -16.24 -28.97
C GLN B 75 -7.67 -14.87 -28.32
N GLY B 76 -7.47 -13.80 -29.09
CA GLY B 76 -7.44 -12.46 -28.52
C GLY B 76 -6.12 -12.25 -27.79
N PRO B 77 -5.89 -11.03 -27.29
CA PRO B 77 -4.60 -10.63 -26.74
C PRO B 77 -4.36 -10.87 -25.25
N TYR B 78 -5.38 -11.34 -24.56
CA TYR B 78 -5.32 -11.33 -23.12
C TYR B 78 -5.16 -12.71 -22.46
N PHE B 79 -4.72 -13.75 -23.19
CA PHE B 79 -4.37 -15.01 -22.52
C PHE B 79 -3.12 -14.87 -21.64
N ILE B 80 -3.15 -15.40 -20.42
CA ILE B 80 -1.95 -15.40 -19.55
C ILE B 80 -1.65 -16.85 -19.12
N PRO B 81 -0.45 -17.35 -19.43
CA PRO B 81 -0.06 -18.72 -19.09
C PRO B 81 0.14 -18.90 -17.60
N GLY B 82 0.07 -20.15 -17.16
CA GLY B 82 0.29 -20.51 -15.76
C GLY B 82 -0.86 -20.34 -14.75
N ALA B 83 -2.11 -20.21 -15.23
CA ALA B 83 -3.27 -20.12 -14.34
C ALA B 83 -3.27 -21.32 -13.39
N PRO B 84 -3.76 -21.14 -12.16
CA PRO B 84 -3.73 -22.23 -11.16
C PRO B 84 -4.68 -23.38 -11.54
N GLU B 85 -4.24 -24.59 -11.21
CA GLU B 85 -5.04 -25.78 -11.41
C GLU B 85 -6.12 -25.80 -10.32
N LEU B 86 -7.38 -25.79 -10.71
CA LEU B 86 -8.48 -25.68 -9.74
C LEU B 86 -8.74 -27.02 -9.07
N SER B 87 -9.33 -27.00 -7.90
CA SER B 87 -9.61 -28.27 -7.21
C SER B 87 -11.15 -28.44 -7.06
N ILE B 88 -11.63 -29.67 -7.08
CA ILE B 88 -13.06 -29.97 -6.93
C ILE B 88 -13.58 -29.40 -5.60
N PRO B 89 -14.75 -28.73 -5.58
CA PRO B 89 -15.55 -28.37 -6.76
C PRO B 89 -14.96 -27.19 -7.54
N TYR B 90 -14.73 -27.37 -8.84
CA TYR B 90 -14.07 -26.31 -9.61
C TYR B 90 -14.76 -24.95 -9.54
N THR B 91 -13.99 -23.94 -9.12
CA THR B 91 -14.50 -22.58 -8.96
C THR B 91 -13.44 -21.64 -9.50
N MET B 92 -13.80 -20.79 -10.45
CA MET B 92 -12.84 -19.82 -10.97
C MET B 92 -12.38 -18.92 -9.83
N PRO B 93 -11.12 -18.47 -9.86
CA PRO B 93 -10.60 -17.56 -8.82
C PRO B 93 -11.41 -16.28 -8.79
N MET B 94 -12.05 -16.05 -7.64
CA MET B 94 -12.90 -14.89 -7.43
C MET B 94 -12.63 -14.23 -6.07
N ARG B 95 -12.94 -12.93 -5.98
CA ARG B 95 -12.79 -12.19 -4.74
C ARG B 95 -13.94 -12.56 -3.78
N ASP B 96 -13.72 -12.35 -2.49
CA ASP B 96 -14.71 -12.74 -1.50
C ASP B 96 -16.07 -12.08 -1.72
N ASP B 97 -16.05 -10.88 -2.27
CA ASP B 97 -17.29 -10.14 -2.46
C ASP B 97 -17.62 -10.01 -3.95
N GLU B 98 -17.08 -10.93 -4.77
CA GLU B 98 -17.19 -10.83 -6.23
C GLU B 98 -18.60 -10.57 -6.73
N SER B 99 -18.79 -9.46 -7.43
CA SER B 99 -20.07 -9.07 -7.96
C SER B 99 -20.47 -9.89 -9.21
N GLY B 100 -21.77 -10.03 -9.46
CA GLY B 100 -22.28 -10.67 -10.67
C GLY B 100 -23.14 -11.90 -10.43
N ASP B 101 -23.79 -12.36 -11.49
CA ASP B 101 -24.72 -13.48 -11.42
C ASP B 101 -23.91 -14.75 -11.44
N THR B 102 -24.30 -15.70 -10.59
CA THR B 102 -23.61 -16.97 -10.55
C THR B 102 -23.87 -17.79 -11.81
N LEU B 103 -22.82 -18.37 -12.37
CA LEU B 103 -23.00 -19.26 -13.49
C LEU B 103 -22.42 -20.63 -13.15
N ILE B 104 -23.20 -21.67 -13.37
CA ILE B 104 -22.73 -23.05 -13.25
C ILE B 104 -22.60 -23.61 -14.68
N PHE B 105 -21.38 -24.01 -15.03
CA PHE B 105 -21.04 -24.46 -16.42
C PHE B 105 -20.72 -25.91 -16.39
N ARG B 106 -21.51 -26.70 -17.12
CA ARG B 106 -21.37 -28.14 -17.22
C ARG B 106 -20.76 -28.46 -18.59
N GLY B 107 -19.49 -28.90 -18.59
CA GLY B 107 -18.81 -29.11 -19.86
C GLY B 107 -18.62 -30.61 -20.07
N GLU B 108 -18.43 -30.98 -21.31
CA GLU B 108 -18.12 -32.35 -21.68
C GLU B 108 -17.17 -32.24 -22.87
N VAL B 109 -16.16 -33.11 -22.91
CA VAL B 109 -15.28 -33.16 -24.07
C VAL B 109 -15.27 -34.61 -24.63
N VAL B 110 -15.50 -34.75 -25.93
CA VAL B 110 -15.55 -36.08 -26.56
C VAL B 110 -14.59 -36.14 -27.75
N ASP B 111 -14.32 -37.33 -28.27
CA ASP B 111 -13.47 -37.42 -29.46
C ASP B 111 -14.33 -37.41 -30.71
N GLN B 112 -13.74 -37.68 -31.87
CA GLN B 112 -14.57 -37.58 -33.07
C GLN B 112 -15.59 -38.74 -33.24
N GLU B 113 -15.51 -39.77 -32.39
CA GLU B 113 -16.58 -40.79 -32.37
C GLU B 113 -17.59 -40.53 -31.26
N GLY B 114 -17.40 -39.45 -30.50
CA GLY B 114 -18.35 -39.08 -29.46
C GLY B 114 -18.09 -39.75 -28.12
N ALA B 115 -17.03 -40.54 -28.03
CA ALA B 115 -16.62 -41.16 -26.78
C ALA B 115 -15.99 -40.10 -25.90
N PRO B 116 -16.15 -40.21 -24.59
CA PRO B 116 -15.63 -39.22 -23.65
C PRO B 116 -14.10 -39.17 -23.66
N LEU B 117 -13.54 -37.97 -23.51
CA LEU B 117 -12.09 -37.88 -23.30
C LEU B 117 -11.75 -37.46 -21.89
N ALA B 118 -11.07 -38.36 -21.18
CA ALA B 118 -10.61 -38.11 -19.82
C ALA B 118 -9.30 -37.35 -19.80
N ASP B 119 -9.10 -36.59 -18.74
CA ASP B 119 -7.85 -35.85 -18.53
C ASP B 119 -7.52 -34.85 -19.64
N VAL B 120 -8.55 -34.28 -20.25
CA VAL B 120 -8.37 -33.13 -21.12
C VAL B 120 -8.10 -31.94 -20.22
N LEU B 121 -7.12 -31.12 -20.56
CA LEU B 121 -6.86 -29.93 -19.78
C LEU B 121 -7.46 -28.72 -20.49
N LEU B 122 -8.21 -27.95 -19.74
CA LEU B 122 -8.84 -26.75 -20.26
C LEU B 122 -8.34 -25.58 -19.45
N ASP B 123 -7.86 -24.58 -20.16
CA ASP B 123 -7.42 -23.36 -19.59
C ASP B 123 -8.50 -22.37 -19.93
N MET B 124 -9.13 -21.77 -18.92
CA MET B 124 -10.21 -20.86 -19.18
C MET B 124 -9.89 -19.45 -18.65
N TRP B 125 -10.22 -18.41 -19.40
CA TRP B 125 -10.10 -17.06 -18.85
C TRP B 125 -11.30 -16.21 -19.23
N GLN B 126 -11.64 -15.23 -18.40
CA GLN B 126 -12.79 -14.38 -18.71
C GLN B 126 -12.63 -13.06 -17.97
N ALA B 127 -13.43 -12.11 -18.37
CA ALA B 127 -13.47 -10.79 -17.71
C ALA B 127 -14.37 -10.97 -16.49
N ASP B 128 -14.30 -10.01 -15.55
CA ASP B 128 -15.26 -9.98 -14.42
C ASP B 128 -16.56 -9.27 -14.78
N ALA B 129 -17.45 -9.08 -13.79
CA ALA B 129 -18.76 -8.50 -14.08
C ALA B 129 -18.64 -7.03 -14.43
N ALA B 130 -17.45 -6.47 -14.31
CA ALA B 130 -17.28 -5.11 -14.85
C ALA B 130 -16.56 -5.09 -16.20
N GLY B 131 -16.30 -6.26 -16.80
CA GLY B 131 -15.59 -6.25 -18.09
C GLY B 131 -14.09 -6.10 -17.99
N GLU B 132 -13.50 -6.43 -16.83
CA GLU B 132 -12.05 -6.29 -16.65
C GLU B 132 -11.35 -7.64 -16.51
N TYR B 133 -10.15 -7.72 -17.09
CA TYR B 133 -9.30 -8.92 -16.99
C TYR B 133 -8.21 -8.75 -15.96
N SER B 134 -7.86 -9.83 -15.26
CA SER B 134 -6.64 -9.81 -14.46
C SER B 134 -5.37 -9.65 -15.31
N PHE B 135 -4.33 -9.09 -14.68
CA PHE B 135 -3.04 -8.72 -15.30
C PHE B 135 -3.19 -7.52 -16.20
N ILE B 136 -4.19 -7.56 -17.09
CA ILE B 136 -4.47 -6.46 -18.01
C ILE B 136 -4.91 -5.24 -17.20
N ASN B 137 -5.83 -5.46 -16.28
CA ASN B 137 -6.11 -4.46 -15.24
C ASN B 137 -5.20 -4.81 -14.03
N PRO B 138 -4.17 -4.01 -13.79
CA PRO B 138 -3.12 -4.35 -12.81
C PRO B 138 -3.65 -4.39 -11.38
N THR B 139 -4.83 -3.82 -11.14
CA THR B 139 -5.34 -3.70 -9.78
C THR B 139 -6.05 -4.96 -9.32
N LEU B 140 -6.44 -5.81 -10.27
CA LEU B 140 -7.12 -7.07 -9.95
C LEU B 140 -6.08 -8.03 -9.46
N PRO B 141 -6.48 -8.95 -8.57
CA PRO B 141 -5.59 -10.02 -8.14
C PRO B 141 -5.03 -10.83 -9.31
N ASP B 142 -3.76 -11.20 -9.28
CA ASP B 142 -3.15 -12.07 -10.27
C ASP B 142 -4.02 -13.30 -10.42
N TYR B 143 -4.33 -13.63 -11.68
CA TYR B 143 -5.10 -14.82 -12.03
C TYR B 143 -6.57 -14.81 -11.64
N LEU B 144 -7.12 -13.67 -11.25
CA LEU B 144 -8.57 -13.60 -11.07
C LEU B 144 -9.20 -14.05 -12.42
N PHE B 145 -10.18 -14.95 -12.32
CA PHE B 145 -10.96 -15.42 -13.50
C PHE B 145 -10.11 -16.12 -14.53
N ARG B 146 -9.04 -16.73 -14.05
CA ARG B 146 -8.21 -17.59 -14.88
C ARG B 146 -7.99 -18.86 -14.10
N GLY B 147 -8.21 -19.98 -14.78
CA GLY B 147 -8.12 -21.29 -14.15
C GLY B 147 -7.93 -22.45 -15.10
N LYS B 148 -7.27 -23.50 -14.63
CA LYS B 148 -7.15 -24.75 -15.40
C LYS B 148 -7.98 -25.86 -14.78
N ILE B 149 -8.69 -26.61 -15.61
CA ILE B 149 -9.54 -27.71 -15.12
C ILE B 149 -9.32 -28.95 -15.97
N ARG B 150 -9.69 -30.11 -15.45
CA ARG B 150 -9.44 -31.36 -16.16
C ARG B 150 -10.75 -32.06 -16.32
N THR B 151 -10.96 -32.73 -17.46
CA THR B 151 -12.14 -33.59 -17.55
C THR B 151 -11.97 -34.86 -16.70
N ASP B 152 -13.09 -35.35 -16.21
CA ASP B 152 -13.11 -36.58 -15.44
C ASP B 152 -13.16 -37.80 -16.38
N GLU B 153 -13.41 -38.97 -15.81
CA GLU B 153 -13.37 -40.18 -16.64
C GLU B 153 -14.53 -40.25 -17.61
N ASN B 154 -15.58 -39.46 -17.38
CA ASN B 154 -16.66 -39.34 -18.34
C ASN B 154 -16.52 -38.16 -19.28
N GLY B 155 -15.34 -37.54 -19.31
CA GLY B 155 -15.11 -36.37 -20.16
C GLY B 155 -15.82 -35.13 -19.66
N ARG B 156 -16.25 -35.14 -18.39
CA ARG B 156 -17.06 -34.04 -17.85
C ARG B 156 -16.40 -33.17 -16.80
N PHE B 157 -16.99 -31.99 -16.58
CA PHE B 157 -16.64 -31.16 -15.40
C PHE B 157 -17.81 -30.22 -15.15
N THR B 158 -17.82 -29.67 -13.93
CA THR B 158 -18.73 -28.64 -13.54
C THR B 158 -17.87 -27.49 -13.02
N LEU B 159 -18.13 -26.29 -13.50
CA LEU B 159 -17.31 -25.16 -13.16
C LEU B 159 -18.22 -24.06 -12.66
N ARG B 160 -17.90 -23.51 -11.48
CA ARG B 160 -18.62 -22.35 -10.95
C ARG B 160 -17.88 -21.04 -11.27
N THR B 161 -18.58 -20.07 -11.81
CA THR B 161 -17.99 -18.77 -12.10
C THR B 161 -19.06 -17.71 -12.03
N ILE B 162 -18.84 -16.55 -12.66
CA ILE B 162 -19.86 -15.50 -12.76
C ILE B 162 -20.04 -15.22 -14.22
N VAL B 163 -21.23 -14.78 -14.64
CA VAL B 163 -21.44 -14.37 -16.02
C VAL B 163 -20.60 -13.13 -16.30
N PRO B 164 -19.66 -13.19 -17.24
CA PRO B 164 -18.83 -12.02 -17.56
C PRO B 164 -19.65 -10.91 -18.22
N ALA B 165 -19.20 -9.67 -18.09
CA ALA B 165 -19.82 -8.53 -18.78
C ALA B 165 -19.21 -8.43 -20.21
N PRO B 166 -19.94 -7.84 -21.16
CA PRO B 166 -19.34 -7.42 -22.43
C PRO B 166 -18.24 -6.48 -22.07
N TYR B 167 -17.36 -6.20 -22.98
N TYR B 167 -17.26 -6.38 -22.99
CA TYR B 167 -16.49 -5.14 -22.60
CA TYR B 167 -15.94 -5.69 -22.87
C TYR B 167 -16.10 -4.45 -23.85
C TYR B 167 -15.76 -4.62 -23.96
N GLU B 168 -15.40 -3.38 -23.61
CA GLU B 168 -15.13 -2.35 -24.57
C GLU B 168 -13.64 -2.35 -24.81
N ILE B 169 -13.20 -2.27 -26.07
CA ILE B 169 -11.78 -2.03 -26.37
C ILE B 169 -11.41 -0.71 -25.66
N PRO B 170 -10.27 -0.64 -24.95
CA PRO B 170 -9.89 0.60 -24.25
C PRO B 170 -10.08 1.86 -25.12
N LYS B 171 -10.86 2.83 -24.68
CA LYS B 171 -11.15 3.97 -25.52
C LYS B 171 -9.97 4.92 -25.54
N ASN B 172 -9.04 4.76 -24.60
CA ASN B 172 -8.01 5.80 -24.38
C ASN B 172 -6.67 5.57 -25.09
N GLY B 173 -6.62 4.61 -26.01
CA GLY B 173 -5.40 4.39 -26.77
C GLY B 173 -5.62 4.52 -28.28
N PRO B 174 -4.59 4.24 -29.08
CA PRO B 174 -4.72 4.33 -30.54
C PRO B 174 -5.84 3.47 -31.13
N THR B 175 -6.07 2.25 -30.64
CA THR B 175 -7.10 1.39 -31.29
C THR B 175 -8.47 2.03 -31.00
N GLY B 176 -8.68 2.44 -29.75
CA GLY B 176 -9.88 3.20 -29.41
C GLY B 176 -10.06 4.44 -30.24
N ALA B 177 -8.98 5.20 -30.45
CA ALA B 177 -9.07 6.42 -31.26
C ALA B 177 -9.43 6.13 -32.75
N LEU B 178 -8.95 5.00 -33.28
CA LEU B 178 -9.30 4.61 -34.64
C LEU B 178 -10.78 4.23 -34.70
N LEU B 179 -11.26 3.43 -33.75
CA LEU B 179 -12.66 3.06 -33.75
C LEU B 179 -13.57 4.31 -33.75
N ALA B 180 -13.19 5.29 -32.96
CA ALA B 180 -13.99 6.53 -32.87
C ALA B 180 -13.94 7.27 -34.16
N ALA B 181 -12.74 7.47 -34.69
CA ALA B 181 -12.56 8.21 -35.94
C ALA B 181 -13.39 7.58 -37.08
N ALA B 182 -13.51 6.27 -37.04
CA ALA B 182 -14.13 5.53 -38.12
C ALA B 182 -15.61 5.34 -37.89
N GLY B 183 -16.11 5.83 -36.74
CA GLY B 183 -17.50 5.66 -36.34
C GLY B 183 -17.91 4.22 -36.04
N TRP B 184 -16.99 3.43 -35.52
CA TRP B 184 -17.28 2.03 -35.21
C TRP B 184 -17.35 1.83 -33.70
N HIS B 185 -18.30 1.04 -33.23
CA HIS B 185 -18.40 0.84 -31.80
C HIS B 185 -17.29 -0.15 -31.34
N ALA B 186 -16.98 -0.12 -30.05
CA ALA B 186 -15.79 -0.75 -29.51
C ALA B 186 -16.07 -1.98 -28.64
N TRP B 187 -17.23 -2.62 -28.81
CA TRP B 187 -17.67 -3.64 -27.86
C TRP B 187 -17.54 -5.08 -28.36
N ARG B 188 -17.11 -5.96 -27.46
CA ARG B 188 -17.26 -7.41 -27.62
C ARG B 188 -18.43 -7.88 -26.75
N PRO B 189 -19.21 -8.83 -27.26
CA PRO B 189 -20.21 -9.53 -26.43
C PRO B 189 -19.52 -10.27 -25.28
N ALA B 190 -20.25 -10.52 -24.20
CA ALA B 190 -19.75 -11.30 -23.05
C ALA B 190 -19.25 -12.67 -23.52
N HIS B 191 -18.13 -13.16 -23.00
CA HIS B 191 -17.63 -14.46 -23.49
C HIS B 191 -16.73 -15.14 -22.48
N LEU B 192 -16.56 -16.46 -22.65
CA LEU B 192 -15.64 -17.29 -21.92
C LEU B 192 -14.61 -17.82 -22.92
N HIS B 193 -13.33 -17.62 -22.61
CA HIS B 193 -12.22 -18.08 -23.48
C HIS B 193 -11.75 -19.48 -23.05
N TRP B 194 -11.36 -20.33 -24.01
CA TRP B 194 -10.85 -21.68 -23.72
C TRP B 194 -9.68 -22.08 -24.62
N ILE B 195 -8.67 -22.71 -24.02
CA ILE B 195 -7.66 -23.49 -24.77
C ILE B 195 -7.70 -24.87 -24.19
N ILE B 196 -7.96 -25.85 -25.06
CA ILE B 196 -8.28 -27.19 -24.60
C ILE B 196 -7.30 -28.16 -25.26
N ALA B 197 -6.66 -28.98 -24.44
CA ALA B 197 -5.57 -29.80 -24.91
C ALA B 197 -5.55 -31.17 -24.29
N LYS B 198 -5.13 -32.15 -25.08
CA LYS B 198 -4.84 -33.49 -24.57
C LYS B 198 -3.79 -34.09 -25.49
N GLU B 199 -2.74 -34.66 -24.92
CA GLU B 199 -1.68 -35.37 -25.69
C GLU B 199 -2.29 -36.33 -26.72
N GLY B 200 -1.92 -36.19 -28.00
CA GLY B 200 -2.45 -37.09 -29.02
C GLY B 200 -3.60 -36.47 -29.82
N TYR B 201 -4.08 -35.31 -29.36
CA TYR B 201 -5.16 -34.62 -30.03
C TYR B 201 -4.70 -33.23 -30.42
N GLU B 202 -5.35 -32.68 -31.44
CA GLU B 202 -5.13 -31.31 -31.84
C GLU B 202 -5.87 -30.42 -30.83
N SER B 203 -5.20 -29.38 -30.35
CA SER B 203 -5.83 -28.47 -29.35
C SER B 203 -6.95 -27.66 -29.98
N LEU B 204 -7.85 -27.17 -29.14
CA LEU B 204 -8.93 -26.33 -29.58
C LEU B 204 -8.84 -25.00 -28.81
N THR B 205 -8.78 -23.90 -29.54
CA THR B 205 -8.97 -22.55 -28.97
C THR B 205 -10.33 -22.04 -29.37
N THR B 206 -11.14 -21.62 -28.41
CA THR B 206 -12.47 -21.19 -28.77
C THR B 206 -13.02 -20.21 -27.73
N GLN B 207 -14.21 -19.69 -28.01
CA GLN B 207 -14.89 -18.77 -27.10
C GLN B 207 -16.33 -19.21 -27.03
N LEU B 208 -16.98 -19.01 -25.88
CA LEU B 208 -18.41 -19.26 -25.82
C LEU B 208 -19.12 -17.98 -25.41
N TYR B 209 -20.22 -17.68 -26.09
CA TYR B 209 -21.01 -16.46 -25.90
C TYR B 209 -22.39 -16.82 -25.33
N PHE B 210 -23.16 -15.80 -24.96
CA PHE B 210 -24.47 -15.99 -24.30
C PHE B 210 -25.59 -15.55 -25.21
N GLU B 211 -26.51 -16.46 -25.50
CA GLU B 211 -27.63 -16.27 -26.43
C GLU B 211 -28.33 -14.91 -26.38
N ASN B 212 -28.68 -14.43 -25.21
CA ASN B 212 -29.45 -13.19 -25.27
C ASN B 212 -28.54 -11.96 -25.12
N GLY B 213 -27.24 -12.14 -25.33
CA GLY B 213 -26.29 -11.16 -24.86
C GLY B 213 -26.20 -9.97 -25.80
N GLN B 214 -25.99 -8.78 -25.22
CA GLN B 214 -25.73 -7.59 -26.00
C GLN B 214 -24.45 -7.81 -26.83
N TRP B 215 -24.47 -7.32 -28.06
CA TRP B 215 -23.33 -7.28 -28.98
C TRP B 215 -23.03 -8.61 -29.70
N THR B 216 -23.84 -9.66 -29.48
CA THR B 216 -23.60 -10.94 -30.17
C THR B 216 -23.75 -10.79 -31.68
N GLY B 217 -24.52 -9.81 -32.12
CA GLY B 217 -24.68 -9.56 -33.55
C GLY B 217 -23.79 -8.49 -34.14
N SER B 218 -22.87 -7.95 -33.32
CA SER B 218 -21.99 -6.88 -33.80
C SER B 218 -20.75 -6.82 -32.92
N ASP B 219 -20.04 -7.91 -32.87
CA ASP B 219 -18.78 -8.00 -32.14
C ASP B 219 -17.74 -7.15 -32.90
N VAL B 220 -17.09 -6.23 -32.20
CA VAL B 220 -16.04 -5.42 -32.85
C VAL B 220 -14.95 -6.33 -33.45
N ALA B 221 -14.69 -7.48 -32.80
CA ALA B 221 -13.66 -8.42 -33.26
C ALA B 221 -14.15 -9.47 -34.27
N ASN B 222 -15.44 -9.42 -34.64
CA ASN B 222 -16.02 -10.32 -35.63
C ASN B 222 -15.73 -11.81 -35.33
N ALA B 223 -15.80 -12.21 -34.05
CA ALA B 223 -15.37 -13.54 -33.64
C ALA B 223 -16.48 -14.46 -33.15
N VAL B 224 -17.72 -14.04 -33.33
CA VAL B 224 -18.87 -14.84 -32.94
C VAL B 224 -19.24 -15.79 -34.08
N LYS B 225 -19.51 -17.05 -33.72
CA LYS B 225 -19.98 -18.08 -34.68
C LYS B 225 -21.23 -18.76 -34.06
N PRO B 226 -22.15 -19.26 -34.88
CA PRO B 226 -23.42 -19.74 -34.35
C PRO B 226 -23.25 -20.97 -33.46
N GLU B 227 -22.23 -21.79 -33.67
CA GLU B 227 -21.97 -22.94 -32.80
C GLU B 227 -21.57 -22.55 -31.35
N LEU B 228 -21.28 -21.27 -31.12
CA LEU B 228 -20.61 -20.84 -29.90
C LEU B 228 -21.53 -20.09 -28.96
N LEU B 229 -22.84 -20.13 -29.25
CA LEU B 229 -23.81 -19.40 -28.44
C LEU B 229 -24.44 -20.36 -27.41
N LEU B 230 -24.31 -20.03 -26.13
CA LEU B 230 -24.85 -20.87 -25.05
C LEU B 230 -26.26 -20.46 -24.67
N SER B 231 -27.07 -21.42 -24.23
CA SER B 231 -28.33 -21.06 -23.60
C SER B 231 -28.17 -21.13 -22.09
N LEU B 232 -28.82 -20.20 -21.40
CA LEU B 232 -28.80 -20.12 -19.93
C LEU B 232 -30.15 -20.54 -19.40
N ASP B 233 -30.12 -21.36 -18.37
CA ASP B 233 -31.30 -21.69 -17.59
C ASP B 233 -31.22 -20.99 -16.24
N LYS B 234 -32.26 -20.25 -15.89
CA LYS B 234 -32.28 -19.60 -14.60
C LYS B 234 -32.82 -20.60 -13.57
N ILE B 235 -32.01 -20.88 -12.54
CA ILE B 235 -32.38 -21.78 -11.46
C ILE B 235 -32.64 -20.92 -10.19
N GLU B 236 -33.88 -20.93 -9.74
CA GLU B 236 -34.27 -20.25 -8.50
C GLU B 236 -34.13 -21.23 -7.35
N ALA B 237 -33.17 -20.97 -6.46
CA ALA B 237 -32.99 -21.73 -5.23
C ALA B 237 -33.25 -20.88 -3.97
N GLN B 238 -33.16 -21.52 -2.80
CA GLN B 238 -33.13 -20.99 -1.43
C GLN B 238 -32.77 -19.53 -1.45
N GLY B 240 -31.48 -17.71 -3.61
CA GLY B 240 -31.74 -16.86 -4.76
C GLY B 240 -31.19 -17.49 -6.05
N PRO B 241 -31.36 -16.70 -7.12
CA PRO B 241 -31.26 -17.27 -8.48
C PRO B 241 -29.83 -17.42 -8.97
N HIS B 242 -29.57 -18.46 -9.77
CA HIS B 242 -28.32 -18.52 -10.52
C HIS B 242 -28.59 -19.03 -11.94
N PHE B 243 -27.55 -19.10 -12.75
CA PHE B 243 -27.73 -19.52 -14.13
C PHE B 243 -26.95 -20.80 -14.37
N GLU B 244 -27.48 -21.64 -15.23
CA GLU B 244 -26.80 -22.91 -15.57
C GLU B 244 -26.70 -23.02 -17.08
N THR B 245 -25.58 -23.57 -17.58
CA THR B 245 -25.45 -23.84 -19.01
C THR B 245 -24.60 -25.08 -19.21
N SER B 246 -24.62 -25.60 -20.42
CA SER B 246 -23.82 -26.79 -20.70
C SER B 246 -23.31 -26.68 -22.13
N TYR B 247 -22.17 -27.30 -22.37
CA TYR B 247 -21.61 -27.25 -23.72
C TYR B 247 -20.83 -28.53 -23.96
N LYS B 248 -20.82 -29.03 -25.17
CA LYS B 248 -19.98 -30.19 -25.48
C LYS B 248 -18.90 -29.81 -26.50
N PHE B 249 -17.63 -30.00 -26.13
CA PHE B 249 -16.51 -29.69 -26.98
C PHE B 249 -16.06 -31.00 -27.64
N THR B 250 -15.50 -30.94 -28.86
CA THR B 250 -14.94 -32.15 -29.48
C THR B 250 -13.47 -31.91 -29.83
N LEU B 251 -12.59 -32.88 -29.53
CA LEU B 251 -11.22 -32.83 -30.00
C LEU B 251 -11.02 -33.91 -31.09
N GLY B 252 -10.20 -33.60 -32.09
CA GLY B 252 -9.85 -34.59 -33.09
C GLY B 252 -8.45 -35.10 -32.86
N LYS B 253 -8.23 -36.37 -33.19
CA LYS B 253 -6.93 -37.03 -33.03
C LYS B 253 -5.86 -36.41 -33.92
N VAL B 254 -4.61 -36.49 -33.42
CA VAL B 254 -3.39 -36.25 -34.20
C VAL B 254 -2.76 -34.89 -33.93
N SER C 2 8.73 -36.40 35.73
CA SER C 2 7.80 -35.26 36.00
C SER C 2 6.61 -35.53 36.95
N THR C 3 6.06 -36.77 37.02
CA THR C 3 5.29 -37.10 38.23
C THR C 3 6.32 -37.16 39.30
N ASP C 4 7.50 -37.68 38.94
CA ASP C 4 8.60 -37.75 39.90
C ASP C 4 8.89 -36.33 40.44
N ARG C 5 9.05 -35.39 39.52
CA ARG C 5 9.37 -34.01 39.84
C ARG C 5 8.28 -33.37 40.72
N THR C 6 7.03 -33.40 40.29
CA THR C 6 6.01 -32.72 41.11
C THR C 6 5.77 -33.42 42.45
N GLY C 7 5.79 -34.75 42.46
CA GLY C 7 5.83 -35.48 43.71
C GLY C 7 7.00 -35.13 44.61
N ASN C 8 8.20 -34.97 44.02
CA ASN C 8 9.37 -34.53 44.79
C ASN C 8 9.11 -33.17 45.45
N ILE C 9 8.63 -32.22 44.63
CA ILE C 9 8.48 -30.84 45.07
C ILE C 9 7.34 -30.75 46.08
N VAL C 10 6.18 -31.28 45.71
CA VAL C 10 5.01 -31.12 46.57
C VAL C 10 5.22 -31.89 47.84
N GLY C 11 5.78 -33.11 47.70
CA GLY C 11 6.12 -33.93 48.87
C GLY C 11 7.02 -33.21 49.85
N LYS C 12 8.06 -32.53 49.34
CA LYS C 12 8.98 -31.84 50.25
C LYS C 12 8.25 -30.71 50.98
N MET C 13 7.43 -30.00 50.24
CA MET C 13 6.71 -28.85 50.82
C MET C 13 5.79 -29.28 51.94
N ILE C 14 5.00 -30.31 51.67
CA ILE C 14 4.04 -30.84 52.68
C ILE C 14 4.77 -31.34 53.91
N ALA C 15 5.85 -32.09 53.69
CA ALA C 15 6.64 -32.62 54.81
C ALA C 15 7.20 -31.51 55.65
N ALA C 16 7.60 -30.43 54.98
CA ALA C 16 8.17 -29.29 55.70
C ALA C 16 7.13 -28.61 56.59
N ILE C 17 5.92 -28.50 56.09
CA ILE C 17 4.87 -27.83 56.86
C ILE C 17 4.47 -28.70 58.04
N ASN C 18 4.34 -30.00 57.81
CA ASN C 18 4.06 -30.93 58.90
C ASN C 18 5.16 -30.95 59.95
N ALA C 19 6.41 -30.78 59.51
CA ALA C 19 7.52 -30.69 60.48
C ALA C 19 7.35 -29.47 61.38
N VAL C 20 6.92 -28.35 60.79
CA VAL C 20 6.61 -27.16 61.58
C VAL C 20 5.43 -27.36 62.53
N ILE C 21 4.34 -27.94 62.01
CA ILE C 21 3.20 -28.27 62.88
C ILE C 21 3.66 -29.08 64.10
N LYS C 22 4.48 -30.10 63.88
CA LYS C 22 4.97 -30.93 64.99
C LYS C 22 5.86 -30.11 65.92
N ASP C 23 6.81 -29.37 65.36
CA ASP C 23 7.81 -28.67 66.18
C ASP C 23 7.14 -27.58 67.04
N GLU C 24 6.21 -26.86 66.43
CA GLU C 24 5.54 -25.76 67.10
C GLU C 24 4.28 -26.18 67.85
N LYS C 25 3.94 -27.46 67.76
CA LYS C 25 2.73 -28.02 68.42
C LYS C 25 1.49 -27.24 68.03
N VAL C 26 1.28 -27.01 66.74
CA VAL C 26 0.08 -26.25 66.37
C VAL C 26 -1.20 -27.01 66.73
N SER C 27 -2.22 -26.28 67.16
CA SER C 27 -3.40 -26.88 67.78
C SER C 27 -4.51 -27.08 66.76
N TYR C 28 -5.54 -27.81 67.16
CA TYR C 28 -6.74 -27.96 66.33
C TYR C 28 -7.44 -26.64 66.12
N SER C 29 -7.45 -25.81 67.16
CA SER C 29 -8.01 -24.46 67.05
C SER C 29 -7.28 -23.61 66.00
N GLU C 30 -5.96 -23.67 65.99
CA GLU C 30 -5.15 -23.00 64.98
C GLU C 30 -5.41 -23.57 63.56
N TYR C 31 -5.48 -24.90 63.46
CA TYR C 31 -5.80 -25.57 62.20
C TYR C 31 -7.16 -25.16 61.64
N LYS C 32 -8.17 -25.11 62.50
CA LYS C 32 -9.49 -24.66 62.05
C LYS C 32 -9.48 -23.19 61.66
N ALA C 33 -8.83 -22.33 62.43
CA ALA C 33 -8.74 -20.92 62.02
C ALA C 33 -7.99 -20.83 60.66
N SER C 34 -6.96 -21.67 60.47
CA SER C 34 -6.19 -21.64 59.23
C SER C 34 -7.00 -22.07 58.02
N THR C 35 -7.82 -23.10 58.21
CA THR C 35 -8.72 -23.59 57.20
C THR C 35 -9.69 -22.49 56.76
N GLY C 36 -10.25 -21.76 57.73
CA GLY C 36 -11.19 -20.71 57.37
C GLY C 36 -10.46 -19.58 56.63
N TRP C 37 -9.23 -19.30 57.04
CA TRP C 37 -8.47 -18.23 56.41
C TRP C 37 -8.19 -18.59 54.96
N LEU C 38 -7.73 -19.83 54.72
CA LEU C 38 -7.47 -20.31 53.36
C LEU C 38 -8.72 -20.26 52.47
N ILE C 39 -9.87 -20.61 53.03
CA ILE C 39 -11.10 -20.47 52.24
C ILE C 39 -11.35 -18.96 51.92
N SER C 40 -11.06 -18.08 52.87
CA SER C 40 -11.32 -16.63 52.65
C SER C 40 -10.42 -16.03 51.56
N VAL C 41 -9.15 -16.48 51.47
CA VAL C 41 -8.26 -16.05 50.37
C VAL C 41 -8.95 -16.26 49.01
N GLY C 42 -9.50 -17.45 48.79
CA GLY C 42 -10.14 -17.72 47.54
C GLY C 42 -11.46 -16.98 47.31
N GLU C 43 -12.23 -16.77 48.39
CA GLU C 43 -13.53 -16.09 48.27
C GLU C 43 -13.30 -14.65 47.91
N LYS C 44 -12.23 -14.06 48.46
CA LYS C 44 -11.92 -12.68 48.20
C LYS C 44 -10.98 -12.50 47.00
N ASN C 45 -10.78 -13.56 46.22
CA ASN C 45 -9.92 -13.52 45.03
C ASN C 45 -8.49 -13.01 45.26
N GLU C 46 -7.88 -13.44 46.38
CA GLU C 46 -6.57 -12.94 46.73
C GLU C 46 -5.41 -13.93 46.51
N TRP C 47 -5.64 -15.04 45.82
CA TRP C 47 -4.52 -15.97 45.55
C TRP C 47 -3.31 -15.29 44.87
N PRO C 48 -3.48 -14.66 43.71
CA PRO C 48 -2.34 -13.96 43.08
C PRO C 48 -1.63 -12.96 43.98
N LEU C 49 -2.40 -12.14 44.72
CA LEU C 49 -1.82 -11.22 45.66
C LEU C 49 -1.01 -11.92 46.75
N PHE C 50 -1.62 -12.90 47.43
CA PHE C 50 -0.97 -13.56 48.53
C PHE C 50 0.34 -14.24 48.05
N LEU C 51 0.25 -14.94 46.92
CA LEU C 51 1.35 -15.76 46.45
C LEU C 51 2.49 -14.81 45.99
N ASP C 52 2.12 -13.73 45.27
CA ASP C 52 3.13 -12.76 44.79
C ASP C 52 3.85 -12.05 45.92
N VAL C 53 3.16 -11.77 47.02
CA VAL C 53 3.80 -11.18 48.18
C VAL C 53 4.83 -12.15 48.79
N PHE C 54 4.43 -13.41 48.98
CA PHE C 54 5.29 -14.26 49.81
C PHE C 54 6.21 -15.21 49.07
N PHE C 55 5.83 -15.57 47.87
CA PHE C 55 6.63 -16.57 47.11
C PHE C 55 7.19 -16.09 45.76
N GLU C 56 6.55 -15.10 45.11
CA GLU C 56 7.05 -14.78 43.76
C GLU C 56 8.54 -14.43 43.77
N HIS C 57 9.01 -13.71 44.79
CA HIS C 57 10.45 -13.39 44.85
C HIS C 57 11.41 -14.61 44.77
N ALA C 58 11.00 -15.74 45.38
CA ALA C 58 11.81 -16.96 45.35
C ALA C 58 11.83 -17.57 43.96
N ILE C 59 10.66 -17.57 43.32
CA ILE C 59 10.52 -18.03 41.95
C ILE C 59 11.39 -17.13 41.04
N GLU C 60 11.27 -15.83 41.25
CA GLU C 60 11.95 -14.90 40.36
C GLU C 60 13.46 -15.03 40.52
N SER C 61 13.90 -15.23 41.77
CA SER C 61 15.28 -15.46 42.09
C SER C 61 15.89 -16.67 41.35
N VAL C 62 15.16 -17.78 41.24
CA VAL C 62 15.66 -18.90 40.43
C VAL C 62 15.73 -18.54 38.96
N ALA C 63 14.70 -17.85 38.46
CA ALA C 63 14.68 -17.44 37.05
C ALA C 63 15.87 -16.51 36.76
N ALA C 64 16.19 -15.64 37.72
CA ALA C 64 17.21 -14.59 37.53
C ALA C 64 18.63 -15.16 37.36
N GLU C 65 18.84 -16.38 37.87
CA GLU C 65 20.12 -17.08 37.69
C GLU C 65 20.49 -17.13 36.20
N SER C 66 19.48 -17.15 35.33
CA SER C 66 19.69 -17.25 33.90
C SER C 66 19.70 -15.93 33.11
N ASN C 67 19.73 -14.80 33.82
CA ASN C 67 19.60 -13.48 33.16
C ASN C 67 20.74 -13.24 32.18
N ARG C 68 20.40 -12.73 31.00
CA ARG C 68 21.41 -12.33 30.03
C ARG C 68 21.57 -10.83 30.01
N GLY C 69 20.76 -10.09 30.80
CA GLY C 69 20.89 -8.64 30.75
C GLY C 69 20.97 -8.13 32.19
N SER C 70 20.44 -6.92 32.41
CA SER C 70 20.53 -6.28 33.72
C SER C 70 19.51 -6.87 34.73
N GLN C 71 19.59 -6.38 35.96
CA GLN C 71 18.89 -6.98 37.08
C GLN C 71 17.34 -6.95 36.89
N SER C 72 16.71 -8.05 37.30
CA SER C 72 15.31 -8.31 37.08
C SER C 72 14.61 -8.33 38.44
N SER C 73 13.29 -8.33 38.41
CA SER C 73 12.58 -8.50 39.69
C SER C 73 11.22 -9.08 39.44
N ILE C 74 10.44 -9.25 40.51
CA ILE C 74 9.08 -9.79 40.36
C ILE C 74 8.17 -8.92 39.50
N GLN C 75 7.16 -9.54 38.89
CA GLN C 75 6.14 -8.77 38.19
C GLN C 75 5.08 -8.21 39.16
N GLY C 76 4.78 -8.95 40.23
CA GLY C 76 3.66 -8.61 41.11
C GLY C 76 2.33 -8.82 40.38
N PRO C 77 1.23 -8.57 41.10
CA PRO C 77 -0.12 -8.88 40.61
C PRO C 77 -0.87 -7.83 39.81
N TYR C 78 -0.33 -6.62 39.59
CA TYR C 78 -1.13 -5.50 39.07
C TYR C 78 -0.74 -5.03 37.70
N PHE C 79 -0.07 -5.87 36.91
CA PHE C 79 0.18 -5.55 35.51
C PHE C 79 -1.12 -5.59 34.77
N ILE C 80 -1.34 -4.57 33.95
CA ILE C 80 -2.49 -4.55 33.06
C ILE C 80 -2.01 -4.26 31.64
N PRO C 81 -2.20 -5.23 30.74
CA PRO C 81 -1.73 -5.02 29.37
C PRO C 81 -2.55 -3.99 28.60
N GLY C 82 -1.98 -3.54 27.48
CA GLY C 82 -2.65 -2.67 26.55
C GLY C 82 -2.52 -1.17 26.82
N ALA C 83 -1.61 -0.78 27.69
CA ALA C 83 -1.40 0.65 28.00
C ALA C 83 -1.06 1.44 26.74
N PRO C 84 -1.49 2.69 26.67
CA PRO C 84 -1.28 3.52 25.46
C PRO C 84 0.22 3.80 25.15
N GLU C 85 0.61 3.78 23.86
CA GLU C 85 1.92 4.24 23.43
C GLU C 85 1.91 5.73 23.61
N LEU C 86 2.82 6.23 24.45
CA LEU C 86 2.94 7.66 24.75
C LEU C 86 3.57 8.37 23.57
N SER C 87 3.21 9.63 23.37
CA SER C 87 3.84 10.46 22.33
C SER C 87 4.85 11.44 22.93
N ILE C 88 5.84 11.82 22.12
CA ILE C 88 6.87 12.77 22.53
C ILE C 88 6.18 14.12 22.86
N PRO C 89 6.52 14.84 23.95
CA PRO C 89 7.44 14.40 25.02
C PRO C 89 6.79 13.37 25.95
N TYR C 90 7.42 12.23 26.17
CA TYR C 90 6.74 11.14 26.88
C TYR C 90 6.32 11.52 28.32
N THR C 91 5.03 11.36 28.63
CA THR C 91 4.43 11.71 29.93
C THR C 91 3.48 10.63 30.32
N MET C 92 3.65 10.03 31.48
CA MET C 92 2.70 9.01 31.95
C MET C 92 1.30 9.60 32.01
N PRO C 93 0.25 8.80 31.77
CA PRO C 93 -1.10 9.34 31.80
C PRO C 93 -1.36 9.84 33.22
N MET C 94 -1.76 11.09 33.34
CA MET C 94 -1.97 11.71 34.65
C MET C 94 -3.16 12.64 34.52
N ARG C 95 -3.83 12.89 35.66
CA ARG C 95 -4.93 13.87 35.69
C ARG C 95 -4.38 15.29 35.60
N ASP C 96 -5.21 16.23 35.11
CA ASP C 96 -4.81 17.64 34.98
C ASP C 96 -4.32 18.23 36.30
N ASP C 97 -4.88 17.77 37.40
CA ASP C 97 -4.51 18.30 38.70
C ASP C 97 -3.68 17.30 39.52
N GLU C 98 -3.02 16.37 38.82
CA GLU C 98 -2.34 15.24 39.49
C GLU C 98 -1.45 15.68 40.65
N SER C 99 -1.72 15.16 41.84
CA SER C 99 -0.83 15.49 42.95
C SER C 99 0.44 14.65 42.96
N GLY C 100 1.42 15.14 43.72
CA GLY C 100 2.71 14.51 43.91
C GLY C 100 3.85 15.31 43.32
N ASP C 101 5.08 14.91 43.61
CA ASP C 101 6.26 15.57 43.06
C ASP C 101 6.61 15.05 41.65
N THR C 102 6.90 15.98 40.74
CA THR C 102 7.32 15.63 39.38
C THR C 102 8.64 14.86 39.39
N LEU C 103 8.65 13.79 38.60
CA LEU C 103 9.83 13.00 38.38
C LEU C 103 10.17 12.97 36.88
N ILE C 104 11.40 13.35 36.54
CA ILE C 104 11.90 13.21 35.18
C ILE C 104 12.85 12.03 35.19
N PHE C 105 12.56 11.04 34.34
CA PHE C 105 13.31 9.80 34.32
C PHE C 105 14.03 9.68 32.98
N ARG C 106 15.36 9.61 32.99
CA ARG C 106 16.14 9.51 31.75
C ARG C 106 16.63 8.09 31.67
N GLY C 107 16.12 7.37 30.66
CA GLY C 107 16.46 5.98 30.46
C GLY C 107 17.39 5.70 29.28
N GLU C 108 18.15 4.61 29.38
CA GLU C 108 18.98 4.13 28.25
C GLU C 108 18.85 2.63 28.24
N VAL C 109 18.81 2.03 27.04
CA VAL C 109 18.81 0.58 26.92
C VAL C 109 19.97 0.24 26.01
N VAL C 110 20.82 -0.68 26.47
CA VAL C 110 21.99 -1.11 25.69
C VAL C 110 22.01 -2.63 25.56
N ASP C 111 22.81 -3.16 24.63
CA ASP C 111 22.96 -4.60 24.55
C ASP C 111 24.14 -5.04 25.41
N GLN C 112 24.52 -6.32 25.31
CA GLN C 112 25.57 -6.83 26.18
C GLN C 112 26.98 -6.33 25.88
N GLU C 113 27.17 -5.69 24.72
CA GLU C 113 28.42 -4.99 24.48
C GLU C 113 28.38 -3.52 24.86
N GLY C 114 27.26 -3.06 25.44
CA GLY C 114 27.13 -1.65 25.83
C GLY C 114 26.70 -0.69 24.72
N ALA C 115 26.36 -1.21 23.55
CA ALA C 115 25.89 -0.39 22.44
C ALA C 115 24.39 -0.09 22.59
N PRO C 116 23.94 1.08 22.16
CA PRO C 116 22.51 1.46 22.30
C PRO C 116 21.57 0.55 21.54
N LEU C 117 20.40 0.31 22.11
CA LEU C 117 19.38 -0.47 21.43
C LEU C 117 18.21 0.46 21.08
N ALA C 118 17.98 0.68 19.78
CA ALA C 118 16.85 1.51 19.33
C ALA C 118 15.56 0.72 19.28
N ASP C 119 14.44 1.43 19.37
CA ASP C 119 13.11 0.79 19.25
C ASP C 119 12.86 -0.34 20.26
N VAL C 120 13.47 -0.24 21.42
CA VAL C 120 13.07 -1.10 22.53
C VAL C 120 11.72 -0.60 23.02
N LEU C 121 10.82 -1.54 23.32
CA LEU C 121 9.56 -1.19 23.91
C LEU C 121 9.54 -1.43 25.39
N LEU C 122 9.15 -0.40 26.14
CA LEU C 122 9.13 -0.50 27.57
C LEU C 122 7.67 -0.27 27.97
N ASP C 123 7.11 -1.21 28.71
CA ASP C 123 5.75 -1.12 29.22
C ASP C 123 5.92 -0.80 30.71
N MET C 124 5.56 0.43 31.14
CA MET C 124 5.81 0.84 32.54
C MET C 124 4.52 1.04 33.31
N TRP C 125 4.48 0.60 34.57
CA TRP C 125 3.33 0.90 35.43
C TRP C 125 3.75 1.24 36.84
N GLN C 126 2.95 2.08 37.51
CA GLN C 126 3.31 2.51 38.85
C GLN C 126 2.05 2.99 39.59
N ALA C 127 2.17 3.11 40.90
CA ALA C 127 1.12 3.68 41.74
C ALA C 127 1.16 5.21 41.65
N ASP C 128 0.06 5.85 42.03
CA ASP C 128 0.02 7.33 42.01
C ASP C 128 0.73 7.85 43.29
N ALA C 129 0.61 9.15 43.55
CA ALA C 129 1.31 9.73 44.69
C ALA C 129 0.71 9.30 46.03
N ALA C 130 -0.45 8.64 46.00
CA ALA C 130 -1.03 8.14 47.24
C ALA C 130 -0.79 6.63 47.39
N GLY C 131 -0.16 6.03 46.37
CA GLY C 131 0.17 4.62 46.38
C GLY C 131 -0.93 3.71 45.84
N GLU C 132 -1.73 4.21 44.91
CA GLU C 132 -2.88 3.46 44.39
C GLU C 132 -2.72 3.22 42.90
N TYR C 133 -3.23 2.08 42.43
CA TYR C 133 -3.00 1.71 41.02
C TYR C 133 -4.29 1.83 40.30
N SER C 134 -4.20 2.26 39.04
CA SER C 134 -5.34 2.23 38.15
C SER C 134 -5.80 0.78 37.89
N PHE C 135 -7.11 0.65 37.61
CA PHE C 135 -7.84 -0.64 37.54
C PHE C 135 -8.08 -1.29 38.93
N ILE C 136 -7.04 -1.36 39.75
CA ILE C 136 -7.08 -2.03 41.02
C ILE C 136 -7.93 -1.14 41.95
N ASN C 137 -7.59 0.15 41.96
CA ASN C 137 -8.34 1.14 42.73
C ASN C 137 -9.37 1.76 41.83
N PRO C 138 -10.65 1.52 42.17
CA PRO C 138 -11.78 1.87 41.31
C PRO C 138 -11.89 3.37 40.99
N THR C 139 -11.28 4.26 41.79
CA THR C 139 -11.43 5.71 41.53
C THR C 139 -10.65 6.19 40.30
N LEU C 140 -9.43 5.65 40.10
CA LEU C 140 -8.47 6.18 39.13
C LEU C 140 -8.92 5.89 37.69
N PRO C 141 -8.76 6.86 36.80
CA PRO C 141 -9.07 6.66 35.38
C PRO C 141 -8.35 5.38 34.86
N ASP C 142 -8.96 4.61 33.97
CA ASP C 142 -8.23 3.52 33.30
C ASP C 142 -6.87 3.98 32.75
N TYR C 143 -5.87 3.13 32.94
CA TYR C 143 -4.49 3.35 32.47
C TYR C 143 -3.86 4.60 33.06
N LEU C 144 -4.43 5.19 34.13
CA LEU C 144 -3.65 6.23 34.80
C LEU C 144 -2.27 5.63 35.15
N PHE C 145 -1.17 6.33 34.90
CA PHE C 145 0.16 5.84 35.34
C PHE C 145 0.55 4.48 34.72
N ARG C 146 0.07 4.23 33.51
CA ARG C 146 0.42 3.01 32.75
C ARG C 146 0.68 3.47 31.32
N GLY C 147 1.85 3.15 30.75
CA GLY C 147 2.18 3.66 29.43
C GLY C 147 3.30 2.85 28.79
N LYS C 148 3.41 2.95 27.47
CA LYS C 148 4.46 2.28 26.74
C LYS C 148 5.25 3.33 26.01
N ILE C 149 6.56 3.14 26.05
CA ILE C 149 7.56 4.08 25.59
C ILE C 149 8.55 3.32 24.67
N ARG C 150 9.15 4.01 23.69
CA ARG C 150 10.19 3.44 22.82
C ARG C 150 11.51 4.14 23.05
N THR C 151 12.61 3.40 22.98
CA THR C 151 13.91 4.05 22.92
C THR C 151 14.09 4.68 21.56
N ASP C 152 14.85 5.77 21.57
CA ASP C 152 15.10 6.47 20.33
C ASP C 152 16.32 5.85 19.62
N GLU C 153 16.82 6.50 18.57
CA GLU C 153 17.91 5.87 17.81
C GLU C 153 19.24 5.80 18.61
N ASN C 154 19.34 6.52 19.72
CA ASN C 154 20.49 6.41 20.63
C ASN C 154 20.21 5.55 21.87
N GLY C 155 19.13 4.77 21.80
CA GLY C 155 18.71 3.88 22.88
C GLY C 155 18.18 4.61 24.10
N ARG C 156 17.74 5.86 23.91
CA ARG C 156 17.33 6.68 25.06
C ARG C 156 15.88 7.09 25.06
N PHE C 157 15.38 7.48 26.24
CA PHE C 157 14.11 8.20 26.34
C PHE C 157 14.15 9.09 27.56
N THR C 158 13.31 10.13 27.56
CA THR C 158 13.02 10.90 28.74
C THR C 158 11.52 10.77 29.03
N LEU C 159 11.19 10.49 30.27
CA LEU C 159 9.82 10.26 30.66
C LEU C 159 9.47 11.14 31.84
N ARG C 160 8.38 11.90 31.72
CA ARG C 160 7.83 12.65 32.85
C ARG C 160 6.74 11.89 33.59
N THR C 161 6.86 11.88 34.91
CA THR C 161 5.82 11.25 35.71
C THR C 161 5.80 11.91 37.09
N ILE C 162 5.31 11.17 38.08
CA ILE C 162 5.32 11.64 39.47
C ILE C 162 6.00 10.56 40.31
N VAL C 163 6.70 10.94 41.39
CA VAL C 163 7.26 9.96 42.30
C VAL C 163 6.11 9.14 42.97
N PRO C 164 6.07 7.82 42.80
CA PRO C 164 4.98 7.06 43.42
C PRO C 164 5.19 6.97 44.93
N ALA C 165 4.11 6.76 45.67
CA ALA C 165 4.19 6.46 47.11
C ALA C 165 4.38 4.96 47.36
N PRO C 166 4.91 4.60 48.53
CA PRO C 166 4.88 3.20 48.99
C PRO C 166 3.45 2.64 48.92
N TYR C 167 3.34 1.33 48.73
N TYR C 167 3.26 1.36 48.71
CA TYR C 167 2.07 0.58 48.65
CA TYR C 167 1.88 0.92 48.86
C TYR C 167 1.84 -0.24 49.92
C TYR C 167 1.72 -0.26 49.77
N GLU C 168 0.62 -0.19 50.50
CA GLU C 168 0.26 -1.14 51.55
C GLU C 168 -0.56 -2.30 50.99
N ILE C 169 -0.18 -3.53 51.32
CA ILE C 169 -1.10 -4.64 51.05
C ILE C 169 -2.44 -4.31 51.75
N PRO C 170 -3.57 -4.35 51.06
CA PRO C 170 -4.87 -3.95 51.65
C PRO C 170 -5.22 -4.54 53.02
N LYS C 171 -5.47 -3.67 54.00
CA LYS C 171 -5.59 -4.15 55.37
C LYS C 171 -6.87 -5.00 55.60
N ASN C 172 -7.89 -4.79 54.76
CA ASN C 172 -9.22 -5.41 54.92
C ASN C 172 -9.37 -6.83 54.31
N GLY C 173 -8.41 -7.27 53.52
CA GLY C 173 -8.53 -8.57 52.90
C GLY C 173 -7.76 -9.64 53.67
N PRO C 174 -7.91 -10.91 53.25
CA PRO C 174 -7.22 -12.01 53.93
C PRO C 174 -5.71 -11.81 54.06
N THR C 175 -5.02 -11.29 53.02
CA THR C 175 -3.54 -11.21 53.09
C THR C 175 -3.16 -10.19 54.14
N GLY C 176 -3.89 -9.08 54.12
CA GLY C 176 -3.73 -8.03 55.11
C GLY C 176 -4.00 -8.55 56.51
N ALA C 177 -4.99 -9.43 56.65
CA ALA C 177 -5.36 -10.03 57.95
C ALA C 177 -4.23 -10.89 58.50
N LEU C 178 -3.65 -11.70 57.62
CA LEU C 178 -2.53 -12.54 58.00
C LEU C 178 -1.36 -11.67 58.46
N LEU C 179 -1.02 -10.66 57.68
CA LEU C 179 0.15 -9.82 58.02
C LEU C 179 -0.01 -9.23 59.44
N ALA C 180 -1.22 -8.81 59.74
CA ALA C 180 -1.58 -8.23 61.05
C ALA C 180 -1.56 -9.26 62.15
N ALA C 181 -2.18 -10.43 61.89
CA ALA C 181 -2.15 -11.56 62.82
C ALA C 181 -0.71 -11.97 63.13
N ALA C 182 0.18 -11.85 62.14
CA ALA C 182 1.58 -12.23 62.30
C ALA C 182 2.51 -11.12 62.81
N GLY C 183 1.97 -9.92 62.99
CA GLY C 183 2.74 -8.78 63.45
C GLY C 183 3.79 -8.36 62.43
N TRP C 184 3.46 -8.52 61.17
CA TRP C 184 4.35 -8.20 60.06
C TRP C 184 3.80 -6.95 59.40
N HIS C 185 4.68 -6.01 59.08
CA HIS C 185 4.18 -4.85 58.36
C HIS C 185 3.80 -5.20 56.92
N ALA C 186 2.90 -4.41 56.33
CA ALA C 186 2.28 -4.69 55.02
C ALA C 186 2.72 -3.80 53.83
N TRP C 187 3.94 -3.25 53.90
CA TRP C 187 4.35 -2.20 52.97
C TRP C 187 5.41 -2.62 51.97
N ARG C 188 5.18 -2.19 50.73
CA ARG C 188 6.23 -2.15 49.71
C ARG C 188 6.84 -0.74 49.64
N PRO C 189 8.15 -0.63 49.43
CA PRO C 189 8.72 0.68 49.08
C PRO C 189 8.18 1.18 47.77
N ALA C 190 8.27 2.50 47.53
CA ALA C 190 7.84 3.07 46.26
C ALA C 190 8.65 2.49 45.09
N HIS C 191 7.98 2.27 43.95
CA HIS C 191 8.62 1.62 42.81
C HIS C 191 7.95 1.88 41.44
N LEU C 192 8.73 1.73 40.37
CA LEU C 192 8.28 1.77 38.99
C LEU C 192 8.45 0.35 38.42
N HIS C 193 7.41 -0.19 37.79
CA HIS C 193 7.51 -1.56 37.19
C HIS C 193 7.90 -1.41 35.73
N TRP C 194 8.65 -2.36 35.16
CA TRP C 194 8.95 -2.28 33.72
C TRP C 194 8.94 -3.69 33.09
N ILE C 195 8.34 -3.80 31.93
CA ILE C 195 8.55 -4.97 31.06
C ILE C 195 9.16 -4.44 29.78
N ILE C 196 10.34 -4.93 29.42
CA ILE C 196 11.16 -4.29 28.39
C ILE C 196 11.46 -5.37 27.36
N ALA C 197 11.19 -5.06 26.10
CA ALA C 197 11.27 -6.06 25.01
C ALA C 197 11.80 -5.50 23.71
N LYS C 198 12.55 -6.35 22.98
CA LYS C 198 12.93 -6.06 21.60
C LYS C 198 13.13 -7.40 20.85
N GLU C 199 12.59 -7.51 19.64
CA GLU C 199 12.80 -8.72 18.83
C GLU C 199 14.29 -9.09 18.75
N GLY C 200 14.61 -10.36 18.99
CA GLY C 200 15.99 -10.81 18.98
C GLY C 200 16.63 -10.75 20.35
N TYR C 201 15.91 -10.20 21.35
CA TYR C 201 16.43 -10.08 22.72
C TYR C 201 15.52 -10.76 23.74
N GLU C 202 16.10 -11.22 24.84
CA GLU C 202 15.31 -11.78 25.90
C GLU C 202 14.68 -10.59 26.64
N SER C 203 13.42 -10.72 26.99
CA SER C 203 12.71 -9.61 27.65
C SER C 203 13.18 -9.47 29.09
N LEU C 204 12.92 -8.30 29.68
CA LEU C 204 13.35 -8.04 31.05
C LEU C 204 12.14 -7.50 31.80
N THR C 205 11.79 -8.14 32.89
CA THR C 205 10.79 -7.64 33.84
C THR C 205 11.55 -7.19 35.05
N THR C 206 11.38 -5.92 35.45
CA THR C 206 12.10 -5.46 36.62
C THR C 206 11.31 -4.35 37.36
N GLN C 207 11.87 -3.84 38.45
CA GLN C 207 11.29 -2.76 39.23
C GLN C 207 12.45 -1.83 39.61
N LEU C 208 12.19 -0.52 39.72
CA LEU C 208 13.21 0.39 40.27
C LEU C 208 12.66 1.11 41.48
N TYR C 209 13.49 1.24 42.52
CA TYR C 209 13.12 1.75 43.83
C TYR C 209 13.91 3.05 44.02
N PHE C 210 13.65 3.78 45.11
CA PHE C 210 14.27 5.10 45.32
C PHE C 210 15.10 5.06 46.60
N GLU C 211 16.40 5.37 46.50
CA GLU C 211 17.38 4.87 47.50
C GLU C 211 17.18 5.22 49.00
N ASN C 212 16.55 6.35 49.29
CA ASN C 212 16.26 6.64 50.72
C ASN C 212 14.78 6.53 51.04
N GLY C 213 14.06 5.80 50.17
CA GLY C 213 12.62 5.69 50.33
C GLY C 213 12.33 4.81 51.54
N GLN C 214 11.21 5.10 52.21
CA GLN C 214 10.66 4.26 53.25
C GLN C 214 10.55 2.82 52.74
N TRP C 215 10.88 1.86 53.60
CA TRP C 215 10.61 0.42 53.36
C TRP C 215 11.57 -0.29 52.41
N THR C 216 12.56 0.40 51.84
CA THR C 216 13.44 -0.30 50.91
C THR C 216 14.23 -1.40 51.57
N GLY C 217 14.41 -1.31 52.88
CA GLY C 217 15.09 -2.34 53.63
C GLY C 217 14.17 -3.36 54.30
N SER C 218 12.86 -3.26 54.07
CA SER C 218 11.89 -4.21 54.62
C SER C 218 10.66 -4.28 53.76
N ASP C 219 10.87 -4.58 52.47
CA ASP C 219 9.80 -4.78 51.54
C ASP C 219 9.02 -6.04 51.96
N VAL C 220 7.71 -5.91 52.18
CA VAL C 220 6.85 -7.08 52.47
C VAL C 220 7.01 -8.20 51.41
N ALA C 221 7.23 -7.80 50.15
CA ALA C 221 7.42 -8.77 49.07
C ALA C 221 8.86 -9.27 48.82
N ASN C 222 9.81 -8.79 49.60
CA ASN C 222 11.23 -9.16 49.45
C ASN C 222 11.77 -9.07 48.02
N ALA C 223 11.39 -8.03 47.27
CA ALA C 223 11.73 -7.97 45.86
C ALA C 223 12.75 -6.88 45.53
N VAL C 224 13.35 -6.29 46.57
CA VAL C 224 14.33 -5.23 46.34
C VAL C 224 15.67 -5.91 46.10
N LYS C 225 16.45 -5.40 45.14
CA LYS C 225 17.83 -5.86 44.88
C LYS C 225 18.70 -4.58 44.71
N PRO C 226 19.99 -4.66 45.04
CA PRO C 226 20.83 -3.45 45.12
C PRO C 226 20.98 -2.70 43.79
N GLU C 227 20.94 -3.43 42.68
CA GLU C 227 21.11 -2.79 41.37
C GLU C 227 19.92 -1.94 40.99
N LEU C 228 18.85 -2.02 41.78
CA LEU C 228 17.58 -1.47 41.34
C LEU C 228 17.24 -0.20 42.08
N LEU C 229 18.19 0.33 42.85
CA LEU C 229 17.92 1.52 43.66
C LEU C 229 18.37 2.77 42.90
N LEU C 230 17.46 3.72 42.76
CA LEU C 230 17.71 4.90 41.95
C LEU C 230 18.11 6.05 42.87
N SER C 231 18.92 6.96 42.39
CA SER C 231 19.19 8.16 43.14
C SER C 231 18.45 9.33 42.49
N LEU C 232 17.96 10.22 43.35
CA LEU C 232 17.14 11.33 42.94
C LEU C 232 17.87 12.66 43.17
N ASP C 233 17.92 13.47 42.12
CA ASP C 233 18.45 14.83 42.22
C ASP C 233 17.25 15.76 42.34
N LYS C 234 17.31 16.65 43.33
CA LYS C 234 16.26 17.65 43.53
C LYS C 234 16.62 18.88 42.73
N ILE C 235 15.76 19.25 41.79
CA ILE C 235 15.98 20.40 40.92
C ILE C 235 15.05 21.54 41.33
N GLU C 236 15.63 22.72 41.59
CA GLU C 236 14.83 23.93 41.82
C GLU C 236 14.48 24.60 40.48
N ALA C 237 13.28 25.16 40.39
CA ALA C 237 12.84 25.80 39.15
C ALA C 237 11.77 26.85 39.47
N GLY C 240 8.62 25.81 41.54
CA GLY C 240 8.81 24.79 42.56
C GLY C 240 9.89 23.75 42.25
N PRO C 241 10.02 22.73 43.12
CA PRO C 241 11.05 21.70 42.94
C PRO C 241 10.54 20.45 42.21
N HIS C 242 11.42 19.79 41.47
CA HIS C 242 11.10 18.48 40.93
C HIS C 242 12.31 17.59 41.06
N PHE C 243 12.13 16.31 40.72
CA PHE C 243 13.21 15.34 40.85
C PHE C 243 13.60 14.75 39.54
N GLU C 244 14.85 14.36 39.44
CA GLU C 244 15.42 13.79 38.23
C GLU C 244 16.15 12.52 38.57
N THR C 245 16.09 11.52 37.68
CA THR C 245 16.85 10.30 37.87
C THR C 245 17.21 9.68 36.53
N SER C 246 18.12 8.71 36.55
CA SER C 246 18.69 8.14 35.35
C SER C 246 18.81 6.64 35.60
N TYR C 247 18.68 5.84 34.55
CA TYR C 247 18.93 4.42 34.69
C TYR C 247 19.35 3.80 33.36
N LYS C 248 20.22 2.80 33.39
CA LYS C 248 20.59 2.12 32.15
C LYS C 248 20.24 0.65 32.27
N PHE C 249 19.36 0.15 31.37
CA PHE C 249 18.92 -1.24 31.34
C PHE C 249 19.77 -1.94 30.29
N THR C 250 19.99 -3.25 30.47
CA THR C 250 20.70 -4.04 29.46
C THR C 250 19.81 -5.23 29.07
N LEU C 251 19.75 -5.51 27.76
CA LEU C 251 19.08 -6.70 27.24
C LEU C 251 20.15 -7.60 26.60
N GLY C 252 20.00 -8.90 26.75
CA GLY C 252 20.88 -9.85 26.09
C GLY C 252 20.20 -10.52 24.93
N LYS C 253 21.01 -10.83 23.93
CA LYS C 253 20.53 -11.60 22.79
C LYS C 253 19.93 -12.94 23.17
N VAL C 254 18.88 -13.27 22.43
CA VAL C 254 18.23 -14.57 22.46
C VAL C 254 19.23 -15.68 22.01
N SER D 2 11.40 8.45 -14.69
CA SER D 2 11.67 9.54 -15.68
C SER D 2 10.38 10.42 -15.77
N THR D 3 9.75 10.44 -16.96
CA THR D 3 8.36 10.86 -17.12
C THR D 3 7.46 9.87 -16.34
N ASP D 4 7.90 8.61 -16.27
CA ASP D 4 7.17 7.59 -15.54
C ASP D 4 7.05 7.89 -14.04
N ARG D 5 8.18 8.27 -13.43
CA ARG D 5 8.24 8.56 -12.00
C ARG D 5 7.40 9.85 -11.67
N THR D 6 7.60 10.89 -12.45
CA THR D 6 6.84 12.15 -12.23
C THR D 6 5.36 11.90 -12.39
N GLY D 7 5.00 11.24 -13.49
CA GLY D 7 3.61 10.81 -13.67
C GLY D 7 3.07 9.96 -12.52
N ASN D 8 3.89 9.06 -11.97
CA ASN D 8 3.41 8.20 -10.89
C ASN D 8 3.07 9.03 -9.66
N ILE D 9 4.01 9.88 -9.29
CA ILE D 9 3.89 10.64 -8.05
C ILE D 9 2.76 11.67 -8.18
N VAL D 10 2.81 12.48 -9.23
CA VAL D 10 1.79 13.55 -9.38
C VAL D 10 0.41 12.94 -9.59
N GLY D 11 0.37 11.93 -10.46
CA GLY D 11 -0.81 11.09 -10.67
C GLY D 11 -1.44 10.61 -9.39
N LYS D 12 -0.64 9.98 -8.50
CA LYS D 12 -1.16 9.55 -7.19
C LYS D 12 -1.66 10.71 -6.33
N MET D 13 -0.93 11.82 -6.35
CA MET D 13 -1.31 12.96 -5.49
C MET D 13 -2.64 13.52 -5.95
N ILE D 14 -2.76 13.74 -7.27
CA ILE D 14 -4.02 14.21 -7.85
C ILE D 14 -5.16 13.24 -7.57
N ALA D 15 -4.91 11.94 -7.79
CA ALA D 15 -5.96 10.95 -7.50
C ALA D 15 -6.47 11.04 -6.06
N ALA D 16 -5.57 11.27 -5.13
CA ALA D 16 -5.91 11.18 -3.72
C ALA D 16 -6.66 12.41 -3.29
N ILE D 17 -6.30 13.54 -3.87
CA ILE D 17 -7.04 14.76 -3.61
C ILE D 17 -8.45 14.61 -4.20
N ASN D 18 -8.56 14.09 -5.42
CA ASN D 18 -9.93 13.91 -5.97
C ASN D 18 -10.81 12.93 -5.16
N ALA D 19 -10.17 11.90 -4.58
CA ALA D 19 -10.85 10.98 -3.67
C ALA D 19 -11.45 11.65 -2.44
N VAL D 20 -10.70 12.58 -1.83
CA VAL D 20 -11.22 13.41 -0.72
C VAL D 20 -12.38 14.32 -1.18
N ILE D 21 -12.24 14.94 -2.35
CA ILE D 21 -13.30 15.79 -2.86
C ILE D 21 -14.60 14.99 -2.93
N LYS D 22 -14.52 13.80 -3.51
CA LYS D 22 -15.69 12.91 -3.63
C LYS D 22 -16.16 12.41 -2.28
N ASP D 23 -15.22 11.91 -1.46
CA ASP D 23 -15.60 11.47 -0.12
C ASP D 23 -16.27 12.58 0.68
N GLU D 24 -15.64 13.76 0.79
CA GLU D 24 -16.20 14.85 1.58
C GLU D 24 -17.26 15.71 0.88
N LYS D 25 -17.54 15.42 -0.39
CA LYS D 25 -18.51 16.23 -1.16
C LYS D 25 -18.19 17.73 -1.12
N VAL D 26 -16.95 18.06 -1.47
CA VAL D 26 -16.49 19.44 -1.53
C VAL D 26 -17.31 20.17 -2.60
N SER D 27 -17.83 21.35 -2.24
CA SER D 27 -18.76 22.08 -3.08
C SER D 27 -18.02 23.05 -4.00
N TYR D 28 -18.75 23.65 -4.95
CA TYR D 28 -18.14 24.61 -5.88
C TYR D 28 -17.73 25.87 -5.12
N SER D 29 -18.49 26.19 -4.08
CA SER D 29 -18.15 27.36 -3.28
C SER D 29 -16.82 27.17 -2.52
N GLU D 30 -16.60 25.97 -2.02
CA GLU D 30 -15.33 25.61 -1.37
C GLU D 30 -14.18 25.59 -2.41
N TYR D 31 -14.46 25.03 -3.59
CA TYR D 31 -13.53 25.03 -4.69
C TYR D 31 -13.06 26.44 -5.09
N LYS D 32 -14.01 27.38 -5.21
CA LYS D 32 -13.69 28.78 -5.52
C LYS D 32 -12.89 29.46 -4.41
N ALA D 33 -13.29 29.24 -3.17
CA ALA D 33 -12.56 29.83 -2.04
C ALA D 33 -11.10 29.31 -2.03
N SER D 34 -10.95 28.02 -2.31
CA SER D 34 -9.62 27.39 -2.32
C SER D 34 -8.74 27.93 -3.46
N THR D 35 -9.36 28.15 -4.64
CA THR D 35 -8.68 28.74 -5.79
C THR D 35 -8.13 30.13 -5.43
N GLY D 36 -8.99 30.99 -4.87
CA GLY D 36 -8.56 32.29 -4.39
C GLY D 36 -7.47 32.21 -3.31
N TRP D 37 -7.60 31.25 -2.41
CA TRP D 37 -6.56 31.10 -1.38
C TRP D 37 -5.21 30.71 -2.01
N LEU D 38 -5.22 29.73 -2.91
CA LEU D 38 -3.96 29.33 -3.56
C LEU D 38 -3.32 30.51 -4.30
N ILE D 39 -4.14 31.30 -4.99
CA ILE D 39 -3.63 32.51 -5.65
C ILE D 39 -3.00 33.43 -4.60
N SER D 40 -3.63 33.57 -3.43
CA SER D 40 -3.11 34.50 -2.41
C SER D 40 -1.74 34.02 -1.89
N VAL D 41 -1.55 32.71 -1.83
CA VAL D 41 -0.28 32.19 -1.31
C VAL D 41 0.87 32.76 -2.17
N GLY D 42 0.68 32.77 -3.48
CA GLY D 42 1.74 33.22 -4.36
C GLY D 42 1.93 34.71 -4.33
N GLU D 43 0.79 35.42 -4.30
CA GLU D 43 0.78 36.88 -4.21
C GLU D 43 1.47 37.35 -2.93
N LYS D 44 1.37 36.58 -1.85
CA LYS D 44 2.01 37.00 -0.59
C LYS D 44 3.38 36.34 -0.35
N ASN D 45 3.92 35.72 -1.41
CA ASN D 45 5.23 35.03 -1.35
C ASN D 45 5.36 34.01 -0.21
N GLU D 46 4.29 33.25 0.04
CA GLU D 46 4.24 32.27 1.10
C GLU D 46 4.37 30.81 0.64
N TRP D 47 4.78 30.57 -0.60
CA TRP D 47 5.01 29.16 -1.00
C TRP D 47 6.01 28.41 -0.11
N PRO D 48 7.20 28.91 0.12
CA PRO D 48 8.13 28.21 1.03
C PRO D 48 7.59 28.02 2.43
N LEU D 49 6.91 29.03 2.99
CA LEU D 49 6.38 28.93 4.33
C LEU D 49 5.29 27.86 4.41
N PHE D 50 4.31 27.92 3.49
CA PHE D 50 3.23 26.96 3.50
C PHE D 50 3.76 25.51 3.32
N LEU D 51 4.60 25.33 2.31
CA LEU D 51 5.09 23.98 1.99
C LEU D 51 5.97 23.43 3.14
N ASP D 52 6.86 24.28 3.63
CA ASP D 52 7.73 23.88 4.76
C ASP D 52 6.96 23.59 6.05
N VAL D 53 5.83 24.24 6.29
CA VAL D 53 5.04 23.91 7.46
C VAL D 53 4.43 22.51 7.30
N PHE D 54 3.82 22.26 6.14
CA PHE D 54 2.98 21.05 6.02
C PHE D 54 3.62 19.83 5.38
N PHE D 55 4.64 20.04 4.55
CA PHE D 55 5.24 18.95 3.76
C PHE D 55 6.72 18.71 4.00
N GLU D 56 7.49 19.73 4.37
CA GLU D 56 8.92 19.47 4.50
C GLU D 56 9.22 18.32 5.48
N HIS D 57 8.51 18.22 6.61
CA HIS D 57 8.80 17.09 7.52
C HIS D 57 8.78 15.72 6.85
N ALA D 58 7.86 15.52 5.89
CA ALA D 58 7.72 14.24 5.22
C ALA D 58 8.86 13.98 4.28
N ILE D 59 9.23 15.02 3.52
CA ILE D 59 10.39 14.98 2.64
C ILE D 59 11.67 14.67 3.49
N GLU D 60 11.79 15.39 4.59
CA GLU D 60 12.97 15.24 5.45
C GLU D 60 12.99 13.84 6.07
N SER D 61 11.84 13.30 6.39
CA SER D 61 11.81 11.97 6.98
C SER D 61 12.34 10.90 5.98
N VAL D 62 11.97 11.00 4.72
CA VAL D 62 12.58 10.06 3.78
C VAL D 62 14.08 10.25 3.64
N ALA D 63 14.54 11.50 3.51
CA ALA D 63 15.98 11.78 3.48
C ALA D 63 16.75 11.27 4.71
N ALA D 64 16.14 11.43 5.89
CA ALA D 64 16.79 11.02 7.15
C ALA D 64 17.05 9.50 7.22
N GLU D 65 16.26 8.71 6.49
CA GLU D 65 16.53 7.26 6.43
C GLU D 65 17.94 6.94 5.99
N SER D 66 18.57 7.80 5.20
CA SER D 66 19.95 7.57 4.77
C SER D 66 21.02 8.35 5.58
N ASN D 67 20.64 8.86 6.77
CA ASN D 67 21.62 9.58 7.60
C ASN D 67 22.85 8.73 7.94
N ARG D 68 24.02 9.37 7.91
CA ARG D 68 25.24 8.73 8.41
C ARG D 68 25.71 9.31 9.71
N GLY D 69 24.99 10.32 10.23
CA GLY D 69 25.34 10.97 11.47
C GLY D 69 24.17 11.05 12.42
N SER D 70 24.14 12.08 13.27
CA SER D 70 23.12 12.15 14.33
C SER D 70 21.83 12.72 13.73
N GLN D 71 20.80 12.86 14.57
CA GLN D 71 19.46 13.11 14.09
C GLN D 71 19.33 14.49 13.40
N SER D 72 18.54 14.52 12.33
CA SER D 72 18.42 15.64 11.42
C SER D 72 16.97 16.15 11.54
N SER D 73 16.69 17.28 10.94
CA SER D 73 15.32 17.80 10.92
C SER D 73 15.16 18.77 9.78
N ILE D 74 13.96 19.37 9.65
CA ILE D 74 13.74 20.30 8.53
C ILE D 74 14.60 21.56 8.65
N GLN D 75 14.82 22.22 7.52
CA GLN D 75 15.49 23.50 7.53
C GLN D 75 14.48 24.66 7.86
N GLY D 76 13.25 24.52 7.37
CA GLY D 76 12.26 25.60 7.43
C GLY D 76 12.63 26.69 6.44
N PRO D 77 11.83 27.77 6.38
CA PRO D 77 11.95 28.78 5.32
C PRO D 77 12.79 29.99 5.68
N TYR D 78 13.40 30.04 6.88
CA TYR D 78 14.01 31.25 7.40
C TYR D 78 15.53 31.26 7.55
N PHE D 79 16.23 30.29 6.95
CA PHE D 79 17.68 30.34 6.90
C PHE D 79 18.10 31.55 6.04
N ILE D 80 19.15 32.24 6.45
CA ILE D 80 19.71 33.33 5.64
C ILE D 80 21.21 33.12 5.57
N PRO D 81 21.76 32.99 4.36
CA PRO D 81 23.19 32.79 4.22
C PRO D 81 23.99 34.03 4.61
N GLY D 82 25.28 33.82 4.91
CA GLY D 82 26.25 34.87 5.13
C GLY D 82 26.37 35.41 6.57
N ALA D 83 25.73 34.74 7.53
CA ALA D 83 25.87 35.14 8.96
C ALA D 83 27.32 35.29 9.32
N PRO D 84 27.63 36.24 10.23
CA PRO D 84 29.01 36.56 10.57
C PRO D 84 29.72 35.40 11.28
N GLU D 85 31.00 35.21 10.98
CA GLU D 85 31.85 34.32 11.77
C GLU D 85 32.03 34.95 13.14
N LEU D 86 31.57 34.26 14.19
CA LEU D 86 31.71 34.80 15.55
C LEU D 86 33.15 34.67 16.01
N SER D 87 33.56 35.55 16.93
CA SER D 87 34.89 35.44 17.51
C SER D 87 34.79 34.97 18.98
N ILE D 88 35.86 34.32 19.45
CA ILE D 88 35.97 33.75 20.80
C ILE D 88 35.95 34.92 21.78
N PRO D 89 35.16 34.87 22.85
CA PRO D 89 34.16 33.81 23.15
C PRO D 89 32.87 33.97 22.35
N TYR D 90 32.48 32.87 21.70
CA TYR D 90 31.37 32.93 20.77
C TYR D 90 30.07 33.40 21.43
N THR D 91 29.50 34.43 20.84
CA THR D 91 28.29 35.06 21.37
C THR D 91 27.39 35.37 20.18
N MET D 92 26.15 34.86 20.17
CA MET D 92 25.21 35.15 19.09
C MET D 92 24.99 36.66 19.03
N PRO D 93 24.79 37.22 17.81
CA PRO D 93 24.61 38.67 17.68
C PRO D 93 23.33 39.06 18.39
N MET D 94 23.44 40.03 19.30
CA MET D 94 22.35 40.41 20.19
C MET D 94 22.43 41.91 20.46
N ARG D 95 21.29 42.52 20.71
CA ARG D 95 21.26 43.95 21.07
C ARG D 95 21.78 44.18 22.51
N ASP D 96 22.16 45.41 22.83
CA ASP D 96 22.67 45.74 24.18
C ASP D 96 21.67 45.39 25.27
N ASP D 97 20.40 45.65 24.98
CA ASP D 97 19.36 45.43 25.96
C ASP D 97 18.56 44.14 25.69
N GLU D 98 19.17 43.16 24.98
CA GLU D 98 18.42 41.98 24.52
C GLU D 98 17.67 41.30 25.67
N SER D 99 16.37 41.15 25.52
CA SER D 99 15.57 40.50 26.56
C SER D 99 15.62 38.97 26.46
N GLY D 100 15.49 38.32 27.61
CA GLY D 100 15.47 36.87 27.69
C GLY D 100 16.49 36.31 28.66
N ASP D 101 16.34 35.04 28.97
CA ASP D 101 17.28 34.31 29.82
C ASP D 101 18.47 33.86 29.00
N THR D 102 19.65 34.12 29.56
CA THR D 102 20.91 33.71 28.98
C THR D 102 20.99 32.19 28.88
N LEU D 103 21.52 31.71 27.74
CA LEU D 103 21.76 30.29 27.54
C LEU D 103 23.19 30.10 27.14
N ILE D 104 23.85 29.19 27.84
CA ILE D 104 25.18 28.81 27.46
C ILE D 104 25.10 27.41 26.87
N PHE D 105 25.53 27.31 25.61
CA PHE D 105 25.39 26.05 24.88
C PHE D 105 26.76 25.44 24.66
N ARG D 106 26.92 24.22 25.14
CA ARG D 106 28.19 23.52 25.04
C ARG D 106 28.01 22.45 24.01
N GLY D 107 28.65 22.64 22.86
CA GLY D 107 28.55 21.66 21.79
C GLY D 107 29.80 20.85 21.58
N GLU D 108 29.61 19.67 20.99
CA GLU D 108 30.73 18.80 20.60
C GLU D 108 30.32 18.19 19.27
N VAL D 109 31.28 17.98 18.35
CA VAL D 109 30.98 17.30 17.10
C VAL D 109 32.00 16.19 16.96
N VAL D 110 31.50 14.98 16.72
CA VAL D 110 32.37 13.81 16.55
C VAL D 110 32.08 13.11 15.26
N ASP D 111 32.96 12.15 14.91
CA ASP D 111 32.73 11.34 13.75
C ASP D 111 32.00 10.03 14.13
N GLN D 112 31.86 9.11 13.19
CA GLN D 112 31.06 7.93 13.54
C GLN D 112 31.81 6.89 14.38
N GLU D 113 33.09 7.11 14.64
CA GLU D 113 33.84 6.34 15.65
C GLU D 113 33.85 7.07 16.98
N GLY D 114 33.26 8.26 17.01
CA GLY D 114 33.17 9.02 18.26
C GLY D 114 34.37 9.93 18.51
N ALA D 115 35.30 9.96 17.57
CA ALA D 115 36.46 10.84 17.70
C ALA D 115 36.06 12.29 17.36
N PRO D 116 36.63 13.27 18.08
CA PRO D 116 36.41 14.70 17.79
C PRO D 116 36.71 15.13 16.35
N LEU D 117 35.85 16.01 15.82
CA LEU D 117 36.11 16.68 14.52
C LEU D 117 36.37 18.15 14.78
N ALA D 118 37.60 18.55 14.44
CA ALA D 118 38.06 19.91 14.47
C ALA D 118 37.64 20.63 13.21
N ASP D 119 37.48 21.95 13.35
CA ASP D 119 37.19 22.85 12.24
C ASP D 119 35.89 22.51 11.54
N VAL D 120 34.94 21.92 12.26
CA VAL D 120 33.60 21.76 11.74
C VAL D 120 32.99 23.17 11.70
N LEU D 121 32.31 23.52 10.61
CA LEU D 121 31.64 24.82 10.55
C LEU D 121 30.16 24.68 10.87
N LEU D 122 29.66 25.50 11.79
CA LEU D 122 28.24 25.42 12.18
C LEU D 122 27.59 26.77 11.97
N ASP D 123 26.51 26.77 11.21
CA ASP D 123 25.68 27.94 10.97
C ASP D 123 24.48 27.75 11.90
N MET D 124 24.23 28.70 12.80
CA MET D 124 23.13 28.59 13.77
C MET D 124 22.20 29.77 13.60
N TRP D 125 20.89 29.52 13.56
CA TRP D 125 19.97 30.64 13.62
C TRP D 125 18.82 30.33 14.56
N GLN D 126 18.21 31.37 15.12
CA GLN D 126 17.10 31.18 16.06
C GLN D 126 16.29 32.48 16.14
N ALA D 127 15.07 32.37 16.68
CA ALA D 127 14.20 33.50 17.00
C ALA D 127 14.69 34.21 18.26
N ASP D 128 14.31 35.48 18.45
CA ASP D 128 14.61 36.17 19.71
C ASP D 128 13.59 35.80 20.80
N ALA D 129 13.69 36.46 21.97
CA ALA D 129 12.80 36.14 23.12
C ALA D 129 11.30 36.40 22.86
N ALA D 130 11.02 37.14 21.80
CA ALA D 130 9.68 37.41 21.32
C ALA D 130 9.26 36.55 20.12
N GLY D 131 10.07 35.55 19.77
CA GLY D 131 9.78 34.71 18.63
C GLY D 131 9.96 35.36 17.27
N GLU D 132 10.90 36.29 17.15
CA GLU D 132 11.05 37.02 15.90
C GLU D 132 12.41 36.71 15.28
N TYR D 133 12.44 36.47 13.96
CA TYR D 133 13.71 36.27 13.27
C TYR D 133 14.23 37.52 12.56
N SER D 134 15.54 37.70 12.58
CA SER D 134 16.11 38.79 11.76
C SER D 134 15.87 38.52 10.28
N PHE D 135 15.89 39.60 9.47
CA PHE D 135 15.46 39.59 8.06
C PHE D 135 13.95 39.38 7.85
N ILE D 136 13.42 38.27 8.35
CA ILE D 136 12.00 37.96 8.25
C ILE D 136 11.22 39.13 8.89
N ASN D 137 11.66 39.51 10.07
CA ASN D 137 11.13 40.73 10.70
C ASN D 137 12.10 41.84 10.37
N PRO D 138 11.70 42.72 9.45
CA PRO D 138 12.60 43.71 8.89
C PRO D 138 13.05 44.75 9.92
N THR D 139 12.45 44.78 11.10
CA THR D 139 12.83 45.81 12.06
C THR D 139 13.98 45.41 12.98
N LEU D 140 14.32 44.12 13.00
CA LEU D 140 15.48 43.65 13.78
C LEU D 140 16.77 43.98 13.03
N PRO D 141 17.87 44.17 13.73
CA PRO D 141 19.16 44.35 13.04
C PRO D 141 19.49 43.11 12.20
N ASP D 142 20.14 43.32 11.05
CA ASP D 142 20.56 42.23 10.17
C ASP D 142 21.43 41.26 10.96
N TYR D 143 21.12 39.97 10.80
CA TYR D 143 21.88 38.87 11.39
C TYR D 143 21.76 38.75 12.89
N LEU D 144 20.78 39.46 13.48
CA LEU D 144 20.49 39.18 14.89
C LEU D 144 20.19 37.67 15.03
N PHE D 145 20.83 37.05 16.02
CA PHE D 145 20.61 35.66 16.37
C PHE D 145 20.89 34.75 15.18
N ARG D 146 21.91 35.15 14.40
CA ARG D 146 22.46 34.33 13.31
C ARG D 146 23.97 34.40 13.35
N GLY D 147 24.65 33.25 13.33
CA GLY D 147 26.10 33.27 13.47
C GLY D 147 26.74 31.98 13.00
N LYS D 148 28.02 32.05 12.68
CA LYS D 148 28.86 30.89 12.35
C LYS D 148 29.96 30.70 13.36
N ILE D 149 30.16 29.44 13.75
CA ILE D 149 31.21 29.07 14.66
C ILE D 149 31.92 27.84 14.13
N ARG D 150 33.06 27.54 14.73
CA ARG D 150 33.85 26.34 14.38
C ARG D 150 34.09 25.56 15.64
N THR D 151 34.28 24.25 15.47
CA THR D 151 34.75 23.44 16.56
C THR D 151 36.25 23.60 16.72
N ASP D 152 36.67 23.53 17.97
CA ASP D 152 38.09 23.62 18.29
C ASP D 152 38.78 22.29 18.06
N GLU D 153 40.04 22.18 18.48
CA GLU D 153 40.78 20.98 18.13
C GLU D 153 40.27 19.78 18.94
N ASN D 154 39.47 20.04 19.97
CA ASN D 154 38.78 18.95 20.69
C ASN D 154 37.38 18.65 20.18
N GLY D 155 37.05 19.18 19.00
CA GLY D 155 35.67 19.14 18.48
C GLY D 155 34.60 19.87 19.28
N ARG D 156 35.00 20.89 20.05
CA ARG D 156 34.09 21.53 21.03
C ARG D 156 33.88 23.00 20.75
N PHE D 157 32.82 23.57 21.31
CA PHE D 157 32.63 25.01 21.32
C PHE D 157 31.68 25.40 22.45
N THR D 158 31.79 26.65 22.87
CA THR D 158 30.83 27.18 23.86
C THR D 158 30.18 28.39 23.21
N LEU D 159 28.86 28.48 23.22
CA LEU D 159 28.17 29.57 22.54
C LEU D 159 27.19 30.21 23.50
N ARG D 160 27.28 31.54 23.62
CA ARG D 160 26.33 32.26 24.46
C ARG D 160 25.21 32.83 23.62
N THR D 161 23.98 32.60 24.06
CA THR D 161 22.83 33.15 23.39
C THR D 161 21.73 33.41 24.42
N ILE D 162 20.49 33.55 23.98
CA ILE D 162 19.34 33.59 24.86
C ILE D 162 18.39 32.43 24.49
N VAL D 163 17.58 31.93 25.43
CA VAL D 163 16.55 30.93 25.10
C VAL D 163 15.53 31.53 24.14
N PRO D 164 15.34 30.92 22.95
CA PRO D 164 14.34 31.45 22.01
C PRO D 164 12.94 31.15 22.53
N ALA D 165 11.98 31.99 22.17
CA ALA D 165 10.57 31.71 22.45
C ALA D 165 9.98 30.83 21.32
N PRO D 166 8.90 30.10 21.63
CA PRO D 166 8.04 29.52 20.59
C PRO D 166 7.55 30.60 19.63
N TYR D 167 7.10 30.24 18.46
N TYR D 167 7.21 30.17 18.41
CA TYR D 167 6.55 31.31 17.68
CA TYR D 167 6.90 31.01 17.21
C TYR D 167 5.51 30.71 16.77
C TYR D 167 5.51 30.62 16.67
N GLU D 168 4.66 31.59 16.30
CA GLU D 168 3.47 31.22 15.56
C GLU D 168 3.56 31.63 14.10
N ILE D 169 3.13 30.74 13.23
CA ILE D 169 3.04 31.05 11.80
C ILE D 169 2.16 32.31 11.69
N PRO D 170 2.64 33.37 11.03
CA PRO D 170 1.92 34.66 10.98
C PRO D 170 0.41 34.55 10.76
N LYS D 171 -0.37 35.08 11.68
CA LYS D 171 -1.81 35.04 11.52
C LYS D 171 -2.25 35.86 10.30
N ASN D 172 -1.42 36.83 9.88
CA ASN D 172 -1.84 37.81 8.87
C ASN D 172 -1.60 37.48 7.39
N GLY D 173 -1.19 36.25 7.10
CA GLY D 173 -1.01 35.82 5.73
C GLY D 173 -1.86 34.58 5.41
N PRO D 174 -1.80 34.10 4.17
CA PRO D 174 -2.60 32.92 3.78
C PRO D 174 -2.36 31.68 4.62
N THR D 175 -1.13 31.43 5.08
CA THR D 175 -0.89 30.19 5.81
C THR D 175 -1.59 30.25 7.18
N GLY D 176 -1.50 31.40 7.84
CA GLY D 176 -2.18 31.63 9.10
C GLY D 176 -3.69 31.61 8.93
N ALA D 177 -4.19 32.17 7.82
CA ALA D 177 -5.64 32.10 7.51
C ALA D 177 -6.14 30.66 7.37
N LEU D 178 -5.34 29.83 6.69
CA LEU D 178 -5.66 28.42 6.58
C LEU D 178 -5.72 27.76 7.96
N LEU D 179 -4.69 27.93 8.76
CA LEU D 179 -4.64 27.31 10.10
C LEU D 179 -5.89 27.69 10.92
N ALA D 180 -6.20 28.98 10.95
CA ALA D 180 -7.42 29.47 11.61
C ALA D 180 -8.69 28.85 11.01
N ALA D 181 -8.79 28.78 9.68
CA ALA D 181 -9.99 28.22 9.04
C ALA D 181 -10.08 26.73 9.34
N ALA D 182 -8.94 26.06 9.55
CA ALA D 182 -8.98 24.64 9.83
C ALA D 182 -9.08 24.32 11.32
N GLY D 183 -9.14 25.34 12.17
CA GLY D 183 -9.14 25.13 13.61
C GLY D 183 -7.82 24.61 14.17
N TRP D 184 -6.70 24.91 13.51
CA TRP D 184 -5.40 24.35 13.93
C TRP D 184 -4.55 25.42 14.55
N HIS D 185 -3.82 25.11 15.62
CA HIS D 185 -2.95 26.14 16.17
C HIS D 185 -1.73 26.34 15.30
N ALA D 186 -1.12 27.50 15.41
CA ALA D 186 -0.04 27.93 14.56
C ALA D 186 1.36 27.86 15.16
N TRP D 187 1.56 27.09 16.24
CA TRP D 187 2.76 27.29 17.05
C TRP D 187 3.84 26.28 16.78
N ARG D 188 5.08 26.74 16.79
CA ARG D 188 6.24 25.87 16.86
C ARG D 188 6.84 25.96 18.28
N PRO D 189 7.37 24.86 18.81
CA PRO D 189 8.09 24.93 20.11
C PRO D 189 9.40 25.69 19.91
N ALA D 190 9.97 26.21 20.98
CA ALA D 190 11.24 26.96 20.88
C ALA D 190 12.35 26.02 20.33
N HIS D 191 13.23 26.57 19.51
CA HIS D 191 14.28 25.77 18.85
C HIS D 191 15.47 26.59 18.36
N LEU D 192 16.59 25.90 18.18
CA LEU D 192 17.82 26.43 17.56
C LEU D 192 18.03 25.63 16.29
N HIS D 193 18.25 26.33 15.17
CA HIS D 193 18.50 25.67 13.86
C HIS D 193 20.00 25.55 13.62
N TRP D 194 20.45 24.44 12.98
CA TRP D 194 21.87 24.27 12.69
C TRP D 194 22.06 23.69 11.31
N ILE D 195 23.02 24.23 10.58
CA ILE D 195 23.59 23.56 9.41
C ILE D 195 25.07 23.32 9.72
N ILE D 196 25.48 22.07 9.69
CA ILE D 196 26.79 21.67 10.20
C ILE D 196 27.56 20.97 9.04
N ALA D 197 28.76 21.44 8.73
CA ALA D 197 29.50 20.98 7.56
C ALA D 197 31.01 20.86 7.84
N LYS D 198 31.66 19.92 7.15
CA LYS D 198 33.12 19.82 7.18
C LYS D 198 33.50 19.01 5.91
N GLU D 199 34.45 19.52 5.13
CA GLU D 199 34.92 18.84 3.91
C GLU D 199 35.26 17.41 4.26
N GLY D 200 34.69 16.49 3.49
CA GLY D 200 34.88 15.06 3.70
C GLY D 200 33.70 14.37 4.34
N TYR D 201 32.75 15.15 4.84
CA TYR D 201 31.65 14.60 5.65
C TYR D 201 30.35 15.06 5.04
N GLU D 202 29.30 14.32 5.28
CA GLU D 202 27.96 14.71 4.85
C GLU D 202 27.47 15.76 5.83
N SER D 203 26.90 16.84 5.32
CA SER D 203 26.41 17.93 6.20
C SER D 203 25.19 17.47 6.95
N LEU D 204 24.89 18.16 8.04
CA LEU D 204 23.74 17.86 8.85
C LEU D 204 22.94 19.15 9.00
N THR D 205 21.66 19.07 8.68
CA THR D 205 20.68 20.14 8.99
C THR D 205 19.81 19.60 10.09
N THR D 206 19.71 20.33 11.19
CA THR D 206 18.91 19.81 12.29
C THR D 206 18.36 20.99 13.12
N GLN D 207 17.58 20.64 14.15
CA GLN D 207 17.06 21.66 15.07
C GLN D 207 17.10 21.04 16.44
N LEU D 208 17.29 21.85 17.47
CA LEU D 208 17.25 21.31 18.84
C LEU D 208 16.16 22.03 19.63
N TYR D 209 15.40 21.31 20.44
CA TYR D 209 14.23 21.83 21.11
C TYR D 209 14.54 21.69 22.61
N PHE D 210 13.60 22.10 23.46
CA PHE D 210 13.79 22.07 24.93
C PHE D 210 12.87 21.00 25.51
N GLU D 211 13.44 19.86 25.95
CA GLU D 211 12.70 18.62 26.34
C GLU D 211 11.52 18.96 27.25
N ASN D 212 11.73 20.07 27.91
CA ASN D 212 10.80 20.77 28.70
C ASN D 212 9.55 21.11 27.89
N GLY D 213 9.80 21.91 26.85
CA GLY D 213 8.94 22.97 26.36
C GLY D 213 7.53 22.79 25.84
N GLN D 214 6.87 23.94 25.82
CA GLN D 214 5.54 24.10 25.30
C GLN D 214 5.58 23.83 23.79
N TRP D 215 4.53 23.14 23.32
CA TRP D 215 4.35 22.80 21.88
C TRP D 215 5.25 21.67 21.37
N THR D 216 6.18 21.15 22.19
CA THR D 216 7.03 20.05 21.71
C THR D 216 6.21 18.82 21.33
N GLY D 217 5.02 18.69 21.91
CA GLY D 217 4.12 17.60 21.53
C GLY D 217 3.10 17.90 20.44
N SER D 218 3.15 19.12 19.90
CA SER D 218 2.16 19.52 18.88
C SER D 218 2.71 20.65 18.03
N ASP D 219 3.91 20.43 17.50
CA ASP D 219 4.55 21.33 16.56
C ASP D 219 3.67 21.43 15.32
N VAL D 220 3.26 22.63 14.96
CA VAL D 220 2.49 22.85 13.73
C VAL D 220 3.26 22.24 12.52
N ALA D 221 4.60 22.27 12.55
CA ALA D 221 5.41 21.76 11.43
C ALA D 221 5.79 20.29 11.55
N ASN D 222 5.37 19.63 12.62
CA ASN D 222 5.67 18.20 12.84
C ASN D 222 7.13 17.80 12.69
N ALA D 223 8.02 18.65 13.19
CA ALA D 223 9.46 18.51 12.95
C ALA D 223 10.25 18.13 14.20
N VAL D 224 9.57 17.76 15.28
CA VAL D 224 10.25 17.37 16.54
C VAL D 224 10.56 15.90 16.50
N LYS D 225 11.76 15.54 16.96
CA LYS D 225 12.23 14.15 17.08
C LYS D 225 12.83 13.95 18.48
N PRO D 226 12.71 12.75 19.06
CA PRO D 226 13.11 12.55 20.47
C PRO D 226 14.59 12.84 20.70
N GLU D 227 15.42 12.63 19.69
CA GLU D 227 16.88 12.74 19.85
C GLU D 227 17.28 14.20 19.90
N LEU D 228 16.31 15.08 19.66
CA LEU D 228 16.58 16.54 19.48
C LEU D 228 16.13 17.39 20.66
N LEU D 229 15.81 16.73 21.79
CA LEU D 229 15.34 17.41 22.98
C LEU D 229 16.52 17.65 23.94
N LEU D 230 16.69 18.91 24.35
CA LEU D 230 17.80 19.35 25.20
C LEU D 230 17.33 19.47 26.64
N SER D 231 18.21 19.17 27.60
CA SER D 231 17.88 19.48 29.00
C SER D 231 18.60 20.77 29.38
N LEU D 232 17.96 21.56 30.24
CA LEU D 232 18.51 22.84 30.65
C LEU D 232 18.85 22.75 32.13
N ASP D 233 20.03 23.19 32.53
CA ASP D 233 20.38 23.33 33.95
C ASP D 233 20.35 24.82 34.32
N LYS D 234 19.72 25.16 35.44
CA LYS D 234 19.68 26.55 35.90
C LYS D 234 20.89 26.80 36.79
N ILE D 235 21.69 27.79 36.42
CA ILE D 235 22.95 28.13 37.10
C ILE D 235 22.73 29.46 37.82
N GLU D 236 22.78 29.42 39.14
CA GLU D 236 22.44 30.60 39.93
C GLU D 236 23.69 31.44 40.20
N ALA D 237 23.53 32.78 40.12
CA ALA D 237 24.58 33.76 40.49
N GLY D 240 22.44 37.06 38.93
CA GLY D 240 21.25 36.49 38.32
C GLY D 240 21.49 35.08 37.79
N PRO D 241 20.40 34.34 37.54
CA PRO D 241 20.51 32.97 37.03
C PRO D 241 20.74 32.91 35.51
N HIS D 242 21.37 31.85 35.01
CA HIS D 242 21.30 31.54 33.58
C HIS D 242 21.11 30.05 33.37
N PHE D 243 20.95 29.65 32.11
CA PHE D 243 20.71 28.25 31.77
C PHE D 243 21.88 27.69 30.97
N GLU D 244 22.15 26.41 31.16
CA GLU D 244 23.24 25.82 30.44
C GLU D 244 22.70 24.53 29.84
N THR D 245 23.18 24.17 28.65
CA THR D 245 22.81 22.89 28.06
C THR D 245 23.96 22.35 27.24
N SER D 246 23.90 21.08 26.88
CA SER D 246 24.99 20.46 26.09
C SER D 246 24.43 19.51 25.04
N TYR D 247 25.15 19.36 23.93
CA TYR D 247 24.70 18.49 22.87
C TYR D 247 25.89 17.96 22.08
N LYS D 248 25.82 16.69 21.72
CA LYS D 248 26.81 16.11 20.83
C LYS D 248 26.20 15.73 19.48
N PHE D 249 26.70 16.40 18.43
CA PHE D 249 26.39 16.09 17.04
C PHE D 249 27.39 15.08 16.47
N THR D 250 26.93 14.26 15.52
CA THR D 250 27.83 13.34 14.82
C THR D 250 27.74 13.57 13.32
N LEU D 251 28.88 13.58 12.63
CA LEU D 251 28.90 13.59 11.17
C LEU D 251 29.49 12.29 10.67
N GLY D 252 28.90 11.81 9.59
CA GLY D 252 29.41 10.60 8.93
C GLY D 252 30.18 11.00 7.68
N LYS D 253 31.18 10.17 7.36
CA LYS D 253 32.04 10.44 6.23
C LYS D 253 31.38 10.31 4.89
N VAL D 254 31.94 11.07 3.97
CA VAL D 254 31.90 10.79 2.55
C VAL D 254 30.76 11.56 2.01
C MET E 1 34.23 -0.16 -57.81
N SER E 2 33.98 -0.53 -56.56
CA SER E 2 33.48 -1.87 -56.25
C SER E 2 32.61 -2.42 -57.38
N THR E 3 31.46 -1.78 -57.62
CA THR E 3 30.60 -2.11 -58.77
C THR E 3 31.44 -2.01 -60.06
N ASP E 4 32.19 -0.91 -60.22
CA ASP E 4 33.07 -0.79 -61.37
C ASP E 4 34.16 -1.90 -61.46
N ARG E 5 34.77 -2.20 -60.32
CA ARG E 5 35.85 -3.20 -60.30
C ARG E 5 35.33 -4.63 -60.50
N THR E 6 34.27 -4.98 -59.77
CA THR E 6 33.64 -6.30 -59.91
C THR E 6 33.17 -6.59 -61.36
N GLY E 7 32.49 -5.61 -61.95
CA GLY E 7 32.13 -5.69 -63.36
C GLY E 7 33.30 -5.91 -64.27
N ASN E 8 34.36 -5.14 -64.04
CA ASN E 8 35.55 -5.24 -64.87
C ASN E 8 36.14 -6.65 -64.82
N ILE E 9 36.39 -7.16 -63.62
CA ILE E 9 37.02 -8.45 -63.43
C ILE E 9 36.10 -9.57 -63.91
N VAL E 10 34.86 -9.61 -63.43
CA VAL E 10 33.94 -10.67 -63.83
C VAL E 10 33.61 -10.61 -65.34
N GLY E 11 33.38 -9.41 -65.86
CA GLY E 11 33.13 -9.28 -67.29
C GLY E 11 34.26 -9.83 -68.15
N LYS E 12 35.51 -9.55 -67.79
CA LYS E 12 36.64 -10.05 -68.59
C LYS E 12 36.70 -11.57 -68.53
N MET E 13 36.37 -12.14 -67.36
CA MET E 13 36.43 -13.60 -67.21
C MET E 13 35.32 -14.29 -68.02
N ILE E 14 34.12 -13.78 -67.91
CA ILE E 14 32.99 -14.32 -68.69
C ILE E 14 33.31 -14.17 -70.17
N ALA E 15 33.80 -13.01 -70.58
CA ALA E 15 34.14 -12.82 -72.00
C ALA E 15 35.19 -13.80 -72.52
N ALA E 16 36.20 -14.07 -71.69
CA ALA E 16 37.28 -14.98 -72.10
C ALA E 16 36.75 -16.40 -72.23
N ILE E 17 35.87 -16.82 -71.31
CA ILE E 17 35.25 -18.12 -71.43
C ILE E 17 34.39 -18.20 -72.72
N ASN E 18 33.55 -17.20 -72.95
CA ASN E 18 32.78 -17.24 -74.21
C ASN E 18 33.67 -17.23 -75.46
N ALA E 19 34.81 -16.56 -75.41
CA ALA E 19 35.69 -16.63 -76.58
C ALA E 19 36.23 -18.05 -76.84
N VAL E 20 36.56 -18.78 -75.79
CA VAL E 20 36.97 -20.18 -75.97
C VAL E 20 35.83 -21.09 -76.51
N ILE E 21 34.62 -20.89 -75.97
CA ILE E 21 33.46 -21.63 -76.46
C ILE E 21 33.33 -21.43 -77.99
N LYS E 22 33.49 -20.19 -78.44
CA LYS E 22 33.33 -19.88 -79.88
C LYS E 22 34.50 -20.48 -80.68
N ASP E 23 35.71 -20.24 -80.19
CA ASP E 23 36.92 -20.78 -80.82
C ASP E 23 36.91 -22.30 -80.94
N GLU E 24 36.64 -23.02 -79.85
CA GLU E 24 36.64 -24.48 -79.88
C GLU E 24 35.33 -25.08 -80.29
N LYS E 25 34.32 -24.23 -80.55
CA LYS E 25 33.01 -24.74 -80.97
C LYS E 25 32.47 -25.73 -79.93
N VAL E 26 32.46 -25.28 -78.67
CA VAL E 26 31.92 -26.14 -77.62
C VAL E 26 30.46 -26.48 -77.93
N SER E 27 30.09 -27.74 -77.76
CA SER E 27 28.78 -28.24 -78.16
C SER E 27 27.77 -28.16 -77.01
N TYR E 28 26.49 -28.33 -77.34
CA TYR E 28 25.46 -28.37 -76.32
C TYR E 28 25.64 -29.57 -75.41
N SER E 29 26.05 -30.68 -76.02
CA SER E 29 26.33 -31.87 -75.28
C SER E 29 27.46 -31.61 -74.23
N GLU E 30 28.51 -30.89 -74.63
CA GLU E 30 29.61 -30.57 -73.71
C GLU E 30 29.14 -29.59 -72.59
N TYR E 31 28.27 -28.66 -72.99
CA TYR E 31 27.70 -27.68 -72.05
C TYR E 31 26.87 -28.38 -70.98
N LYS E 32 26.07 -29.35 -71.39
CA LYS E 32 25.23 -30.11 -70.49
C LYS E 32 26.06 -30.95 -69.54
N ALA E 33 27.09 -31.62 -70.07
CA ALA E 33 28.01 -32.35 -69.22
C ALA E 33 28.71 -31.42 -68.21
N SER E 34 29.12 -30.25 -68.67
CA SER E 34 29.82 -29.31 -67.82
C SER E 34 28.90 -28.82 -66.69
N THR E 35 27.63 -28.61 -67.03
CA THR E 35 26.62 -28.19 -66.04
C THR E 35 26.48 -29.24 -64.94
N GLY E 36 26.38 -30.51 -65.36
CA GLY E 36 26.30 -31.58 -64.37
C GLY E 36 27.53 -31.61 -63.48
N TRP E 37 28.70 -31.43 -64.09
CA TRP E 37 29.96 -31.46 -63.35
C TRP E 37 30.03 -30.33 -62.30
N LEU E 38 29.74 -29.10 -62.72
CA LEU E 38 29.71 -27.95 -61.80
C LEU E 38 28.77 -28.20 -60.64
N ILE E 39 27.62 -28.81 -60.93
CA ILE E 39 26.69 -29.15 -59.84
C ILE E 39 27.33 -30.12 -58.86
N SER E 40 28.02 -31.13 -59.39
CA SER E 40 28.70 -32.11 -58.57
C SER E 40 29.82 -31.53 -57.70
N VAL E 41 30.54 -30.52 -58.19
CA VAL E 41 31.57 -29.89 -57.36
C VAL E 41 30.95 -29.37 -56.02
N GLY E 42 29.83 -28.65 -56.14
CA GLY E 42 29.15 -28.16 -54.95
C GLY E 42 28.60 -29.28 -54.04
N GLU E 43 27.97 -30.26 -54.66
CA GLU E 43 27.41 -31.43 -53.94
C GLU E 43 28.47 -32.21 -53.18
N LYS E 44 29.69 -32.27 -53.75
CA LYS E 44 30.78 -32.98 -53.11
C LYS E 44 31.66 -32.08 -52.23
N ASN E 45 31.22 -30.83 -52.02
CA ASN E 45 31.96 -29.84 -51.20
C ASN E 45 33.41 -29.66 -51.65
N GLU E 46 33.62 -29.61 -52.96
CA GLU E 46 34.95 -29.49 -53.53
C GLU E 46 35.28 -28.11 -54.07
N TRP E 47 34.47 -27.07 -53.76
CA TRP E 47 34.83 -25.74 -54.26
C TRP E 47 36.22 -25.30 -53.78
N PRO E 48 36.53 -25.34 -52.47
CA PRO E 48 37.90 -24.99 -52.04
C PRO E 48 39.00 -25.88 -52.68
N LEU E 49 38.82 -27.19 -52.76
CA LEU E 49 39.79 -28.04 -53.44
C LEU E 49 40.03 -27.60 -54.92
N PHE E 50 38.97 -27.61 -55.74
CA PHE E 50 39.05 -27.16 -57.12
C PHE E 50 39.67 -25.80 -57.32
N LEU E 51 39.17 -24.79 -56.60
CA LEU E 51 39.73 -23.47 -56.74
C LEU E 51 41.19 -23.41 -56.29
N ASP E 52 41.53 -24.05 -55.18
CA ASP E 52 42.90 -23.95 -54.70
C ASP E 52 43.86 -24.71 -55.61
N VAL E 53 43.37 -25.75 -56.31
CA VAL E 53 44.24 -26.43 -57.27
C VAL E 53 44.58 -25.50 -58.43
N PHE E 54 43.56 -24.87 -59.01
CA PHE E 54 43.73 -24.20 -60.30
C PHE E 54 43.99 -22.71 -60.29
N PHE E 55 43.53 -22.03 -59.25
CA PHE E 55 43.56 -20.57 -59.16
C PHE E 55 44.32 -19.97 -57.96
N GLU E 56 44.40 -20.66 -56.82
CA GLU E 56 45.04 -20.01 -55.67
C GLU E 56 46.47 -19.54 -55.97
N HIS E 57 47.23 -20.32 -56.74
CA HIS E 57 48.60 -19.89 -57.05
C HIS E 57 48.69 -18.53 -57.74
N ALA E 58 47.66 -18.17 -58.53
CA ALA E 58 47.64 -16.89 -59.22
C ALA E 58 47.29 -15.76 -58.26
N ILE E 59 46.30 -15.99 -57.41
CA ILE E 59 45.98 -15.11 -56.28
C ILE E 59 47.21 -14.86 -55.40
N GLU E 60 47.90 -15.94 -55.08
CA GLU E 60 49.01 -15.90 -54.15
C GLU E 60 50.17 -15.14 -54.83
N SER E 61 50.40 -15.38 -56.10
CA SER E 61 51.43 -14.63 -56.84
C SER E 61 51.22 -13.10 -56.84
N VAL E 62 49.97 -12.63 -56.97
CA VAL E 62 49.79 -11.18 -56.75
C VAL E 62 50.07 -10.70 -55.33
N ALA E 63 49.57 -11.41 -54.32
CA ALA E 63 49.85 -11.08 -52.93
C ALA E 63 51.35 -11.05 -52.64
N ALA E 64 52.08 -11.97 -53.26
CA ALA E 64 53.50 -12.15 -52.97
C ALA E 64 54.33 -10.96 -53.42
N GLU E 65 53.80 -10.16 -54.34
CA GLU E 65 54.55 -9.02 -54.88
C GLU E 65 54.82 -8.06 -53.75
N SER E 66 53.91 -8.03 -52.78
CA SER E 66 54.05 -7.17 -51.62
C SER E 66 54.77 -7.82 -50.43
N ASN E 67 55.45 -8.96 -50.65
CA ASN E 67 56.04 -9.70 -49.52
C ASN E 67 57.12 -8.88 -48.85
N ARG E 68 57.12 -8.86 -47.52
CA ARG E 68 58.20 -8.19 -46.77
C ARG E 68 59.21 -9.15 -46.16
N GLY E 69 58.92 -10.46 -46.16
CA GLY E 69 59.85 -11.48 -45.64
C GLY E 69 60.23 -12.49 -46.71
N SER E 70 60.43 -13.74 -46.30
CA SER E 70 60.88 -14.78 -47.22
C SER E 70 59.71 -15.31 -48.06
N GLN E 71 60.05 -16.19 -48.99
CA GLN E 71 59.13 -16.64 -50.04
C GLN E 71 57.90 -17.38 -49.48
N SER E 72 56.74 -17.08 -50.08
CA SER E 72 55.44 -17.54 -49.61
C SER E 72 54.89 -18.55 -50.60
N SER E 73 53.80 -19.24 -50.26
CA SER E 73 53.13 -20.09 -51.25
C SER E 73 51.68 -20.20 -50.87
N ILE E 74 50.92 -21.00 -51.61
CA ILE E 74 49.51 -21.15 -51.30
C ILE E 74 49.25 -21.82 -49.94
N GLN E 75 48.07 -21.54 -49.39
CA GLN E 75 47.61 -22.26 -48.20
C GLN E 75 47.04 -23.62 -48.55
N GLY E 76 46.30 -23.72 -49.64
CA GLY E 76 45.62 -24.95 -49.99
C GLY E 76 44.41 -25.14 -49.10
N PRO E 77 43.67 -26.21 -49.31
CA PRO E 77 42.35 -26.36 -48.66
C PRO E 77 42.29 -27.12 -47.31
N TYR E 78 43.43 -27.62 -46.83
CA TYR E 78 43.40 -28.58 -45.72
C TYR E 78 43.96 -28.04 -44.40
N PHE E 79 44.09 -26.72 -44.26
CA PHE E 79 44.42 -26.17 -42.96
C PHE E 79 43.27 -26.49 -42.00
N ILE E 80 43.62 -26.82 -40.75
CA ILE E 80 42.65 -26.99 -39.65
C ILE E 80 43.08 -26.17 -38.42
N PRO E 81 42.22 -25.25 -37.98
CA PRO E 81 42.53 -24.44 -36.79
C PRO E 81 42.58 -25.26 -35.52
N GLY E 82 43.29 -24.76 -34.51
CA GLY E 82 43.28 -25.43 -33.23
C GLY E 82 44.24 -26.60 -33.13
N ALA E 83 45.21 -26.71 -34.04
CA ALA E 83 46.15 -27.83 -33.99
C ALA E 83 46.92 -27.71 -32.68
N PRO E 84 47.35 -28.85 -32.10
CA PRO E 84 47.91 -28.86 -30.74
C PRO E 84 49.21 -28.05 -30.55
N GLU E 85 49.27 -27.26 -29.47
CA GLU E 85 50.53 -26.66 -29.02
C GLU E 85 51.44 -27.77 -28.51
N LEU E 86 52.57 -27.94 -29.19
CA LEU E 86 53.54 -29.01 -28.92
C LEU E 86 54.54 -28.62 -27.84
N SER E 87 55.31 -29.59 -27.36
CA SER E 87 56.27 -29.39 -26.26
C SER E 87 57.67 -29.85 -26.69
N ILE E 88 58.71 -29.23 -26.13
CA ILE E 88 60.10 -29.66 -26.41
C ILE E 88 60.28 -31.05 -25.84
N PRO E 89 60.89 -32.02 -26.56
CA PRO E 89 61.39 -31.85 -27.93
C PRO E 89 60.24 -31.94 -28.94
N TYR E 90 60.19 -30.98 -29.85
CA TYR E 90 59.04 -30.83 -30.69
C TYR E 90 58.93 -32.03 -31.62
N THR E 91 57.79 -32.70 -31.54
CA THR E 91 57.49 -33.87 -32.35
C THR E 91 56.08 -33.77 -32.93
N MET E 92 55.96 -33.81 -34.25
CA MET E 92 54.64 -33.80 -34.88
C MET E 92 53.80 -34.97 -34.34
N PRO E 93 52.49 -34.77 -34.18
CA PRO E 93 51.64 -35.85 -33.69
C PRO E 93 51.67 -37.07 -34.63
N MET E 94 52.14 -38.21 -34.10
CA MET E 94 52.31 -39.42 -34.89
C MET E 94 51.86 -40.66 -34.10
N ARG E 95 51.50 -41.73 -34.80
CA ARG E 95 51.18 -42.99 -34.14
C ARG E 95 52.43 -43.74 -33.70
N ASP E 96 52.25 -44.70 -32.79
CA ASP E 96 53.40 -45.42 -32.24
C ASP E 96 54.09 -46.20 -33.36
N ASP E 97 53.34 -46.64 -34.36
CA ASP E 97 53.89 -47.39 -35.48
C ASP E 97 53.87 -46.58 -36.80
N GLU E 98 53.99 -45.25 -36.70
CA GLU E 98 53.90 -44.37 -37.91
C GLU E 98 54.88 -44.79 -39.00
N SER E 99 54.40 -44.99 -40.22
CA SER E 99 55.26 -45.34 -41.35
C SER E 99 56.04 -44.14 -41.81
N GLY E 100 57.21 -44.41 -42.41
CA GLY E 100 57.93 -43.38 -43.15
C GLY E 100 59.33 -43.15 -42.62
N ASP E 101 60.07 -42.35 -43.37
CA ASP E 101 61.43 -41.99 -43.02
C ASP E 101 61.39 -40.81 -42.07
N THR E 102 62.11 -40.93 -40.96
CA THR E 102 62.16 -39.82 -40.00
C THR E 102 62.84 -38.60 -40.60
N LEU E 103 62.31 -37.43 -40.28
CA LEU E 103 62.92 -36.19 -40.73
C LEU E 103 63.14 -35.32 -39.49
N ILE E 104 64.36 -34.80 -39.34
CA ILE E 104 64.62 -33.80 -38.28
C ILE E 104 64.81 -32.48 -38.99
N PHE E 105 64.00 -31.50 -38.63
CA PHE E 105 63.94 -30.24 -39.36
C PHE E 105 64.44 -29.19 -38.39
N ARG E 106 65.50 -28.48 -38.77
CA ARG E 106 66.04 -27.40 -37.92
C ARG E 106 65.69 -26.07 -38.54
N GLY E 107 64.88 -25.31 -37.81
CA GLY E 107 64.28 -24.10 -38.33
C GLY E 107 64.89 -22.88 -37.67
N GLU E 108 64.96 -21.79 -38.43
CA GLU E 108 65.38 -20.49 -37.90
C GLU E 108 64.43 -19.45 -38.45
N VAL E 109 64.01 -18.51 -37.60
CA VAL E 109 63.18 -17.39 -38.05
C VAL E 109 63.85 -16.07 -37.65
N VAL E 110 64.14 -15.24 -38.66
CA VAL E 110 64.81 -13.95 -38.45
C VAL E 110 64.00 -12.82 -39.02
N ASP E 111 64.35 -11.59 -38.64
CA ASP E 111 63.71 -10.43 -39.22
C ASP E 111 64.53 -9.95 -40.41
N GLN E 112 64.16 -8.80 -40.97
CA GLN E 112 64.81 -8.29 -42.18
C GLN E 112 66.31 -7.99 -41.99
N GLU E 113 66.72 -7.68 -40.76
CA GLU E 113 68.15 -7.46 -40.44
C GLU E 113 68.94 -8.76 -40.34
N GLY E 114 68.23 -9.89 -40.23
CA GLY E 114 68.86 -11.18 -40.05
C GLY E 114 68.96 -11.53 -38.58
N ALA E 115 68.40 -10.67 -37.74
CA ALA E 115 68.32 -10.93 -36.30
C ALA E 115 67.21 -11.95 -36.00
N PRO E 116 67.51 -12.91 -35.13
CA PRO E 116 66.53 -13.94 -34.75
C PRO E 116 65.27 -13.36 -34.08
N LEU E 117 64.15 -14.05 -34.31
CA LEU E 117 62.90 -13.66 -33.67
C LEU E 117 62.41 -14.77 -32.75
N ALA E 118 62.23 -14.39 -31.50
CA ALA E 118 61.80 -15.31 -30.44
C ALA E 118 60.29 -15.34 -30.32
N ASP E 119 59.77 -16.45 -29.81
CA ASP E 119 58.32 -16.57 -29.56
C ASP E 119 57.51 -16.35 -30.84
N VAL E 120 58.12 -16.68 -31.99
CA VAL E 120 57.37 -16.76 -33.24
C VAL E 120 56.45 -17.97 -33.13
N LEU E 121 55.18 -17.80 -33.52
CA LEU E 121 54.27 -18.92 -33.64
C LEU E 121 54.29 -19.53 -35.05
N LEU E 122 54.51 -20.84 -35.10
CA LEU E 122 54.40 -21.54 -36.39
C LEU E 122 53.40 -22.68 -36.32
N ASP E 123 52.45 -22.67 -37.25
CA ASP E 123 51.57 -23.79 -37.40
C ASP E 123 52.17 -24.60 -38.53
N MET E 124 52.25 -25.92 -38.36
CA MET E 124 52.72 -26.79 -39.47
C MET E 124 51.68 -27.86 -39.70
N TRP E 125 51.47 -28.23 -40.96
CA TRP E 125 50.66 -29.42 -41.20
C TRP E 125 51.18 -30.12 -42.47
N GLN E 126 50.97 -31.42 -42.53
CA GLN E 126 51.50 -32.24 -43.65
C GLN E 126 50.68 -33.51 -43.75
N ALA E 127 50.82 -34.16 -44.89
CA ALA E 127 50.27 -35.49 -45.12
C ALA E 127 51.19 -36.52 -44.49
N ASP E 128 50.66 -37.69 -44.21
CA ASP E 128 51.48 -38.81 -43.67
C ASP E 128 52.22 -39.50 -44.83
N ALA E 129 52.87 -40.64 -44.55
CA ALA E 129 53.64 -41.36 -45.58
C ALA E 129 52.82 -42.03 -46.69
N ALA E 130 51.50 -42.05 -46.53
CA ALA E 130 50.58 -42.58 -47.54
C ALA E 130 49.87 -41.44 -48.29
N GLY E 131 50.29 -40.20 -48.00
CA GLY E 131 49.69 -39.04 -48.62
C GLY E 131 48.31 -38.69 -48.09
N GLU E 132 48.03 -38.93 -46.80
CA GLU E 132 46.70 -38.64 -46.25
C GLU E 132 46.81 -37.60 -45.15
N TYR E 133 45.81 -36.71 -45.06
CA TYR E 133 45.80 -35.69 -44.01
C TYR E 133 44.77 -36.04 -42.94
N SER E 134 45.08 -35.74 -41.67
CA SER E 134 44.04 -35.89 -40.65
C SER E 134 42.87 -34.89 -40.85
N PHE E 135 41.72 -35.27 -40.31
CA PHE E 135 40.40 -34.63 -40.54
C PHE E 135 39.89 -34.84 -41.96
N ILE E 136 40.73 -34.54 -42.95
CA ILE E 136 40.39 -34.77 -44.36
C ILE E 136 40.08 -36.25 -44.59
N ASN E 137 40.97 -37.12 -44.08
CA ASN E 137 40.67 -38.55 -43.98
C ASN E 137 40.28 -38.81 -42.52
N PRO E 138 39.00 -39.01 -42.24
CA PRO E 138 38.56 -39.13 -40.84
C PRO E 138 38.90 -40.51 -40.23
N THR E 139 39.48 -41.42 -40.98
CA THR E 139 39.99 -42.65 -40.38
C THR E 139 41.36 -42.44 -39.74
N LEU E 140 41.97 -41.28 -40.00
CA LEU E 140 43.20 -40.92 -39.28
C LEU E 140 42.84 -40.32 -37.92
N PRO E 141 43.73 -40.49 -36.93
CA PRO E 141 43.53 -39.89 -35.61
C PRO E 141 43.50 -38.39 -35.78
N ASP E 142 42.55 -37.74 -35.12
CA ASP E 142 42.47 -36.29 -35.16
C ASP E 142 43.80 -35.61 -34.79
N TYR E 143 44.15 -34.57 -35.56
CA TYR E 143 45.39 -33.83 -35.43
C TYR E 143 46.68 -34.55 -35.81
N LEU E 144 46.61 -35.74 -36.42
CA LEU E 144 47.84 -36.37 -36.89
C LEU E 144 48.57 -35.37 -37.79
N PHE E 145 49.87 -35.17 -37.54
CA PHE E 145 50.71 -34.34 -38.41
C PHE E 145 50.21 -32.90 -38.49
N ARG E 146 49.72 -32.39 -37.38
CA ARG E 146 49.40 -30.98 -37.29
C ARG E 146 49.85 -30.52 -35.91
N GLY E 147 50.51 -29.37 -35.86
CA GLY E 147 50.94 -28.85 -34.56
C GLY E 147 51.39 -27.42 -34.66
N LYS E 148 51.50 -26.79 -33.47
CA LYS E 148 52.04 -25.47 -33.33
C LYS E 148 53.29 -25.54 -32.47
N ILE E 149 54.30 -24.81 -32.91
CA ILE E 149 55.54 -24.68 -32.16
C ILE E 149 55.98 -23.22 -32.15
N ARG E 150 57.00 -22.93 -31.35
CA ARG E 150 57.53 -21.57 -31.21
C ARG E 150 59.03 -21.59 -31.42
N THR E 151 59.58 -20.44 -31.81
CA THR E 151 61.03 -20.29 -31.82
C THR E 151 61.51 -19.98 -30.39
N ASP E 152 62.75 -20.44 -30.13
CA ASP E 152 63.75 -19.98 -29.13
C ASP E 152 63.97 -18.52 -28.95
N GLU E 153 64.76 -18.17 -27.93
CA GLU E 153 65.37 -16.84 -27.78
C GLU E 153 66.40 -16.62 -28.88
N ASN E 154 66.82 -17.71 -29.49
CA ASN E 154 67.76 -17.68 -30.61
C ASN E 154 67.05 -17.78 -31.97
N GLY E 155 65.73 -17.68 -31.93
CA GLY E 155 64.91 -17.74 -33.15
C GLY E 155 64.89 -19.15 -33.76
N ARG E 156 65.05 -20.17 -32.92
CA ARG E 156 65.26 -21.52 -33.44
C ARG E 156 64.28 -22.52 -32.91
N PHE E 157 64.14 -23.63 -33.65
CA PHE E 157 63.47 -24.81 -33.17
C PHE E 157 64.02 -26.05 -33.89
N THR E 158 63.80 -27.19 -33.27
CA THR E 158 64.07 -28.50 -33.86
C THR E 158 62.78 -29.29 -33.81
N LEU E 159 62.42 -29.85 -34.96
CA LEU E 159 61.12 -30.51 -35.07
C LEU E 159 61.30 -31.87 -35.67
N ARG E 160 60.75 -32.87 -35.00
CA ARG E 160 60.84 -34.21 -35.55
C ARG E 160 59.54 -34.57 -36.21
N THR E 161 59.62 -35.12 -37.41
CA THR E 161 58.45 -35.60 -38.10
C THR E 161 58.86 -36.76 -39.04
N ILE E 162 58.00 -37.10 -39.99
CA ILE E 162 58.43 -38.02 -41.06
C ILE E 162 58.30 -37.31 -42.39
N VAL E 163 59.02 -37.78 -43.42
CA VAL E 163 58.94 -37.15 -44.73
C VAL E 163 57.57 -37.47 -45.35
N PRO E 164 56.75 -36.44 -45.63
CA PRO E 164 55.41 -36.69 -46.18
C PRO E 164 55.53 -37.30 -47.59
N ALA E 165 54.52 -38.05 -48.01
CA ALA E 165 54.44 -38.55 -49.39
C ALA E 165 53.75 -37.50 -50.25
N PRO E 166 53.96 -37.56 -51.57
CA PRO E 166 53.20 -36.74 -52.52
C PRO E 166 51.71 -36.99 -52.31
N TYR E 167 50.92 -35.98 -52.70
N TYR E 167 50.87 -36.01 -52.59
CA TYR E 167 49.46 -35.97 -52.49
CA TYR E 167 49.46 -36.31 -52.42
C TYR E 167 48.75 -36.10 -53.85
C TYR E 167 48.61 -36.02 -53.65
N GLU E 168 47.79 -37.02 -53.96
CA GLU E 168 46.97 -37.07 -55.17
C GLU E 168 45.57 -36.46 -54.97
N ILE E 169 45.15 -35.57 -55.85
CA ILE E 169 43.75 -35.08 -55.78
C ILE E 169 42.86 -36.31 -55.95
N PRO E 170 41.96 -36.55 -55.00
CA PRO E 170 41.20 -37.80 -55.00
C PRO E 170 40.48 -38.10 -56.31
N LYS E 171 40.71 -39.33 -56.81
CA LYS E 171 40.21 -39.70 -58.11
C LYS E 171 38.70 -39.83 -58.09
N ASN E 172 38.12 -40.17 -56.94
CA ASN E 172 36.67 -40.34 -56.81
C ASN E 172 35.85 -39.06 -56.61
N GLY E 173 36.46 -37.90 -56.83
CA GLY E 173 35.74 -36.65 -56.77
C GLY E 173 35.71 -35.92 -58.11
N PRO E 174 34.88 -34.89 -58.19
CA PRO E 174 34.76 -34.10 -59.42
C PRO E 174 36.09 -33.50 -59.88
N THR E 175 36.91 -33.00 -58.94
CA THR E 175 38.18 -32.37 -59.32
C THR E 175 39.10 -33.42 -59.98
N GLY E 176 39.14 -34.59 -59.36
CA GLY E 176 39.92 -35.70 -59.90
C GLY E 176 39.38 -36.18 -61.25
N ALA E 177 38.06 -36.26 -61.35
CA ALA E 177 37.40 -36.57 -62.61
C ALA E 177 37.76 -35.58 -63.73
N LEU E 178 37.78 -34.27 -63.40
CA LEU E 178 38.18 -33.26 -64.39
C LEU E 178 39.64 -33.45 -64.82
N LEU E 179 40.52 -33.70 -63.85
CA LEU E 179 41.93 -33.89 -64.16
C LEU E 179 42.12 -35.09 -65.09
N ALA E 180 41.44 -36.19 -64.80
CA ALA E 180 41.48 -37.38 -65.67
C ALA E 180 40.94 -37.05 -67.07
N ALA E 181 39.73 -36.49 -67.13
CA ALA E 181 39.09 -36.07 -68.38
C ALA E 181 39.91 -35.14 -69.22
N ALA E 182 40.74 -34.31 -68.57
CA ALA E 182 41.55 -33.33 -69.28
C ALA E 182 42.93 -33.86 -69.66
N GLY E 183 43.26 -35.07 -69.24
CA GLY E 183 44.58 -35.64 -69.51
C GLY E 183 45.69 -35.00 -68.68
N TRP E 184 45.35 -34.53 -67.48
CA TRP E 184 46.33 -33.87 -66.60
C TRP E 184 46.62 -34.70 -65.36
N HIS E 185 47.89 -34.74 -64.95
CA HIS E 185 48.25 -35.53 -63.78
C HIS E 185 47.67 -34.80 -62.55
N ALA E 186 47.29 -35.55 -61.54
CA ALA E 186 46.58 -35.07 -60.37
C ALA E 186 47.48 -35.02 -59.10
N TRP E 187 48.79 -34.83 -59.24
CA TRP E 187 49.72 -34.97 -58.10
C TRP E 187 50.36 -33.67 -57.67
N ARG E 188 50.48 -33.52 -56.36
CA ARG E 188 51.34 -32.53 -55.73
C ARG E 188 52.61 -33.23 -55.20
N PRO E 189 53.75 -32.57 -55.27
CA PRO E 189 54.97 -33.11 -54.65
C PRO E 189 54.83 -33.12 -53.13
N ALA E 190 55.65 -33.91 -52.47
CA ALA E 190 55.75 -33.95 -51.00
C ALA E 190 55.97 -32.56 -50.48
N HIS E 191 55.27 -32.19 -49.39
CA HIS E 191 55.43 -30.81 -48.90
C HIS E 191 55.02 -30.63 -47.44
N LEU E 192 55.58 -29.60 -46.83
CA LEU E 192 55.28 -29.20 -45.45
C LEU E 192 54.62 -27.82 -45.53
N HIS E 193 53.45 -27.64 -44.91
CA HIS E 193 52.78 -26.32 -44.90
C HIS E 193 53.15 -25.57 -43.63
N TRP E 194 53.33 -24.25 -43.74
CA TRP E 194 53.64 -23.40 -42.56
C TRP E 194 52.79 -22.14 -42.59
N ILE E 195 52.19 -21.79 -41.45
CA ILE E 195 51.71 -20.41 -41.22
C ILE E 195 52.50 -19.86 -40.00
N ILE E 196 53.24 -18.78 -40.27
CA ILE E 196 54.22 -18.20 -39.32
C ILE E 196 53.81 -16.76 -38.96
N ALA E 197 53.66 -16.51 -37.65
CA ALA E 197 53.09 -15.28 -37.14
C ALA E 197 53.88 -14.79 -35.91
N LYS E 198 53.98 -13.46 -35.79
CA LYS E 198 54.43 -12.84 -34.55
C LYS E 198 53.85 -11.42 -34.46
N GLU E 199 53.18 -11.13 -33.32
CA GLU E 199 52.71 -9.77 -33.04
C GLU E 199 53.74 -8.74 -33.52
N GLY E 200 53.29 -7.82 -34.38
CA GLY E 200 54.16 -6.76 -34.85
C GLY E 200 54.83 -7.08 -36.18
N TYR E 201 54.58 -8.28 -36.70
CA TYR E 201 55.16 -8.71 -37.97
C TYR E 201 54.08 -9.15 -38.94
N GLU E 202 54.40 -9.15 -40.23
CA GLU E 202 53.46 -9.61 -41.24
C GLU E 202 53.62 -11.11 -41.26
N SER E 203 52.50 -11.80 -41.28
CA SER E 203 52.49 -13.25 -41.22
C SER E 203 52.99 -13.82 -42.54
N LEU E 204 53.44 -15.08 -42.50
CA LEU E 204 53.98 -15.73 -43.68
C LEU E 204 53.25 -17.05 -43.81
N THR E 205 52.68 -17.26 -45.00
CA THR E 205 52.12 -18.55 -45.31
C THR E 205 52.99 -19.13 -46.38
N THR E 206 53.51 -20.32 -46.12
CA THR E 206 54.36 -20.92 -47.13
C THR E 206 54.36 -22.45 -47.17
N GLN E 207 55.16 -23.01 -48.07
CA GLN E 207 55.30 -24.46 -48.22
C GLN E 207 56.77 -24.79 -48.48
N LEU E 208 57.24 -25.93 -47.97
CA LEU E 208 58.58 -26.40 -48.32
C LEU E 208 58.51 -27.74 -48.97
N TYR E 209 59.36 -27.93 -49.98
CA TYR E 209 59.38 -29.15 -50.79
C TYR E 209 60.78 -29.75 -50.69
N PHE E 210 61.00 -30.87 -51.37
CA PHE E 210 62.28 -31.59 -51.26
C PHE E 210 62.93 -31.61 -52.63
N GLU E 211 64.15 -31.08 -52.70
CA GLU E 211 64.93 -31.01 -53.94
C GLU E 211 64.87 -32.33 -54.67
N ASN E 212 64.65 -32.25 -55.99
CA ASN E 212 64.45 -33.43 -56.88
C ASN E 212 63.28 -34.34 -56.53
N GLY E 213 62.40 -33.89 -55.64
CA GLY E 213 61.24 -34.71 -55.28
C GLY E 213 60.39 -34.98 -56.51
N GLN E 214 59.81 -36.18 -56.56
CA GLN E 214 58.80 -36.54 -57.55
C GLN E 214 57.73 -35.43 -57.53
N TRP E 215 57.37 -34.98 -58.74
CA TRP E 215 56.36 -33.95 -58.97
C TRP E 215 56.80 -32.50 -58.70
N THR E 216 58.03 -32.24 -58.26
CA THR E 216 58.42 -30.86 -57.91
C THR E 216 58.49 -29.87 -59.11
N GLY E 217 58.77 -30.39 -60.31
CA GLY E 217 58.75 -29.58 -61.52
C GLY E 217 57.38 -29.54 -62.21
N SER E 218 56.45 -30.31 -61.66
CA SER E 218 55.19 -30.64 -62.32
C SER E 218 53.98 -30.66 -61.33
N ASP E 219 53.96 -29.75 -60.35
CA ASP E 219 52.90 -29.63 -59.33
C ASP E 219 51.54 -29.28 -59.99
N VAL E 220 50.53 -30.11 -59.78
CA VAL E 220 49.18 -29.87 -60.29
C VAL E 220 48.66 -28.50 -59.87
N ALA E 221 49.03 -28.08 -58.65
CA ALA E 221 48.63 -26.81 -58.06
C ALA E 221 49.55 -25.67 -58.44
N ASN E 222 50.65 -25.94 -59.15
CA ASN E 222 51.53 -24.85 -59.58
C ASN E 222 52.06 -23.95 -58.47
N ALA E 223 52.38 -24.53 -57.31
CA ALA E 223 52.64 -23.77 -56.08
C ALA E 223 54.10 -23.87 -55.64
N VAL E 224 54.94 -24.49 -56.45
CA VAL E 224 56.34 -24.48 -56.06
C VAL E 224 57.13 -23.31 -56.60
N LYS E 225 58.09 -22.86 -55.80
CA LYS E 225 58.96 -21.75 -56.15
C LYS E 225 60.37 -22.22 -55.81
N PRO E 226 61.37 -21.84 -56.60
CA PRO E 226 62.75 -22.35 -56.37
C PRO E 226 63.31 -22.14 -54.96
N GLU E 227 62.95 -21.04 -54.28
CA GLU E 227 63.43 -20.73 -52.93
C GLU E 227 62.93 -21.71 -51.86
N LEU E 228 61.96 -22.54 -52.23
CA LEU E 228 61.22 -23.37 -51.27
C LEU E 228 61.62 -24.84 -51.33
N LEU E 229 62.73 -25.16 -51.98
CA LEU E 229 63.23 -26.52 -52.03
C LEU E 229 64.26 -26.78 -50.93
N LEU E 230 64.04 -27.86 -50.18
CA LEU E 230 64.87 -28.27 -49.06
C LEU E 230 65.88 -29.31 -49.53
N SER E 231 67.12 -29.25 -49.04
CA SER E 231 68.04 -30.39 -49.26
C SER E 231 68.13 -31.26 -48.02
N LEU E 232 68.10 -32.56 -48.24
CA LEU E 232 68.09 -33.54 -47.16
C LEU E 232 69.47 -34.19 -47.04
N ASP E 233 70.01 -34.24 -45.83
CA ASP E 233 71.18 -35.07 -45.55
C ASP E 233 70.73 -36.37 -44.88
N LYS E 234 71.20 -37.50 -45.42
CA LYS E 234 70.92 -38.79 -44.83
C LYS E 234 71.92 -39.10 -43.72
N ILE E 235 71.41 -39.38 -42.52
CA ILE E 235 72.24 -39.64 -41.36
C ILE E 235 72.08 -41.09 -40.96
N GLU E 236 73.19 -41.76 -40.65
CA GLU E 236 73.16 -43.15 -40.20
C GLU E 236 73.01 -43.24 -38.68
N ALA E 237 72.48 -44.40 -38.27
CA ALA E 237 72.20 -44.70 -36.85
C ALA E 237 72.05 -46.22 -36.67
C GLY E 240 68.95 -45.77 -39.81
N PRO E 241 68.79 -45.32 -41.06
CA PRO E 241 69.02 -43.91 -41.40
C PRO E 241 67.84 -43.02 -41.01
N HIS E 242 68.06 -41.70 -41.02
CA HIS E 242 66.98 -40.70 -41.07
C HIS E 242 67.50 -39.51 -41.84
N PHE E 243 66.61 -38.53 -42.10
CA PHE E 243 67.02 -37.37 -42.85
C PHE E 243 67.03 -36.14 -41.96
N GLU E 244 67.91 -35.23 -42.31
CA GLU E 244 68.06 -33.96 -41.62
C GLU E 244 67.99 -32.83 -42.62
N THR E 245 67.36 -31.74 -42.20
CA THR E 245 67.29 -30.58 -43.07
C THR E 245 67.18 -29.30 -42.26
N SER E 246 67.29 -28.17 -42.94
CA SER E 246 67.21 -26.91 -42.23
C SER E 246 66.65 -25.84 -43.16
N TYR E 247 66.07 -24.80 -42.58
CA TYR E 247 65.54 -23.70 -43.34
C TYR E 247 65.49 -22.45 -42.46
N LYS E 248 65.75 -21.31 -43.10
CA LYS E 248 65.60 -20.02 -42.46
C LYS E 248 64.44 -19.24 -43.04
N PHE E 249 63.47 -18.89 -42.20
CA PHE E 249 62.33 -18.05 -42.58
C PHE E 249 62.58 -16.60 -42.15
N THR E 250 61.99 -15.66 -42.87
CA THR E 250 62.16 -14.22 -42.63
C THR E 250 60.80 -13.55 -42.54
N LEU E 251 60.58 -12.80 -41.47
CA LEU E 251 59.35 -12.06 -41.28
C LEU E 251 59.66 -10.58 -41.42
N GLY E 252 58.71 -9.84 -42.01
CA GLY E 252 58.81 -8.41 -42.16
C GLY E 252 57.93 -7.68 -41.16
N LYS E 253 58.44 -6.55 -40.67
CA LYS E 253 57.77 -5.74 -39.65
C LYS E 253 56.50 -5.14 -40.20
N VAL E 254 55.51 -4.99 -39.32
CA VAL E 254 54.21 -4.42 -39.68
C VAL E 254 54.34 -2.93 -39.98
N SER F 2 -49.47 -13.70 32.09
CA SER F 2 -48.33 -13.57 33.07
C SER F 2 -48.27 -14.82 33.97
N THR F 3 -49.16 -14.89 34.98
CA THR F 3 -49.32 -16.13 35.74
C THR F 3 -49.63 -17.23 34.70
N ASP F 4 -50.47 -16.87 33.72
CA ASP F 4 -50.80 -17.73 32.57
C ASP F 4 -49.58 -18.04 31.74
N ARG F 5 -48.85 -17.00 31.34
CA ARG F 5 -47.60 -17.18 30.57
C ARG F 5 -46.59 -18.14 31.24
N THR F 6 -46.30 -17.90 32.51
CA THR F 6 -45.34 -18.71 33.23
C THR F 6 -45.77 -20.18 33.34
N GLY F 7 -47.01 -20.40 33.79
CA GLY F 7 -47.58 -21.74 33.82
C GLY F 7 -47.58 -22.41 32.46
N ASN F 8 -47.87 -21.63 31.42
CA ASN F 8 -47.94 -22.15 30.06
C ASN F 8 -46.57 -22.68 29.59
N ILE F 9 -45.54 -21.84 29.74
CA ILE F 9 -44.21 -22.19 29.26
C ILE F 9 -43.60 -23.29 30.12
N VAL F 10 -43.56 -23.09 31.45
CA VAL F 10 -42.96 -24.10 32.31
C VAL F 10 -43.69 -25.46 32.24
N GLY F 11 -45.01 -25.41 32.17
CA GLY F 11 -45.82 -26.62 32.00
C GLY F 11 -45.48 -27.35 30.71
N LYS F 12 -45.33 -26.60 29.61
CA LYS F 12 -44.94 -27.25 28.34
C LYS F 12 -43.55 -27.86 28.42
N MET F 13 -42.63 -27.17 29.08
CA MET F 13 -41.26 -27.71 29.17
C MET F 13 -41.26 -28.96 30.04
N ILE F 14 -41.96 -28.92 31.18
CA ILE F 14 -42.00 -30.09 32.04
C ILE F 14 -42.65 -31.27 31.30
N ALA F 15 -43.79 -31.01 30.64
CA ALA F 15 -44.47 -32.05 29.85
C ALA F 15 -43.56 -32.67 28.75
N ALA F 16 -42.79 -31.80 28.08
CA ALA F 16 -41.89 -32.21 27.02
C ALA F 16 -40.76 -33.10 27.59
N ILE F 17 -40.23 -32.78 28.76
CA ILE F 17 -39.23 -33.63 29.37
C ILE F 17 -39.81 -35.00 29.79
N ASN F 18 -40.98 -34.96 30.40
CA ASN F 18 -41.65 -36.20 30.83
C ASN F 18 -41.99 -37.10 29.63
N ALA F 19 -42.31 -36.48 28.50
CA ALA F 19 -42.51 -37.21 27.23
C ALA F 19 -41.28 -37.97 26.81
N VAL F 20 -40.11 -37.33 26.88
CA VAL F 20 -38.84 -37.97 26.59
C VAL F 20 -38.54 -39.12 27.59
N ILE F 21 -38.74 -38.86 28.87
CA ILE F 21 -38.61 -39.89 29.90
C ILE F 21 -39.44 -41.14 29.52
N LYS F 22 -40.70 -40.93 29.17
CA LYS F 22 -41.61 -42.03 28.85
C LYS F 22 -41.17 -42.73 27.54
N ASP F 23 -40.75 -41.95 26.55
CA ASP F 23 -40.42 -42.45 25.19
C ASP F 23 -39.14 -43.25 25.26
N GLU F 24 -38.15 -42.77 26.02
CA GLU F 24 -36.82 -43.43 26.07
C GLU F 24 -36.67 -44.36 27.26
N LYS F 25 -37.73 -44.45 28.05
CA LYS F 25 -37.72 -45.36 29.20
C LYS F 25 -36.55 -45.03 30.14
N VAL F 26 -36.44 -43.75 30.49
CA VAL F 26 -35.39 -43.35 31.41
C VAL F 26 -35.58 -44.06 32.77
N SER F 27 -34.49 -44.57 33.32
CA SER F 27 -34.48 -45.48 34.47
C SER F 27 -34.27 -44.70 35.78
N TYR F 28 -34.53 -45.36 36.91
CA TYR F 28 -34.31 -44.72 38.20
C TYR F 28 -32.84 -44.46 38.40
N SER F 29 -31.98 -45.35 37.90
CA SER F 29 -30.55 -45.07 38.13
C SER F 29 -30.12 -43.86 37.29
N GLU F 30 -30.67 -43.69 36.10
CA GLU F 30 -30.38 -42.51 35.29
C GLU F 30 -30.92 -41.24 35.98
N TYR F 31 -32.11 -41.35 36.59
CA TYR F 31 -32.72 -40.22 37.35
C TYR F 31 -31.84 -39.84 38.54
N LYS F 32 -31.34 -40.83 39.27
CA LYS F 32 -30.49 -40.53 40.40
C LYS F 32 -29.19 -39.88 39.99
N ALA F 33 -28.60 -40.40 38.92
CA ALA F 33 -27.34 -39.81 38.42
C ALA F 33 -27.56 -38.35 37.97
N SER F 34 -28.71 -38.09 37.34
CA SER F 34 -29.10 -36.77 36.86
C SER F 34 -29.35 -35.79 38.00
N THR F 35 -29.96 -36.31 39.07
CA THR F 35 -30.15 -35.54 40.29
C THR F 35 -28.80 -35.06 40.88
N GLY F 36 -27.83 -35.97 41.05
CA GLY F 36 -26.50 -35.59 41.51
C GLY F 36 -25.81 -34.60 40.59
N TRP F 37 -25.96 -34.79 39.28
CA TRP F 37 -25.36 -33.88 38.30
C TRP F 37 -25.94 -32.49 38.45
N LEU F 38 -27.26 -32.38 38.48
CA LEU F 38 -27.92 -31.07 38.64
C LEU F 38 -27.46 -30.33 39.91
N ILE F 39 -27.37 -31.06 41.02
CA ILE F 39 -26.78 -30.50 42.26
C ILE F 39 -25.35 -29.98 42.03
N SER F 40 -24.55 -30.77 41.31
CA SER F 40 -23.16 -30.37 40.99
C SER F 40 -23.05 -29.08 40.15
N VAL F 41 -23.96 -28.86 39.22
CA VAL F 41 -23.98 -27.62 38.41
C VAL F 41 -24.05 -26.43 39.36
N GLY F 42 -24.99 -26.45 40.29
CA GLY F 42 -25.14 -25.35 41.26
C GLY F 42 -23.92 -25.17 42.14
N GLU F 43 -23.38 -26.29 42.63
CA GLU F 43 -22.22 -26.27 43.54
C GLU F 43 -20.99 -25.68 42.89
N LYS F 44 -20.80 -25.94 41.61
CA LYS F 44 -19.69 -25.36 40.85
C LYS F 44 -19.97 -24.07 40.13
N ASN F 45 -21.10 -23.44 40.42
CA ASN F 45 -21.39 -22.16 39.81
C ASN F 45 -21.39 -22.19 38.30
N GLU F 46 -21.95 -23.25 37.73
CA GLU F 46 -21.92 -23.43 36.28
C GLU F 46 -23.28 -23.24 35.61
N TRP F 47 -24.27 -22.68 36.31
CA TRP F 47 -25.57 -22.43 35.66
C TRP F 47 -25.47 -21.53 34.43
N PRO F 48 -24.84 -20.35 34.55
CA PRO F 48 -24.68 -19.50 33.35
C PRO F 48 -23.92 -20.21 32.23
N LEU F 49 -22.85 -20.93 32.55
CA LEU F 49 -22.14 -21.68 31.52
C LEU F 49 -23.04 -22.73 30.84
N PHE F 50 -23.65 -23.61 31.64
CA PHE F 50 -24.45 -24.68 31.07
C PHE F 50 -25.58 -24.07 30.24
N LEU F 51 -26.28 -23.07 30.77
CA LEU F 51 -27.40 -22.51 30.04
C LEU F 51 -27.00 -21.76 28.77
N ASP F 52 -25.88 -21.05 28.82
CA ASP F 52 -25.44 -20.28 27.65
C ASP F 52 -24.97 -21.24 26.55
N VAL F 53 -24.42 -22.39 26.93
CA VAL F 53 -24.03 -23.39 25.92
C VAL F 53 -25.26 -23.94 25.17
N PHE F 54 -26.27 -24.37 25.95
CA PHE F 54 -27.31 -25.18 25.36
C PHE F 54 -28.58 -24.46 24.98
N PHE F 55 -28.86 -23.30 25.61
CA PHE F 55 -30.14 -22.64 25.50
C PHE F 55 -30.07 -21.19 24.99
N GLU F 56 -28.97 -20.48 25.29
CA GLU F 56 -28.91 -19.05 24.86
C GLU F 56 -29.09 -18.86 23.35
N HIS F 57 -28.52 -19.76 22.51
CA HIS F 57 -28.79 -19.60 21.05
C HIS F 57 -30.29 -19.53 20.65
N ALA F 58 -31.15 -20.25 21.35
CA ALA F 58 -32.57 -20.24 21.01
C ALA F 58 -33.24 -18.99 21.54
N ILE F 59 -32.83 -18.52 22.72
CA ILE F 59 -33.29 -17.21 23.26
C ILE F 59 -32.87 -16.07 22.28
N GLU F 60 -31.60 -16.13 21.87
CA GLU F 60 -31.05 -15.12 21.02
C GLU F 60 -31.75 -15.14 19.67
N SER F 61 -32.00 -16.36 19.15
CA SER F 61 -32.74 -16.53 17.90
C SER F 61 -34.09 -15.84 17.90
N VAL F 62 -34.85 -15.94 19.00
CA VAL F 62 -36.08 -15.16 19.07
C VAL F 62 -35.86 -13.64 19.13
N ALA F 63 -34.91 -13.17 19.95
CA ALA F 63 -34.59 -11.74 19.98
C ALA F 63 -34.21 -11.24 18.58
N ALA F 64 -33.47 -12.06 17.86
CA ALA F 64 -33.00 -11.73 16.50
C ALA F 64 -34.12 -11.49 15.49
N GLU F 65 -35.29 -12.07 15.74
CA GLU F 65 -36.46 -11.85 14.88
C GLU F 65 -36.78 -10.35 14.73
N SER F 66 -36.44 -9.57 15.75
CA SER F 66 -36.73 -8.12 15.76
C SER F 66 -35.53 -7.20 15.41
N ASN F 67 -34.44 -7.80 14.88
CA ASN F 67 -33.25 -7.04 14.56
C ASN F 67 -33.56 -5.96 13.54
N ARG F 68 -32.99 -4.79 13.73
CA ARG F 68 -33.08 -3.69 12.78
C ARG F 68 -31.72 -3.42 12.15
N GLY F 69 -30.68 -4.10 12.65
CA GLY F 69 -29.35 -3.97 12.11
C GLY F 69 -28.82 -5.30 11.59
N SER F 70 -27.51 -5.41 11.59
CA SER F 70 -26.82 -6.56 11.04
C SER F 70 -26.95 -7.76 11.99
N GLN F 71 -26.42 -8.90 11.56
CA GLN F 71 -26.69 -10.17 12.25
C GLN F 71 -26.07 -10.19 13.66
N SER F 72 -26.82 -10.77 14.59
CA SER F 72 -26.44 -10.84 16.00
C SER F 72 -26.13 -12.28 16.40
N SER F 73 -25.62 -12.44 17.62
CA SER F 73 -25.37 -13.77 18.20
C SER F 73 -25.43 -13.69 19.73
N ILE F 74 -25.16 -14.83 20.38
CA ILE F 74 -25.24 -14.93 21.83
C ILE F 74 -24.12 -14.12 22.48
N GLN F 75 -24.35 -13.69 23.71
CA GLN F 75 -23.30 -13.04 24.47
C GLN F 75 -22.34 -14.06 25.07
N GLY F 76 -22.88 -15.20 25.54
CA GLY F 76 -22.07 -16.16 26.27
C GLY F 76 -21.79 -15.67 27.68
N PRO F 77 -21.07 -16.47 28.47
CA PRO F 77 -20.88 -16.18 29.90
C PRO F 77 -19.61 -15.44 30.31
N TYR F 78 -18.80 -15.00 29.35
CA TYR F 78 -17.47 -14.51 29.66
C TYR F 78 -17.26 -13.03 29.38
N PHE F 79 -18.34 -12.28 29.19
CA PHE F 79 -18.19 -10.85 29.21
C PHE F 79 -17.78 -10.34 30.61
N ILE F 80 -16.90 -9.34 30.62
CA ILE F 80 -16.46 -8.70 31.86
C ILE F 80 -16.56 -7.20 31.69
N PRO F 81 -17.36 -6.57 32.54
CA PRO F 81 -17.53 -5.12 32.47
C PRO F 81 -16.23 -4.36 32.80
N GLY F 82 -16.11 -3.15 32.29
CA GLY F 82 -15.00 -2.29 32.64
C GLY F 82 -13.77 -2.45 31.77
N ALA F 83 -13.86 -3.24 30.68
CA ALA F 83 -12.76 -3.22 29.70
C ALA F 83 -12.39 -1.75 29.36
N PRO F 84 -11.10 -1.41 29.33
CA PRO F 84 -10.69 0.00 29.09
C PRO F 84 -10.87 0.48 27.64
N GLU F 85 -11.16 1.78 27.50
CA GLU F 85 -11.15 2.37 26.18
C GLU F 85 -9.70 2.38 25.73
N LEU F 86 -9.47 1.90 24.52
CA LEU F 86 -8.12 1.80 23.97
C LEU F 86 -7.75 3.13 23.35
N SER F 87 -6.49 3.22 22.90
CA SER F 87 -5.93 4.40 22.26
C SER F 87 -5.44 4.08 20.85
N ILE F 88 -5.59 5.05 19.95
CA ILE F 88 -5.06 4.91 18.58
C ILE F 88 -3.52 4.82 18.59
N PRO F 89 -2.89 3.94 17.80
CA PRO F 89 -3.55 2.91 16.97
C PRO F 89 -4.10 1.71 17.78
N TYR F 90 -5.39 1.48 17.61
CA TYR F 90 -6.09 0.54 18.44
C TYR F 90 -5.43 -0.84 18.44
N THR F 91 -5.06 -1.28 19.64
CA THR F 91 -4.42 -2.58 19.87
C THR F 91 -5.04 -3.28 21.07
N MET F 92 -5.63 -4.46 20.83
CA MET F 92 -6.13 -5.24 21.97
C MET F 92 -5.03 -5.45 23.02
N PRO F 93 -5.35 -5.42 24.33
CA PRO F 93 -4.36 -5.68 25.39
C PRO F 93 -3.69 -7.08 25.25
N MET F 94 -2.37 -7.06 25.06
CA MET F 94 -1.56 -8.24 24.74
C MET F 94 -0.23 -8.14 25.45
N ARG F 95 0.32 -9.29 25.83
CA ARG F 95 1.63 -9.38 26.44
C ARG F 95 2.72 -9.16 25.42
N ASP F 96 3.94 -8.87 25.88
CA ASP F 96 5.01 -8.54 24.91
C ASP F 96 5.36 -9.73 24.01
N ASP F 97 5.29 -10.94 24.52
CA ASP F 97 5.59 -12.11 23.67
C ASP F 97 4.30 -12.86 23.28
N GLU F 98 3.16 -12.16 23.23
CA GLU F 98 1.87 -12.77 22.92
C GLU F 98 1.90 -13.71 21.69
N SER F 99 1.56 -14.97 21.91
CA SER F 99 1.55 -15.95 20.82
C SER F 99 0.40 -15.69 19.86
N GLY F 100 0.60 -16.09 18.61
CA GLY F 100 -0.49 -16.16 17.65
C GLY F 100 -0.24 -15.40 16.38
N ASP F 101 -1.05 -15.66 15.37
CA ASP F 101 -0.96 -14.90 14.11
C ASP F 101 -1.58 -13.55 14.32
N THR F 102 -0.90 -12.52 13.83
CA THR F 102 -1.37 -11.14 13.87
C THR F 102 -2.59 -10.97 12.99
N LEU F 103 -3.58 -10.22 13.49
CA LEU F 103 -4.76 -9.91 12.73
C LEU F 103 -4.99 -8.41 12.75
N ILE F 104 -5.17 -7.83 11.57
CA ILE F 104 -5.60 -6.44 11.45
C ILE F 104 -7.05 -6.46 10.99
N PHE F 105 -7.92 -5.86 11.80
CA PHE F 105 -9.35 -5.95 11.61
C PHE F 105 -9.80 -4.56 11.22
N ARG F 106 -10.36 -4.43 10.02
CA ARG F 106 -10.87 -3.12 9.61
C ARG F 106 -12.38 -3.04 9.70
N GLY F 107 -12.85 -2.18 10.59
CA GLY F 107 -14.23 -2.17 10.92
C GLY F 107 -14.93 -0.95 10.36
N GLU F 108 -16.19 -1.15 10.00
CA GLU F 108 -17.08 -0.03 9.63
C GLU F 108 -18.40 -0.25 10.32
N VAL F 109 -18.99 0.83 10.87
CA VAL F 109 -20.39 0.78 11.26
C VAL F 109 -21.26 1.90 10.68
N VAL F 110 -22.39 1.46 10.13
CA VAL F 110 -23.31 2.29 9.36
C VAL F 110 -24.74 2.13 9.89
N ASP F 111 -25.64 3.04 9.53
CA ASP F 111 -27.05 2.91 9.87
C ASP F 111 -27.81 2.14 8.79
N GLN F 112 -29.12 2.06 8.92
CA GLN F 112 -29.92 1.29 7.95
C GLN F 112 -29.92 1.89 6.51
N GLU F 113 -29.36 3.09 6.35
CA GLU F 113 -29.19 3.73 5.04
C GLU F 113 -27.82 3.47 4.41
N GLY F 114 -26.89 2.91 5.18
CA GLY F 114 -25.54 2.73 4.69
C GLY F 114 -24.64 3.90 5.03
N ALA F 115 -25.20 4.91 5.70
CA ALA F 115 -24.45 6.07 6.13
C ALA F 115 -23.62 5.74 7.37
N PRO F 116 -22.41 6.29 7.50
CA PRO F 116 -21.51 5.91 8.59
C PRO F 116 -21.99 6.50 9.90
N LEU F 117 -21.69 5.80 10.98
CA LEU F 117 -22.08 6.25 12.29
C LEU F 117 -20.81 6.53 13.03
N ALA F 118 -20.66 7.78 13.48
CA ALA F 118 -19.49 8.22 14.20
C ALA F 118 -19.71 7.94 15.66
N ASP F 119 -18.61 7.79 16.38
CA ASP F 119 -18.68 7.68 17.84
C ASP F 119 -19.49 6.49 18.34
N VAL F 120 -19.54 5.45 17.53
CA VAL F 120 -20.10 4.20 18.02
C VAL F 120 -19.10 3.63 19.04
N LEU F 121 -19.61 3.09 20.14
CA LEU F 121 -18.79 2.37 21.12
C LEU F 121 -18.88 0.84 20.94
N LEU F 122 -17.72 0.21 20.75
CA LEU F 122 -17.63 -1.24 20.57
C LEU F 122 -16.79 -1.83 21.70
N ASP F 123 -17.36 -2.80 22.39
CA ASP F 123 -16.70 -3.52 23.45
C ASP F 123 -16.33 -4.89 22.84
N MET F 124 -15.05 -5.25 22.79
CA MET F 124 -14.64 -6.53 22.15
C MET F 124 -13.94 -7.37 23.18
N TRP F 125 -14.22 -8.68 23.19
CA TRP F 125 -13.45 -9.62 23.99
C TRP F 125 -13.23 -10.93 23.19
N GLN F 126 -12.10 -11.61 23.45
CA GLN F 126 -11.72 -12.84 22.73
C GLN F 126 -10.76 -13.61 23.57
N ALA F 127 -10.65 -14.90 23.26
CA ALA F 127 -9.65 -15.73 23.88
C ALA F 127 -8.28 -15.43 23.28
N ASP F 128 -7.24 -15.91 23.95
CA ASP F 128 -5.89 -15.77 23.40
C ASP F 128 -5.63 -16.93 22.41
N ALA F 129 -4.38 -17.11 22.03
CA ALA F 129 -4.02 -18.13 21.03
C ALA F 129 -3.96 -19.55 21.61
N ALA F 130 -4.16 -19.64 22.92
CA ALA F 130 -4.30 -20.92 23.64
C ALA F 130 -5.76 -21.16 24.03
N GLY F 131 -6.65 -20.29 23.57
CA GLY F 131 -8.05 -20.46 23.84
C GLY F 131 -8.41 -20.10 25.27
N GLU F 132 -7.69 -19.18 25.90
CA GLU F 132 -8.04 -18.81 27.29
C GLU F 132 -8.48 -17.35 27.36
N TYR F 133 -9.40 -17.05 28.28
CA TYR F 133 -9.85 -15.68 28.49
C TYR F 133 -9.30 -15.11 29.79
N SER F 134 -8.99 -13.82 29.81
CA SER F 134 -8.70 -13.17 31.09
C SER F 134 -9.93 -13.20 32.02
N PHE F 135 -9.65 -13.10 33.32
CA PHE F 135 -10.59 -13.26 34.45
C PHE F 135 -11.08 -14.69 34.59
N ILE F 136 -11.59 -15.25 33.50
CA ILE F 136 -12.01 -16.67 33.53
C ILE F 136 -10.82 -17.52 33.91
N ASN F 137 -9.70 -17.29 33.25
CA ASN F 137 -8.46 -17.94 33.61
C ASN F 137 -7.68 -16.89 34.41
N PRO F 138 -7.67 -17.02 35.72
CA PRO F 138 -7.15 -15.96 36.61
C PRO F 138 -5.60 -15.84 36.58
N THR F 139 -4.89 -16.78 35.94
CA THR F 139 -3.45 -16.56 35.73
C THR F 139 -3.09 -15.64 34.57
N LEU F 140 -4.03 -15.36 33.67
CA LEU F 140 -3.80 -14.37 32.62
C LEU F 140 -3.91 -13.01 33.30
N PRO F 141 -3.19 -11.99 32.82
CA PRO F 141 -3.33 -10.64 33.38
C PRO F 141 -4.73 -10.12 33.12
N ASP F 142 -5.27 -9.40 34.09
CA ASP F 142 -6.60 -8.80 33.89
C ASP F 142 -6.71 -7.95 32.62
N TYR F 143 -7.85 -8.11 31.93
CA TYR F 143 -8.19 -7.40 30.68
C TYR F 143 -7.33 -7.79 29.51
N LEU F 144 -6.53 -8.83 29.66
CA LEU F 144 -5.96 -9.35 28.39
C LEU F 144 -7.11 -9.61 27.39
N PHE F 145 -6.94 -9.11 26.15
CA PHE F 145 -7.84 -9.31 25.04
C PHE F 145 -9.23 -8.83 25.36
N ARG F 146 -9.31 -7.71 26.09
CA ARG F 146 -10.62 -7.09 26.34
C ARG F 146 -10.40 -5.60 26.21
N GLY F 147 -11.23 -4.94 25.42
CA GLY F 147 -11.10 -3.50 25.25
C GLY F 147 -12.27 -2.86 24.52
N LYS F 148 -12.33 -1.52 24.61
CA LYS F 148 -13.35 -0.73 23.91
C LYS F 148 -12.66 0.17 22.93
N ILE F 149 -13.32 0.37 21.79
CA ILE F 149 -12.85 1.25 20.73
C ILE F 149 -14.02 2.05 20.19
N ARG F 150 -13.71 3.05 19.36
CA ARG F 150 -14.73 3.95 18.84
C ARG F 150 -14.60 4.07 17.35
N THR F 151 -15.73 4.25 16.66
CA THR F 151 -15.68 4.58 15.23
C THR F 151 -15.25 6.03 14.98
N ASP F 152 -14.59 6.20 13.83
CA ASP F 152 -14.29 7.47 13.12
C ASP F 152 -15.48 8.34 12.83
N GLU F 153 -15.20 9.59 12.40
CA GLU F 153 -16.21 10.44 11.74
C GLU F 153 -16.65 9.78 10.47
N ASN F 154 -15.81 8.88 9.96
CA ASN F 154 -16.13 8.08 8.80
C ASN F 154 -16.72 6.72 9.15
N GLY F 155 -17.06 6.53 10.44
CA GLY F 155 -17.61 5.28 10.93
C GLY F 155 -16.65 4.09 10.92
N ARG F 156 -15.35 4.36 10.86
CA ARG F 156 -14.35 3.31 10.69
C ARG F 156 -13.43 3.17 11.89
N PHE F 157 -12.80 2.01 11.99
CA PHE F 157 -11.70 1.81 12.91
C PHE F 157 -10.76 0.73 12.36
N THR F 158 -9.54 0.71 12.87
CA THR F 158 -8.59 -0.38 12.57
C THR F 158 -8.17 -0.88 13.92
N LEU F 159 -8.26 -2.20 14.13
CA LEU F 159 -7.87 -2.78 15.41
C LEU F 159 -6.82 -3.87 15.18
N ARG F 160 -5.71 -3.83 15.92
CA ARG F 160 -4.71 -4.91 15.86
C ARG F 160 -4.95 -5.94 16.96
N THR F 161 -4.99 -7.20 16.60
CA THR F 161 -5.14 -8.23 17.64
C THR F 161 -4.42 -9.50 17.14
N ILE F 162 -4.69 -10.66 17.72
CA ILE F 162 -4.19 -11.91 17.14
C ILE F 162 -5.41 -12.78 16.85
N VAL F 163 -5.29 -13.73 15.93
CA VAL F 163 -6.42 -14.65 15.71
C VAL F 163 -6.59 -15.53 16.92
N PRO F 164 -7.79 -15.52 17.55
CA PRO F 164 -8.04 -16.36 18.73
C PRO F 164 -7.98 -17.85 18.35
N ALA F 165 -7.59 -18.71 19.29
CA ALA F 165 -7.80 -20.16 19.13
C ALA F 165 -9.25 -20.53 19.49
N PRO F 166 -9.70 -21.67 18.96
CA PRO F 166 -10.97 -22.28 19.40
C PRO F 166 -10.89 -22.50 20.92
N TYR F 167 -12.06 -22.57 21.56
N TYR F 167 -11.99 -22.58 21.62
CA TYR F 167 -12.24 -22.67 23.03
CA TYR F 167 -11.84 -22.98 22.99
C TYR F 167 -12.94 -23.99 23.36
C TYR F 167 -12.89 -23.95 23.40
N GLU F 168 -12.50 -24.72 24.39
CA GLU F 168 -13.21 -25.91 24.82
C GLU F 168 -13.92 -25.57 26.11
N ILE F 169 -15.20 -25.97 26.23
CA ILE F 169 -15.88 -25.92 27.53
C ILE F 169 -15.02 -26.77 28.48
N PRO F 170 -14.64 -26.26 29.64
CA PRO F 170 -13.72 -26.99 30.52
C PRO F 170 -14.18 -28.42 30.87
N LYS F 171 -13.32 -29.38 30.65
CA LYS F 171 -13.71 -30.78 30.82
C LYS F 171 -13.94 -31.22 32.30
N ASN F 172 -13.35 -30.49 33.24
CA ASN F 172 -13.34 -30.87 34.65
C ASN F 172 -14.43 -30.18 35.48
N GLY F 173 -15.55 -29.81 34.85
CA GLY F 173 -16.70 -29.38 35.60
C GLY F 173 -17.94 -30.10 35.08
N PRO F 174 -19.10 -29.83 35.70
CA PRO F 174 -20.35 -30.50 35.32
C PRO F 174 -20.71 -30.37 33.86
N THR F 175 -20.52 -29.21 33.23
CA THR F 175 -20.92 -29.09 31.82
C THR F 175 -20.02 -29.97 30.96
N GLY F 176 -18.72 -29.90 31.24
CA GLY F 176 -17.75 -30.74 30.54
C GLY F 176 -18.06 -32.21 30.75
N ALA F 177 -18.44 -32.59 31.97
CA ALA F 177 -18.87 -33.97 32.28
C ALA F 177 -20.13 -34.43 31.52
N LEU F 178 -21.14 -33.57 31.40
CA LEU F 178 -22.29 -33.90 30.58
C LEU F 178 -21.89 -34.13 29.11
N LEU F 179 -21.08 -33.20 28.55
CA LEU F 179 -20.73 -33.31 27.13
C LEU F 179 -20.01 -34.65 26.92
N ALA F 180 -19.14 -35.01 27.85
CA ALA F 180 -18.43 -36.28 27.81
C ALA F 180 -19.39 -37.50 27.91
N ALA F 181 -20.33 -37.45 28.87
CA ALA F 181 -21.32 -38.53 29.02
C ALA F 181 -22.21 -38.68 27.80
N ALA F 182 -22.47 -37.57 27.10
CA ALA F 182 -23.33 -37.61 25.96
C ALA F 182 -22.56 -37.92 24.70
N GLY F 183 -21.23 -37.97 24.80
CA GLY F 183 -20.35 -38.14 23.64
C GLY F 183 -20.31 -36.95 22.69
N TRP F 184 -20.53 -35.75 23.21
CA TRP F 184 -20.54 -34.55 22.38
C TRP F 184 -19.22 -33.83 22.56
N HIS F 185 -18.68 -33.25 21.49
CA HIS F 185 -17.44 -32.51 21.66
C HIS F 185 -17.77 -31.17 22.29
N ALA F 186 -16.77 -30.62 22.99
CA ALA F 186 -16.94 -29.45 23.85
C ALA F 186 -16.38 -28.14 23.23
N TRP F 187 -16.25 -28.09 21.91
CA TRP F 187 -15.53 -27.00 21.25
C TRP F 187 -16.39 -25.88 20.66
N ARG F 188 -15.90 -24.64 20.81
CA ARG F 188 -16.42 -23.57 20.01
C ARG F 188 -15.37 -23.17 19.00
N PRO F 189 -15.77 -22.78 17.79
CA PRO F 189 -14.79 -22.24 16.81
C PRO F 189 -14.18 -20.92 17.33
N ALA F 190 -13.04 -20.51 16.77
CA ALA F 190 -12.37 -19.25 17.15
C ALA F 190 -13.34 -18.10 16.87
N HIS F 191 -13.39 -17.10 17.74
CA HIS F 191 -14.36 -16.05 17.54
C HIS F 191 -14.01 -14.73 18.31
N LEU F 192 -14.57 -13.63 17.82
CA LEU F 192 -14.43 -12.30 18.41
C LEU F 192 -15.83 -11.90 18.85
N HIS F 193 -15.98 -11.45 20.11
CA HIS F 193 -17.26 -11.06 20.68
C HIS F 193 -17.36 -9.55 20.59
N TRP F 194 -18.54 -9.00 20.27
CA TRP F 194 -18.73 -7.56 20.20
C TRP F 194 -20.04 -7.15 20.88
N ILE F 195 -19.99 -6.09 21.66
CA ILE F 195 -21.21 -5.37 22.05
C ILE F 195 -21.06 -3.95 21.53
N ILE F 196 -22.01 -3.52 20.69
CA ILE F 196 -21.89 -2.29 19.92
C ILE F 196 -23.05 -1.37 20.27
N ALA F 197 -22.75 -0.12 20.62
CA ALA F 197 -23.79 0.80 21.07
C ALA F 197 -23.58 2.24 20.57
N LYS F 198 -24.70 2.93 20.36
CA LYS F 198 -24.70 4.37 20.14
C LYS F 198 -26.09 4.87 20.52
N GLU F 199 -26.14 5.88 21.37
CA GLU F 199 -27.44 6.51 21.69
C GLU F 199 -28.21 6.91 20.44
N GLY F 200 -29.49 6.57 20.43
CA GLY F 200 -30.36 6.73 19.26
C GLY F 200 -30.53 5.44 18.49
N TYR F 201 -29.63 4.49 18.74
CA TYR F 201 -29.66 3.22 18.03
C TYR F 201 -29.84 2.01 18.93
N GLU F 202 -30.34 0.93 18.35
CA GLU F 202 -30.48 -0.33 19.06
C GLU F 202 -29.09 -0.97 19.11
N SER F 203 -28.67 -1.42 20.28
CA SER F 203 -27.33 -2.01 20.44
C SER F 203 -27.29 -3.34 19.70
N LEU F 204 -26.10 -3.79 19.35
CA LEU F 204 -25.92 -5.07 18.71
C LEU F 204 -24.90 -5.89 19.52
N THR F 205 -25.26 -7.13 19.88
CA THR F 205 -24.32 -8.11 20.47
C THR F 205 -24.11 -9.16 19.41
N THR F 206 -22.86 -9.40 19.07
CA THR F 206 -22.59 -10.34 17.98
C THR F 206 -21.27 -11.03 18.15
N GLN F 207 -21.03 -12.01 17.27
CA GLN F 207 -19.76 -12.71 17.26
C GLN F 207 -19.30 -12.81 15.82
N LEU F 208 -17.98 -12.77 15.58
CA LEU F 208 -17.47 -13.00 14.24
C LEU F 208 -16.54 -14.16 14.25
N TYR F 209 -16.71 -15.04 13.26
CA TYR F 209 -15.94 -16.28 13.17
C TYR F 209 -15.08 -16.21 11.92
N PHE F 210 -14.30 -17.28 11.67
CA PHE F 210 -13.30 -17.32 10.58
C PHE F 210 -13.63 -18.43 9.60
N GLU F 211 -13.84 -18.05 8.34
CA GLU F 211 -14.30 -19.01 7.31
C GLU F 211 -13.36 -20.18 7.34
N ASN F 212 -13.94 -21.37 7.28
CA ASN F 212 -13.18 -22.62 7.26
C ASN F 212 -12.42 -22.96 8.56
N GLY F 213 -12.70 -22.19 9.62
CA GLY F 213 -12.06 -22.46 10.91
C GLY F 213 -12.54 -23.77 11.52
N GLN F 214 -11.68 -24.41 12.28
CA GLN F 214 -12.06 -25.66 12.94
C GLN F 214 -13.28 -25.42 13.81
N TRP F 215 -14.24 -26.35 13.77
CA TRP F 215 -15.48 -26.31 14.57
C TRP F 215 -16.56 -25.35 14.08
N THR F 216 -16.33 -24.65 12.96
CA THR F 216 -17.29 -23.64 12.51
C THR F 216 -18.57 -24.29 12.05
N GLY F 217 -18.50 -25.56 11.63
CA GLY F 217 -19.69 -26.31 11.27
C GLY F 217 -20.40 -27.08 12.37
N SER F 218 -19.85 -27.09 13.59
CA SER F 218 -20.42 -27.84 14.70
C SER F 218 -20.15 -27.16 16.06
N ASP F 219 -20.36 -25.84 16.15
CA ASP F 219 -20.19 -25.12 17.43
C ASP F 219 -21.01 -25.80 18.51
N VAL F 220 -20.35 -26.14 19.62
CA VAL F 220 -21.03 -26.73 20.79
C VAL F 220 -22.20 -25.86 21.26
N ALA F 221 -22.04 -24.55 21.08
CA ALA F 221 -23.07 -23.57 21.53
C ALA F 221 -24.08 -23.19 20.47
N ASN F 222 -23.96 -23.77 19.27
CA ASN F 222 -24.91 -23.51 18.19
C ASN F 222 -25.12 -22.02 17.90
N ALA F 223 -24.04 -21.26 17.93
CA ALA F 223 -24.15 -19.81 17.83
C ALA F 223 -23.56 -19.20 16.55
N VAL F 224 -23.10 -20.06 15.64
CA VAL F 224 -22.63 -19.60 14.34
C VAL F 224 -23.82 -19.33 13.40
N LYS F 225 -23.75 -18.21 12.70
CA LYS F 225 -24.70 -17.90 11.63
C LYS F 225 -23.88 -17.57 10.36
N PRO F 226 -24.42 -17.89 9.18
CA PRO F 226 -23.65 -17.73 7.93
C PRO F 226 -23.14 -16.31 7.68
N GLU F 227 -23.86 -15.29 8.13
CA GLU F 227 -23.46 -13.90 7.96
C GLU F 227 -22.21 -13.49 8.78
N LEU F 228 -21.81 -14.33 9.72
CA LEU F 228 -20.82 -13.96 10.75
C LEU F 228 -19.47 -14.54 10.49
N LEU F 229 -19.30 -15.12 9.30
CA LEU F 229 -18.03 -15.71 8.91
C LEU F 229 -17.11 -14.72 8.17
N LEU F 230 -15.89 -14.54 8.66
CA LEU F 230 -14.99 -13.52 8.16
C LEU F 230 -14.03 -14.14 7.18
N SER F 231 -13.63 -13.38 6.15
CA SER F 231 -12.61 -13.88 5.24
C SER F 231 -11.27 -13.27 5.59
N LEU F 232 -10.22 -14.10 5.64
CA LEU F 232 -8.87 -13.63 5.96
C LEU F 232 -7.97 -13.51 4.72
N ASP F 233 -7.26 -12.37 4.62
CA ASP F 233 -6.21 -12.16 3.62
C ASP F 233 -4.83 -12.15 4.26
N LYS F 234 -3.86 -12.85 3.67
CA LYS F 234 -2.49 -12.88 4.19
C LYS F 234 -1.58 -11.76 3.62
N ILE F 235 -0.65 -11.27 4.44
CA ILE F 235 0.37 -10.31 4.03
C ILE F 235 -0.15 -8.87 4.01
N PRO F 241 4.14 -13.24 7.81
CA PRO F 241 3.44 -11.96 7.55
C PRO F 241 2.35 -11.64 8.60
N HIS F 242 1.14 -11.34 8.12
CA HIS F 242 -0.01 -11.16 9.02
C HIS F 242 -1.30 -11.50 8.28
N PHE F 243 -2.44 -11.39 8.97
CA PHE F 243 -3.72 -11.55 8.31
C PHE F 243 -4.51 -10.26 8.45
N GLU F 244 -5.30 -9.94 7.44
CA GLU F 244 -6.18 -8.79 7.50
C GLU F 244 -7.59 -9.21 7.18
N THR F 245 -8.55 -8.52 7.76
CA THR F 245 -9.94 -8.82 7.49
C THR F 245 -10.78 -7.58 7.64
N SER F 246 -12.00 -7.64 7.14
CA SER F 246 -12.87 -6.49 7.14
C SER F 246 -14.29 -6.91 7.49
N TYR F 247 -15.04 -6.04 8.18
CA TYR F 247 -16.45 -6.30 8.40
C TYR F 247 -17.21 -5.02 8.55
N LYS F 248 -18.43 -5.01 8.05
CA LYS F 248 -19.32 -3.88 8.23
C LYS F 248 -20.53 -4.22 9.11
N PHE F 249 -20.63 -3.54 10.25
CA PHE F 249 -21.76 -3.72 11.14
C PHE F 249 -22.81 -2.66 10.83
N THR F 250 -24.08 -3.05 10.93
CA THR F 250 -25.19 -2.11 10.83
C THR F 250 -25.97 -1.95 12.14
N LEU F 251 -26.26 -0.71 12.50
CA LEU F 251 -27.11 -0.45 13.66
C LEU F 251 -28.41 0.18 13.15
N GLY F 252 -29.56 -0.18 13.74
CA GLY F 252 -30.84 0.45 13.42
C GLY F 252 -31.32 1.44 14.47
N LYS F 253 -31.95 2.54 14.04
CA LYS F 253 -32.54 3.58 14.92
C LYS F 253 -33.58 3.04 15.88
N VAL F 254 -33.58 3.56 17.12
CA VAL F 254 -34.58 3.18 18.13
C VAL F 254 -35.97 3.65 17.68
C MET G 1 35.42 11.26 -4.83
N SER G 2 34.15 11.65 -4.79
CA SER G 2 33.22 11.30 -5.86
C SER G 2 33.60 12.03 -7.16
N THR G 3 33.92 13.33 -7.08
CA THR G 3 34.52 14.02 -8.23
C THR G 3 35.91 13.42 -8.49
N ASP G 4 36.72 13.29 -7.44
CA ASP G 4 38.00 12.58 -7.53
C ASP G 4 37.83 11.15 -8.07
N ARG G 5 36.82 10.46 -7.57
CA ARG G 5 36.68 9.03 -7.87
C ARG G 5 36.19 8.82 -9.31
N THR G 6 35.21 9.62 -9.73
CA THR G 6 34.67 9.52 -11.06
C THR G 6 35.77 9.87 -12.08
N GLY G 7 36.51 10.94 -11.78
CA GLY G 7 37.65 11.35 -12.57
C GLY G 7 38.70 10.26 -12.64
N ASN G 8 39.05 9.67 -11.48
CA ASN G 8 40.00 8.55 -11.42
C ASN G 8 39.57 7.37 -12.34
N ILE G 9 38.34 6.88 -12.18
CA ILE G 9 37.89 5.69 -12.92
C ILE G 9 37.78 5.97 -14.43
N VAL G 10 37.05 7.02 -14.76
CA VAL G 10 36.81 7.34 -16.16
C VAL G 10 38.11 7.72 -16.89
N GLY G 11 38.97 8.50 -16.22
CA GLY G 11 40.28 8.82 -16.78
C GLY G 11 41.06 7.58 -17.13
N LYS G 12 41.07 6.62 -16.22
CA LYS G 12 41.88 5.43 -16.45
C LYS G 12 41.33 4.62 -17.65
N MET G 13 40.01 4.61 -17.79
CA MET G 13 39.37 3.83 -18.83
C MET G 13 39.63 4.45 -20.19
N ILE G 14 39.51 5.76 -20.28
CA ILE G 14 39.85 6.47 -21.52
C ILE G 14 41.35 6.29 -21.92
N ALA G 15 42.23 6.44 -20.94
CA ALA G 15 43.69 6.24 -21.09
C ALA G 15 44.00 4.84 -21.62
N ALA G 16 43.38 3.84 -21.00
CA ALA G 16 43.49 2.46 -21.46
C ALA G 16 43.06 2.27 -22.92
N ILE G 17 41.92 2.84 -23.31
CA ILE G 17 41.46 2.75 -24.68
C ILE G 17 42.45 3.45 -25.62
N ASN G 18 42.89 4.63 -25.25
CA ASN G 18 43.84 5.37 -26.09
C ASN G 18 45.18 4.62 -26.22
N ALA G 19 45.61 3.94 -25.16
CA ALA G 19 46.83 3.10 -25.23
C ALA G 19 46.67 1.99 -26.26
N VAL G 20 45.50 1.36 -26.31
CA VAL G 20 45.21 0.37 -27.35
C VAL G 20 45.19 0.98 -28.75
N ILE G 21 44.60 2.16 -28.87
CA ILE G 21 44.56 2.82 -30.18
C ILE G 21 46.00 3.01 -30.70
N LYS G 22 46.88 3.44 -29.80
CA LYS G 22 48.27 3.73 -30.16
C LYS G 22 49.05 2.46 -30.47
N ASP G 23 48.92 1.43 -29.62
CA ASP G 23 49.63 0.15 -29.82
C ASP G 23 49.19 -0.59 -31.09
N GLU G 24 47.88 -0.67 -31.33
CA GLU G 24 47.36 -1.37 -32.49
C GLU G 24 47.23 -0.49 -33.73
N LYS G 25 47.62 0.78 -33.63
CA LYS G 25 47.54 1.69 -34.78
C LYS G 25 46.15 1.70 -35.43
N VAL G 26 45.14 1.89 -34.59
CA VAL G 26 43.77 2.04 -35.07
C VAL G 26 43.67 3.20 -36.04
N SER G 27 43.02 2.95 -37.16
CA SER G 27 42.99 3.90 -38.24
C SER G 27 41.76 4.81 -38.12
N TYR G 28 41.75 5.86 -38.95
CA TYR G 28 40.59 6.76 -39.04
C TYR G 28 39.40 6.04 -39.61
N SER G 29 39.64 5.12 -40.53
CA SER G 29 38.53 4.37 -41.06
C SER G 29 37.90 3.43 -40.00
N GLU G 30 38.72 2.88 -39.11
CA GLU G 30 38.22 2.03 -38.05
C GLU G 30 37.47 2.92 -37.04
N TYR G 31 37.98 4.13 -36.90
CA TYR G 31 37.42 5.09 -35.94
C TYR G 31 36.02 5.47 -36.38
N LYS G 32 35.87 5.76 -37.69
CA LYS G 32 34.55 6.08 -38.26
C LYS G 32 33.58 4.93 -38.14
N ALA G 33 34.06 3.70 -38.43
CA ALA G 33 33.23 2.50 -38.35
C ALA G 33 32.74 2.27 -36.92
N SER G 34 33.60 2.51 -35.94
CA SER G 34 33.24 2.33 -34.53
C SER G 34 32.26 3.40 -34.07
N THR G 35 32.39 4.62 -34.59
CA THR G 35 31.46 5.70 -34.28
C THR G 35 30.06 5.31 -34.75
N GLY G 36 29.97 4.81 -35.97
CA GLY G 36 28.71 4.35 -36.54
C GLY G 36 28.12 3.19 -35.71
N TRP G 37 28.99 2.25 -35.29
CA TRP G 37 28.56 1.12 -34.47
C TRP G 37 28.02 1.56 -33.12
N LEU G 38 28.73 2.46 -32.43
CA LEU G 38 28.27 2.93 -31.13
C LEU G 38 26.92 3.65 -31.22
N ILE G 39 26.76 4.43 -32.28
CA ILE G 39 25.47 5.09 -32.55
C ILE G 39 24.33 4.06 -32.70
N SER G 40 24.61 2.97 -33.43
CA SER G 40 23.64 1.88 -33.63
C SER G 40 23.22 1.15 -32.34
N VAL G 41 24.12 1.02 -31.36
CA VAL G 41 23.76 0.40 -30.09
C VAL G 41 22.61 1.18 -29.39
N GLY G 42 22.69 2.50 -29.34
CA GLY G 42 21.63 3.27 -28.70
C GLY G 42 20.36 3.24 -29.54
N GLU G 43 20.51 3.34 -30.85
CA GLU G 43 19.34 3.30 -31.75
C GLU G 43 18.58 1.97 -31.74
N LYS G 44 19.29 0.87 -31.47
CA LYS G 44 18.64 -0.46 -31.34
C LYS G 44 18.35 -0.90 -29.90
N ASN G 45 18.43 0.07 -28.99
CA ASN G 45 18.24 -0.12 -27.55
C ASN G 45 19.01 -1.30 -26.96
N GLU G 46 20.28 -1.38 -27.37
CA GLU G 46 21.07 -2.50 -26.95
C GLU G 46 22.13 -2.15 -25.90
N TRP G 47 22.07 -0.98 -25.26
CA TRP G 47 23.05 -0.68 -24.22
C TRP G 47 23.01 -1.72 -23.10
N PRO G 48 21.84 -2.00 -22.49
CA PRO G 48 21.82 -3.01 -21.43
C PRO G 48 22.35 -4.37 -21.91
N LEU G 49 21.96 -4.79 -23.09
CA LEU G 49 22.43 -6.06 -23.62
C LEU G 49 23.95 -6.05 -23.78
N PHE G 50 24.49 -5.06 -24.48
CA PHE G 50 25.94 -5.02 -24.78
C PHE G 50 26.73 -4.93 -23.48
N LEU G 51 26.31 -4.07 -22.57
CA LEU G 51 27.02 -3.90 -21.32
C LEU G 51 26.94 -5.14 -20.42
N ASP G 52 25.77 -5.77 -20.39
CA ASP G 52 25.59 -6.93 -19.51
C ASP G 52 26.37 -8.13 -20.05
N VAL G 53 26.52 -8.23 -21.36
CA VAL G 53 27.35 -9.30 -21.95
C VAL G 53 28.82 -9.15 -21.54
N PHE G 54 29.40 -7.96 -21.76
CA PHE G 54 30.86 -7.81 -21.61
C PHE G 54 31.39 -7.25 -20.33
N PHE G 55 30.53 -6.58 -19.56
CA PHE G 55 31.01 -5.89 -18.36
C PHE G 55 30.34 -6.26 -17.06
N GLU G 56 29.07 -6.70 -17.08
CA GLU G 56 28.40 -6.94 -15.79
C GLU G 56 29.10 -7.96 -14.94
N HIS G 57 29.70 -8.98 -15.57
CA HIS G 57 30.41 -10.01 -14.81
C HIS G 57 31.53 -9.44 -13.93
N ALA G 58 32.22 -8.42 -14.44
CA ALA G 58 33.24 -7.73 -13.65
C ALA G 58 32.69 -6.91 -12.50
N ILE G 59 31.60 -6.19 -12.74
CA ILE G 59 30.87 -5.46 -11.69
C ILE G 59 30.39 -6.45 -10.61
N GLU G 60 29.81 -7.54 -11.08
CA GLU G 60 29.24 -8.56 -10.19
C GLU G 60 30.31 -9.18 -9.29
N SER G 61 31.47 -9.45 -9.90
CA SER G 61 32.60 -10.05 -9.20
C SER G 61 33.06 -9.16 -8.03
N VAL G 62 33.16 -7.85 -8.25
CA VAL G 62 33.47 -6.99 -7.10
C VAL G 62 32.39 -7.01 -6.02
N ALA G 63 31.10 -6.96 -6.43
CA ALA G 63 29.99 -7.04 -5.47
C ALA G 63 30.02 -8.37 -4.70
N ALA G 64 30.35 -9.46 -5.41
CA ALA G 64 30.35 -10.80 -4.81
C ALA G 64 31.40 -10.97 -3.70
N GLU G 65 32.41 -10.10 -3.70
CA GLU G 65 33.45 -10.10 -2.64
C GLU G 65 32.85 -9.89 -1.24
N SER G 66 31.75 -9.14 -1.17
CA SER G 66 31.07 -8.83 0.07
C SER G 66 29.86 -9.73 0.36
N ASN G 67 29.71 -10.82 -0.39
CA ASN G 67 28.61 -11.78 -0.24
C ASN G 67 28.52 -12.31 1.22
N ARG G 68 27.31 -12.35 1.78
CA ARG G 68 27.10 -12.96 3.09
C ARG G 68 26.34 -14.27 3.01
N GLY G 69 25.96 -14.65 1.79
CA GLY G 69 25.22 -15.89 1.53
C GLY G 69 25.88 -16.69 0.44
N SER G 70 25.12 -17.50 -0.27
CA SER G 70 25.66 -18.41 -1.28
C SER G 70 26.02 -17.65 -2.56
N GLN G 71 26.57 -18.37 -3.52
CA GLN G 71 27.21 -17.77 -4.67
C GLN G 71 26.23 -16.98 -5.54
N SER G 72 26.66 -15.81 -6.00
CA SER G 72 25.80 -14.93 -6.79
C SER G 72 26.24 -14.90 -8.27
N SER G 73 25.50 -14.16 -9.07
CA SER G 73 25.85 -14.06 -10.48
C SER G 73 25.15 -12.84 -11.09
N ILE G 74 25.46 -12.52 -12.34
CA ILE G 74 24.82 -11.37 -12.98
C ILE G 74 23.29 -11.48 -13.14
N GLN G 75 22.62 -10.33 -13.14
CA GLN G 75 21.19 -10.30 -13.47
C GLN G 75 20.91 -10.49 -14.97
N GLY G 76 21.75 -9.92 -15.82
CA GLY G 76 21.42 -9.83 -17.23
C GLY G 76 20.31 -8.83 -17.49
N PRO G 77 19.98 -8.65 -18.76
CA PRO G 77 19.10 -7.56 -19.19
C PRO G 77 17.60 -7.93 -19.34
N TYR G 78 17.24 -9.19 -19.04
CA TYR G 78 15.90 -9.70 -19.37
C TYR G 78 14.96 -9.95 -18.20
N PHE G 79 15.28 -9.45 -17.02
CA PHE G 79 14.30 -9.45 -15.93
C PHE G 79 13.11 -8.56 -16.27
N ILE G 80 11.90 -9.05 -15.98
CA ILE G 80 10.71 -8.23 -16.05
C ILE G 80 10.02 -8.23 -14.68
N PRO G 81 9.82 -7.06 -14.08
CA PRO G 81 9.07 -6.94 -12.83
C PRO G 81 7.57 -7.28 -13.00
N GLY G 82 6.92 -7.69 -11.92
CA GLY G 82 5.52 -8.03 -11.94
C GLY G 82 5.17 -9.44 -12.37
N ALA G 83 6.15 -10.37 -12.34
CA ALA G 83 5.86 -11.72 -12.74
C ALA G 83 4.75 -12.30 -11.80
N PRO G 84 3.95 -13.22 -12.29
CA PRO G 84 2.85 -13.76 -11.49
C PRO G 84 3.34 -14.50 -10.21
N GLU G 85 2.68 -14.24 -9.09
CA GLU G 85 2.70 -15.19 -7.96
C GLU G 85 2.05 -16.53 -8.35
N LEU G 86 2.84 -17.58 -8.29
CA LEU G 86 2.38 -18.89 -8.69
C LEU G 86 1.65 -19.55 -7.51
N SER G 87 0.95 -20.66 -7.76
CA SER G 87 0.29 -21.40 -6.67
C SER G 87 0.71 -22.87 -6.61
N ILE G 88 0.65 -23.47 -5.42
CA ILE G 88 1.02 -24.87 -5.21
C ILE G 88 0.11 -25.74 -6.06
N PRO G 89 0.63 -26.74 -6.78
CA PRO G 89 2.06 -27.03 -6.89
C PRO G 89 2.71 -26.10 -7.90
N TYR G 90 3.78 -25.45 -7.49
CA TYR G 90 4.34 -24.35 -8.26
C TYR G 90 4.77 -24.89 -9.60
N THR G 91 4.32 -24.21 -10.66
CA THR G 91 4.57 -24.59 -12.04
C THR G 91 4.81 -23.30 -12.82
N MET G 92 5.98 -23.21 -13.43
CA MET G 92 6.27 -22.05 -14.27
C MET G 92 5.19 -21.90 -15.37
N PRO G 93 4.83 -20.66 -15.73
CA PRO G 93 3.87 -20.41 -16.81
C PRO G 93 4.37 -21.00 -18.13
N MET G 94 3.55 -21.91 -18.72
CA MET G 94 3.93 -22.70 -19.90
C MET G 94 2.73 -22.94 -20.85
N ARG G 95 2.98 -23.13 -22.14
CA ARG G 95 1.88 -23.49 -23.06
C ARG G 95 1.43 -24.93 -22.92
N ASP G 96 0.22 -25.25 -23.42
CA ASP G 96 -0.26 -26.64 -23.38
C ASP G 96 0.68 -27.61 -24.13
N ASP G 97 1.28 -27.12 -25.21
CA ASP G 97 2.17 -27.95 -26.00
C ASP G 97 3.65 -27.58 -25.82
N GLU G 98 4.02 -27.08 -24.63
CA GLU G 98 5.39 -26.60 -24.40
C GLU G 98 6.45 -27.68 -24.70
N SER G 99 7.40 -27.39 -25.61
CA SER G 99 8.50 -28.33 -25.88
C SER G 99 9.50 -28.33 -24.74
N GLY G 100 10.25 -29.43 -24.63
CA GLY G 100 11.36 -29.51 -23.70
C GLY G 100 11.17 -30.63 -22.70
N ASP G 101 12.26 -30.95 -22.02
CA ASP G 101 12.24 -31.94 -20.95
C ASP G 101 11.81 -31.32 -19.66
N THR G 102 10.88 -32.02 -18.99
CA THR G 102 10.39 -31.61 -17.68
C THR G 102 11.48 -31.64 -16.62
N LEU G 103 11.53 -30.57 -15.85
CA LEU G 103 12.42 -30.43 -14.72
C LEU G 103 11.64 -30.17 -13.44
N ILE G 104 11.93 -30.95 -12.40
CA ILE G 104 11.42 -30.69 -11.06
C ILE G 104 12.58 -30.16 -10.23
N PHE G 105 12.39 -28.94 -9.73
CA PHE G 105 13.43 -28.26 -8.97
C PHE G 105 12.99 -28.20 -7.50
N ARG G 106 13.76 -28.81 -6.62
CA ARG G 106 13.47 -28.78 -5.18
C ARG G 106 14.49 -27.86 -4.56
N GLY G 107 14.00 -26.76 -4.02
CA GLY G 107 14.86 -25.72 -3.52
C GLY G 107 14.77 -25.61 -2.01
N GLU G 108 15.86 -25.19 -1.39
CA GLU G 108 15.90 -24.86 0.02
C GLU G 108 16.58 -23.51 0.16
N VAL G 109 16.01 -22.63 0.98
CA VAL G 109 16.82 -21.52 1.44
C VAL G 109 17.04 -21.45 2.95
N VAL G 110 18.31 -21.34 3.32
CA VAL G 110 18.74 -21.36 4.72
C VAL G 110 19.46 -20.07 5.06
N ASP G 111 19.65 -19.80 6.35
CA ASP G 111 20.44 -18.63 6.75
C ASP G 111 21.90 -19.06 6.95
N GLN G 112 22.77 -18.15 7.40
CA GLN G 112 24.19 -18.47 7.47
C GLN G 112 24.55 -19.48 8.57
N GLU G 113 23.57 -19.79 9.44
CA GLU G 113 23.69 -20.85 10.43
C GLU G 113 23.37 -22.20 9.83
N GLY G 114 22.51 -22.20 8.81
CA GLY G 114 22.01 -23.44 8.21
C GLY G 114 20.54 -23.65 8.51
N ALA G 115 19.96 -22.69 9.22
CA ALA G 115 18.53 -22.71 9.57
C ALA G 115 17.61 -22.29 8.42
N PRO G 116 16.65 -23.18 8.09
CA PRO G 116 15.60 -22.91 7.10
C PRO G 116 14.96 -21.52 7.25
N LEU G 117 14.74 -20.86 6.12
CA LEU G 117 14.17 -19.51 6.11
C LEU G 117 12.80 -19.48 5.44
N ALA G 118 11.79 -18.99 6.16
CA ALA G 118 10.40 -19.06 5.69
C ALA G 118 9.93 -17.77 5.04
N ASP G 119 8.87 -17.86 4.21
CA ASP G 119 8.37 -16.76 3.37
C ASP G 119 9.48 -15.99 2.64
N VAL G 120 10.50 -16.70 2.15
CA VAL G 120 11.49 -16.02 1.31
C VAL G 120 10.76 -15.78 -0.02
N LEU G 121 10.92 -14.60 -0.62
CA LEU G 121 10.39 -14.35 -1.96
C LEU G 121 11.44 -14.72 -3.03
N LEU G 122 11.07 -15.57 -3.98
CA LEU G 122 11.97 -15.83 -5.11
C LEU G 122 11.25 -15.45 -6.41
N ASP G 123 11.94 -14.64 -7.22
CA ASP G 123 11.57 -14.43 -8.62
C ASP G 123 12.43 -15.38 -9.48
N MET G 124 11.83 -16.13 -10.37
CA MET G 124 12.59 -16.91 -11.33
C MET G 124 12.19 -16.56 -12.77
N TRP G 125 13.18 -16.47 -13.66
CA TRP G 125 12.93 -16.33 -15.09
C TRP G 125 13.92 -17.19 -15.91
N GLN G 126 13.47 -17.68 -17.05
CA GLN G 126 14.29 -18.52 -17.91
C GLN G 126 13.80 -18.46 -19.34
N ALA G 127 14.67 -18.89 -20.25
CA ALA G 127 14.30 -19.02 -21.65
C ALA G 127 13.54 -20.34 -21.81
N ASP G 128 12.85 -20.46 -22.93
CA ASP G 128 12.10 -21.67 -23.24
C ASP G 128 13.04 -22.67 -23.91
N ALA G 129 12.50 -23.78 -24.39
CA ALA G 129 13.34 -24.83 -24.96
C ALA G 129 13.97 -24.43 -26.30
N ALA G 130 13.57 -23.28 -26.83
CA ALA G 130 14.16 -22.74 -28.05
C ALA G 130 15.10 -21.55 -27.78
N GLY G 131 15.30 -21.19 -26.51
CA GLY G 131 16.20 -20.08 -26.21
C GLY G 131 15.56 -18.70 -26.28
N GLU G 132 14.24 -18.64 -26.11
CA GLU G 132 13.55 -17.36 -26.17
C GLU G 132 12.93 -16.97 -24.84
N TYR G 133 12.91 -15.67 -24.57
CA TYR G 133 12.32 -15.13 -23.34
C TYR G 133 11.03 -14.43 -23.69
N SER G 134 10.03 -14.56 -22.84
CA SER G 134 8.83 -13.75 -22.95
C SER G 134 9.13 -12.26 -22.73
N PHE G 135 8.27 -11.39 -23.31
CA PHE G 135 8.46 -9.94 -23.47
C PHE G 135 9.61 -9.56 -24.43
N ILE G 136 10.77 -10.15 -24.23
CA ILE G 136 11.92 -9.96 -25.13
C ILE G 136 11.58 -10.45 -26.51
N ASN G 137 10.96 -11.61 -26.58
CA ASN G 137 10.28 -11.99 -27.81
C ASN G 137 8.79 -11.80 -27.59
N PRO G 138 8.21 -10.72 -28.15
CA PRO G 138 6.83 -10.33 -27.85
C PRO G 138 5.80 -11.21 -28.52
N THR G 139 6.21 -12.20 -29.29
CA THR G 139 5.24 -13.19 -29.76
C THR G 139 5.08 -14.38 -28.81
N LEU G 140 5.99 -14.53 -27.85
CA LEU G 140 5.77 -15.53 -26.79
C LEU G 140 4.65 -14.96 -25.92
N PRO G 141 3.86 -15.80 -25.23
CA PRO G 141 2.85 -15.26 -24.34
C PRO G 141 3.50 -14.46 -23.23
N ASP G 142 2.93 -13.32 -22.88
CA ASP G 142 3.42 -12.56 -21.77
C ASP G 142 3.51 -13.43 -20.50
N TYR G 143 4.64 -13.31 -19.82
CA TYR G 143 4.96 -14.02 -18.57
C TYR G 143 5.33 -15.50 -18.71
N LEU G 144 5.42 -16.00 -19.96
CA LEU G 144 5.89 -17.35 -20.13
C LEU G 144 7.18 -17.46 -19.32
N PHE G 145 7.33 -18.57 -18.60
CA PHE G 145 8.56 -18.86 -17.82
C PHE G 145 9.06 -17.73 -16.92
N ARG G 146 8.14 -17.01 -16.32
CA ARG G 146 8.48 -16.03 -15.28
C ARG G 146 7.48 -16.20 -14.18
N GLY G 147 7.96 -16.21 -12.94
CA GLY G 147 7.03 -16.37 -11.83
C GLY G 147 7.68 -16.11 -10.50
N LYS G 148 6.83 -15.86 -9.49
CA LYS G 148 7.26 -15.65 -8.12
C LYS G 148 6.76 -16.80 -7.24
N ILE G 149 7.64 -17.26 -6.35
CA ILE G 149 7.27 -18.34 -5.42
C ILE G 149 7.75 -17.99 -4.00
N ARG G 150 7.37 -18.79 -3.01
CA ARG G 150 7.78 -18.54 -1.62
C ARG G 150 8.31 -19.82 -1.00
N THR G 151 9.20 -19.71 -0.02
CA THR G 151 9.58 -20.91 0.71
C THR G 151 8.53 -21.23 1.76
N ASP G 152 8.49 -22.52 2.09
CA ASP G 152 7.87 -23.14 3.27
C ASP G 152 8.20 -22.55 4.61
N GLU G 153 7.46 -23.04 5.62
CA GLU G 153 7.89 -23.03 7.02
C GLU G 153 9.23 -23.72 7.17
N ASN G 154 9.48 -24.72 6.34
CA ASN G 154 10.75 -25.43 6.37
C ASN G 154 11.77 -24.88 5.36
N GLY G 155 11.48 -23.71 4.81
CA GLY G 155 12.38 -23.04 3.90
C GLY G 155 12.51 -23.76 2.58
N ARG G 156 11.47 -24.48 2.19
CA ARG G 156 11.51 -25.29 0.99
C ARG G 156 10.41 -24.93 -0.03
N PHE G 157 10.63 -25.41 -1.26
CA PHE G 157 9.65 -25.32 -2.34
C PHE G 157 9.99 -26.34 -3.39
N THR G 158 8.99 -26.70 -4.16
CA THR G 158 9.13 -27.57 -5.32
C THR G 158 8.57 -26.80 -6.51
N LEU G 159 9.36 -26.73 -7.58
CA LEU G 159 8.98 -25.99 -8.81
C LEU G 159 9.10 -26.86 -10.06
N ARG G 160 8.02 -26.94 -10.81
CA ARG G 160 8.03 -27.64 -12.07
C ARG G 160 8.25 -26.64 -13.23
N THR G 161 9.12 -27.00 -14.17
CA THR G 161 9.40 -26.17 -15.32
C THR G 161 9.95 -27.09 -16.44
N ILE G 162 10.58 -26.55 -17.48
CA ILE G 162 11.34 -27.43 -18.40
C ILE G 162 12.79 -26.97 -18.45
N VAL G 163 13.68 -27.84 -18.89
CA VAL G 163 15.11 -27.49 -19.02
C VAL G 163 15.32 -26.45 -20.13
N PRO G 164 15.83 -25.24 -19.78
CA PRO G 164 16.00 -24.18 -20.79
C PRO G 164 17.08 -24.53 -21.82
N ALA G 165 16.93 -24.05 -23.06
CA ALA G 165 18.01 -24.17 -24.06
C ALA G 165 19.07 -23.10 -23.79
N PRO G 166 20.29 -23.32 -24.26
CA PRO G 166 21.26 -22.24 -24.29
C PRO G 166 20.67 -21.12 -25.16
N TYR G 167 21.14 -19.88 -24.88
N TYR G 167 21.11 -19.89 -24.96
CA TYR G 167 20.69 -18.62 -25.51
CA TYR G 167 20.68 -18.94 -25.94
C TYR G 167 21.81 -18.02 -26.39
C TYR G 167 21.75 -18.03 -26.42
N GLU G 168 21.50 -17.59 -27.62
CA GLU G 168 22.44 -16.90 -28.48
C GLU G 168 22.13 -15.40 -28.41
N ILE G 169 23.13 -14.56 -28.17
CA ILE G 169 22.94 -13.12 -28.34
C ILE G 169 22.42 -12.92 -29.77
N PRO G 170 21.33 -12.15 -29.95
CA PRO G 170 20.75 -11.97 -31.29
C PRO G 170 21.78 -11.47 -32.31
N LYS G 171 21.96 -12.22 -33.39
CA LYS G 171 22.94 -11.83 -34.39
C LYS G 171 22.48 -10.67 -35.27
N ASN G 172 21.19 -10.34 -35.23
CA ASN G 172 20.63 -9.25 -36.03
C ASN G 172 20.70 -7.84 -35.38
N GLY G 173 21.43 -7.70 -34.28
CA GLY G 173 21.65 -6.40 -33.68
C GLY G 173 23.14 -6.08 -33.60
N PRO G 174 23.45 -4.86 -33.16
CA PRO G 174 24.85 -4.43 -33.00
C PRO G 174 25.72 -5.34 -32.14
N THR G 175 25.22 -5.85 -31.03
CA THR G 175 26.04 -6.68 -30.17
C THR G 175 26.40 -7.98 -30.93
N GLY G 176 25.42 -8.56 -31.59
CA GLY G 176 25.61 -9.75 -32.39
C GLY G 176 26.59 -9.48 -33.51
N ALA G 177 26.43 -8.34 -34.15
CA ALA G 177 27.34 -7.90 -35.21
C ALA G 177 28.80 -7.73 -34.74
N LEU G 178 28.99 -7.19 -33.53
CA LEU G 178 30.34 -7.07 -32.98
C LEU G 178 30.95 -8.45 -32.74
N LEU G 179 30.17 -9.36 -32.13
CA LEU G 179 30.70 -10.71 -31.79
C LEU G 179 31.17 -11.37 -33.08
N ALA G 180 30.36 -11.23 -34.12
CA ALA G 180 30.67 -11.81 -35.43
C ALA G 180 31.95 -11.17 -36.01
N ALA G 181 31.98 -9.84 -36.05
CA ALA G 181 33.16 -9.12 -36.55
C ALA G 181 34.43 -9.47 -35.76
N ALA G 182 34.27 -9.84 -34.49
CA ALA G 182 35.41 -10.15 -33.65
C ALA G 182 35.80 -11.62 -33.68
N GLY G 183 35.06 -12.42 -34.43
CA GLY G 183 35.25 -13.88 -34.40
C GLY G 183 34.95 -14.52 -33.07
N TRP G 184 33.98 -13.98 -32.32
CA TRP G 184 33.64 -14.50 -30.99
C TRP G 184 32.28 -15.22 -31.00
N HIS G 185 32.17 -16.35 -30.31
CA HIS G 185 30.89 -17.04 -30.31
C HIS G 185 29.91 -16.25 -29.41
N ALA G 186 28.63 -16.35 -29.76
CA ALA G 186 27.56 -15.59 -29.13
C ALA G 186 26.69 -16.34 -28.10
N TRP G 187 27.15 -17.46 -27.56
CA TRP G 187 26.27 -18.35 -26.78
C TRP G 187 26.42 -18.23 -25.29
N ARG G 188 25.28 -18.30 -24.59
CA ARG G 188 25.25 -18.53 -23.15
C ARG G 188 24.83 -19.98 -22.88
N PRO G 189 25.38 -20.61 -21.83
CA PRO G 189 24.93 -21.94 -21.41
C PRO G 189 23.50 -21.84 -20.86
N ALA G 190 22.80 -22.96 -20.83
CA ALA G 190 21.41 -22.97 -20.35
C ALA G 190 21.37 -22.54 -18.87
N HIS G 191 20.39 -21.75 -18.48
CA HIS G 191 20.39 -21.24 -17.12
C HIS G 191 19.01 -20.86 -16.59
N LEU G 192 18.90 -20.89 -15.28
CA LEU G 192 17.77 -20.36 -14.53
C LEU G 192 18.19 -19.12 -13.74
N HIS G 193 17.42 -18.03 -13.86
CA HIS G 193 17.76 -16.76 -13.19
C HIS G 193 16.97 -16.70 -11.87
N TRP G 194 17.58 -16.18 -10.81
CA TRP G 194 16.86 -16.01 -9.54
C TRP G 194 17.17 -14.68 -8.89
N ILE G 195 16.13 -13.99 -8.43
CA ILE G 195 16.32 -12.93 -7.43
C ILE G 195 15.58 -13.40 -6.13
N ILE G 196 16.31 -13.44 -5.02
CA ILE G 196 15.82 -13.97 -3.76
C ILE G 196 15.91 -12.92 -2.64
N ALA G 197 14.80 -12.69 -1.94
CA ALA G 197 14.71 -11.61 -0.94
C ALA G 197 13.86 -11.98 0.26
N LYS G 198 14.27 -11.49 1.44
CA LYS G 198 13.51 -11.61 2.68
C LYS G 198 13.92 -10.45 3.59
N GLU G 199 12.94 -9.73 4.11
CA GLU G 199 13.21 -8.64 5.06
C GLU G 199 14.21 -9.00 6.13
N GLY G 200 15.24 -8.16 6.28
CA GLY G 200 16.28 -8.33 7.29
C GLY G 200 17.48 -9.13 6.80
N TYR G 201 17.43 -9.56 5.55
CA TYR G 201 18.51 -10.33 4.95
C TYR G 201 18.95 -9.64 3.66
N GLU G 202 20.17 -9.96 3.24
CA GLU G 202 20.70 -9.37 2.04
C GLU G 202 20.19 -10.22 0.89
N SER G 203 19.60 -9.55 -0.12
CA SER G 203 19.05 -10.25 -1.27
C SER G 203 20.13 -10.94 -2.04
N LEU G 204 19.72 -11.94 -2.82
CA LEU G 204 20.64 -12.71 -3.62
C LEU G 204 20.14 -12.74 -5.05
N THR G 205 21.03 -12.37 -5.97
CA THR G 205 20.73 -12.52 -7.40
C THR G 205 21.70 -13.54 -7.93
N THR G 206 21.18 -14.59 -8.54
CA THR G 206 22.07 -15.60 -9.04
C THR G 206 21.51 -16.31 -10.26
N GLN G 207 22.27 -17.31 -10.74
CA GLN G 207 21.92 -18.10 -11.89
C GLN G 207 22.34 -19.52 -11.59
N LEU G 208 21.59 -20.48 -12.08
CA LEU G 208 21.97 -21.89 -11.92
C LEU G 208 22.07 -22.52 -13.30
N TYR G 209 23.14 -23.27 -13.51
CA TYR G 209 23.42 -23.84 -14.81
C TYR G 209 23.40 -25.35 -14.66
N PHE G 210 23.71 -26.07 -15.73
CA PHE G 210 23.61 -27.53 -15.71
C PHE G 210 24.96 -28.16 -15.98
N GLU G 211 25.42 -29.01 -15.07
CA GLU G 211 26.70 -29.68 -15.28
C GLU G 211 26.75 -30.38 -16.65
N ASN G 212 27.92 -30.32 -17.27
CA ASN G 212 28.16 -30.75 -18.67
C ASN G 212 27.30 -30.07 -19.74
N GLY G 213 26.70 -28.93 -19.37
CA GLY G 213 25.95 -28.15 -20.33
C GLY G 213 26.89 -27.52 -21.31
N GLN G 214 26.49 -27.52 -22.57
CA GLN G 214 27.25 -26.82 -23.58
C GLN G 214 27.37 -25.34 -23.18
N TRP G 215 28.60 -24.83 -23.33
CA TRP G 215 28.96 -23.42 -23.12
C TRP G 215 29.19 -23.05 -21.66
N THR G 216 29.03 -24.01 -20.75
CA THR G 216 29.29 -23.71 -19.35
C THR G 216 30.73 -23.35 -19.09
N GLY G 217 31.68 -23.82 -19.93
CA GLY G 217 33.08 -23.45 -19.77
C GLY G 217 33.46 -22.34 -20.73
N SER G 218 32.46 -21.82 -21.45
CA SER G 218 32.69 -20.85 -22.52
C SER G 218 31.60 -19.79 -22.65
N ASP G 219 31.08 -19.30 -21.53
CA ASP G 219 29.93 -18.38 -21.54
C ASP G 219 30.31 -17.04 -22.20
N VAL G 220 29.59 -16.62 -23.22
CA VAL G 220 29.86 -15.32 -23.87
C VAL G 220 29.83 -14.18 -22.81
N ALA G 221 29.00 -14.33 -21.76
CA ALA G 221 28.87 -13.31 -20.69
C ALA G 221 29.82 -13.54 -19.51
N ASN G 222 30.63 -14.61 -19.58
CA ASN G 222 31.56 -14.93 -18.50
C ASN G 222 30.93 -14.94 -17.09
N ALA G 223 29.75 -15.53 -16.94
CA ALA G 223 28.99 -15.33 -15.70
C ALA G 223 28.82 -16.63 -14.93
N VAL G 224 29.41 -17.71 -15.42
CA VAL G 224 29.31 -18.95 -14.65
C VAL G 224 30.43 -19.05 -13.60
N LYS G 225 30.11 -19.69 -12.48
CA LYS G 225 31.01 -19.97 -11.37
C LYS G 225 30.77 -21.44 -10.95
N PRO G 226 31.79 -22.11 -10.42
CA PRO G 226 31.67 -23.56 -10.12
C PRO G 226 30.56 -23.87 -9.15
N GLU G 227 30.24 -22.97 -8.24
CA GLU G 227 29.23 -23.29 -7.24
C GLU G 227 27.80 -23.37 -7.81
N LEU G 228 27.63 -22.99 -9.08
CA LEU G 228 26.31 -22.76 -9.65
C LEU G 228 25.86 -23.84 -10.63
N LEU G 229 26.59 -24.96 -10.66
CA LEU G 229 26.25 -26.04 -11.59
C LEU G 229 25.41 -27.12 -10.90
N LEU G 230 24.26 -27.40 -11.48
CA LEU G 230 23.30 -28.39 -11.00
C LEU G 230 23.51 -29.75 -11.65
N SER G 231 23.35 -30.82 -10.87
CA SER G 231 23.29 -32.16 -11.45
C SER G 231 21.83 -32.62 -11.62
N LEU G 232 21.51 -33.14 -12.80
CA LEU G 232 20.17 -33.63 -13.12
C LEU G 232 20.05 -35.15 -12.94
N ASP G 233 19.06 -35.56 -12.14
CA ASP G 233 18.72 -36.98 -11.99
C ASP G 233 17.58 -37.33 -12.92
N LYS G 234 17.85 -38.20 -13.89
CA LYS G 234 16.79 -38.71 -14.75
C LYS G 234 16.02 -39.74 -13.95
N ILE G 235 14.70 -39.61 -13.93
CA ILE G 235 13.85 -40.59 -13.29
C ILE G 235 12.81 -41.04 -14.31
N GLU G 236 12.91 -42.31 -14.73
CA GLU G 236 11.99 -42.87 -15.72
C GLU G 236 10.70 -43.29 -15.02
N ALA G 237 9.68 -42.41 -15.06
CA ALA G 237 8.41 -42.63 -14.35
C ALA G 237 7.23 -42.75 -15.31
N PRO G 241 9.00 -39.99 -17.89
CA PRO G 241 10.31 -39.49 -18.37
C PRO G 241 10.53 -38.01 -17.96
N HIS G 242 11.44 -37.76 -17.01
CA HIS G 242 11.77 -36.38 -16.62
C HIS G 242 13.06 -36.24 -15.80
N PHE G 243 13.43 -35.00 -15.49
CA PHE G 243 14.60 -34.69 -14.70
C PHE G 243 14.26 -34.02 -13.36
N GLU G 244 15.11 -34.28 -12.38
CA GLU G 244 14.94 -33.70 -11.05
C GLU G 244 16.26 -33.14 -10.61
N THR G 245 16.21 -32.08 -9.80
CA THR G 245 17.44 -31.48 -9.31
C THR G 245 17.18 -30.72 -8.03
N SER G 246 18.24 -30.33 -7.36
CA SER G 246 18.17 -29.82 -6.00
C SER G 246 19.16 -28.71 -5.83
N TYR G 247 18.83 -27.73 -5.01
CA TYR G 247 19.77 -26.67 -4.69
C TYR G 247 19.44 -25.99 -3.39
N LYS G 248 20.49 -25.65 -2.65
CA LYS G 248 20.36 -24.92 -1.42
C LYS G 248 20.91 -23.50 -1.54
N PHE G 249 20.04 -22.51 -1.45
CA PHE G 249 20.48 -21.10 -1.37
C PHE G 249 20.72 -20.71 0.09
N THR G 250 21.69 -19.84 0.30
CA THR G 250 21.93 -19.24 1.61
C THR G 250 21.81 -17.75 1.54
N LEU G 251 21.06 -17.19 2.48
CA LEU G 251 20.90 -15.75 2.62
C LEU G 251 21.60 -15.30 3.89
N GLY G 252 22.39 -14.23 3.77
CA GLY G 252 23.06 -13.61 4.90
C GLY G 252 22.21 -12.54 5.57
N LYS G 253 22.18 -12.58 6.91
CA LYS G 253 21.40 -11.66 7.71
C LYS G 253 21.99 -10.26 7.64
N VAL G 254 21.12 -9.29 7.94
CA VAL G 254 21.44 -7.86 8.08
C VAL G 254 21.54 -7.27 6.70
N SER H 2 -17.70 23.13 10.66
CA SER H 2 -17.01 24.02 9.68
C SER H 2 -15.51 24.24 9.90
N THR H 3 -15.10 24.59 11.13
CA THR H 3 -13.72 24.40 11.57
C THR H 3 -13.45 22.91 11.39
N ASP H 4 -14.31 22.09 12.00
CA ASP H 4 -14.28 20.64 11.84
C ASP H 4 -14.20 20.22 10.37
N ARG H 5 -15.04 20.80 9.52
CA ARG H 5 -15.09 20.40 8.10
C ARG H 5 -13.82 20.80 7.34
N THR H 6 -13.42 22.06 7.45
CA THR H 6 -12.22 22.55 6.74
C THR H 6 -11.00 21.77 7.23
N GLY H 7 -10.88 21.66 8.55
CA GLY H 7 -9.87 20.80 9.18
C GLY H 7 -9.88 19.39 8.64
N ASN H 8 -11.05 18.78 8.58
CA ASN H 8 -11.20 17.43 8.08
C ASN H 8 -10.70 17.31 6.64
N ILE H 9 -11.15 18.25 5.78
CA ILE H 9 -10.87 18.13 4.35
C ILE H 9 -9.39 18.39 4.06
N VAL H 10 -8.90 19.51 4.57
CA VAL H 10 -7.50 19.90 4.34
C VAL H 10 -6.51 18.91 4.98
N GLY H 11 -6.84 18.44 6.19
CA GLY H 11 -5.98 17.47 6.89
C GLY H 11 -5.87 16.17 6.12
N LYS H 12 -6.98 15.69 5.56
CA LYS H 12 -6.97 14.49 4.73
C LYS H 12 -6.17 14.70 3.43
N MET H 13 -6.30 15.87 2.82
CA MET H 13 -5.52 16.12 1.60
C MET H 13 -4.00 16.19 1.89
N ILE H 14 -3.65 16.91 2.95
CA ILE H 14 -2.21 17.03 3.33
C ILE H 14 -1.66 15.63 3.67
N ALA H 15 -2.40 14.87 4.48
CA ALA H 15 -1.96 13.53 4.85
C ALA H 15 -1.77 12.63 3.63
N ALA H 16 -2.69 12.72 2.67
CA ALA H 16 -2.58 11.91 1.44
C ALA H 16 -1.36 12.28 0.64
N ILE H 17 -1.06 13.59 0.58
CA ILE H 17 0.15 14.02 -0.12
C ILE H 17 1.40 13.49 0.56
N ASN H 18 1.45 13.62 1.87
CA ASN H 18 2.61 13.14 2.65
C ASN H 18 2.71 11.63 2.60
N ALA H 19 1.59 10.92 2.44
CA ALA H 19 1.67 9.44 2.23
C ALA H 19 2.34 9.09 0.91
N VAL H 20 2.05 9.85 -0.15
CA VAL H 20 2.75 9.68 -1.44
C VAL H 20 4.26 9.96 -1.36
N ILE H 21 4.61 11.04 -0.66
CA ILE H 21 6.01 11.45 -0.51
C ILE H 21 6.82 10.29 0.13
N LYS H 22 6.26 9.70 1.18
CA LYS H 22 6.88 8.59 1.90
C LYS H 22 6.98 7.35 1.01
N ASP H 23 5.85 6.94 0.43
CA ASP H 23 5.77 5.73 -0.45
C ASP H 23 6.72 5.77 -1.63
N GLU H 24 6.76 6.93 -2.30
CA GLU H 24 7.62 7.12 -3.48
C GLU H 24 8.99 7.71 -3.18
N LYS H 25 9.23 8.01 -1.90
CA LYS H 25 10.54 8.52 -1.45
C LYS H 25 10.94 9.76 -2.23
N VAL H 26 10.02 10.73 -2.24
CA VAL H 26 10.27 12.00 -2.89
C VAL H 26 11.45 12.70 -2.21
N SER H 27 12.37 13.16 -3.03
CA SER H 27 13.66 13.71 -2.59
C SER H 27 13.55 15.22 -2.36
N TYR H 28 14.57 15.74 -1.69
CA TYR H 28 14.67 17.18 -1.50
C TYR H 28 14.82 17.94 -2.82
N SER H 29 15.52 17.36 -3.81
CA SER H 29 15.66 18.01 -5.12
C SER H 29 14.30 18.12 -5.79
N GLU H 30 13.51 17.05 -5.73
CA GLU H 30 12.17 17.06 -6.26
C GLU H 30 11.30 18.09 -5.51
N TYR H 31 11.45 18.16 -4.19
CA TYR H 31 10.68 19.11 -3.38
C TYR H 31 11.03 20.53 -3.81
N LYS H 32 12.31 20.76 -4.05
CA LYS H 32 12.78 22.07 -4.49
C LYS H 32 12.22 22.44 -5.87
N ALA H 33 12.26 21.48 -6.82
CA ALA H 33 11.71 21.72 -8.14
C ALA H 33 10.21 22.01 -8.04
N SER H 34 9.53 21.30 -7.14
CA SER H 34 8.08 21.38 -7.05
C SER H 34 7.70 22.74 -6.47
N THR H 35 8.51 23.19 -5.52
CA THR H 35 8.41 24.54 -4.93
C THR H 35 8.52 25.62 -6.01
N GLY H 36 9.57 25.56 -6.84
CA GLY H 36 9.70 26.47 -7.96
C GLY H 36 8.52 26.42 -8.94
N TRP H 37 8.04 25.21 -9.24
CA TRP H 37 6.94 25.06 -10.20
C TRP H 37 5.68 25.71 -9.64
N LEU H 38 5.39 25.47 -8.37
CA LEU H 38 4.17 26.03 -7.74
C LEU H 38 4.20 27.53 -7.73
N ILE H 39 5.38 28.09 -7.42
CA ILE H 39 5.56 29.53 -7.56
C ILE H 39 5.26 30.01 -8.98
N SER H 40 5.68 29.24 -9.99
CA SER H 40 5.48 29.67 -11.37
C SER H 40 3.99 29.61 -11.74
N VAL H 41 3.25 28.64 -11.20
CA VAL H 41 1.80 28.60 -11.47
C VAL H 41 1.16 29.95 -11.09
N GLY H 42 1.45 30.45 -9.90
CA GLY H 42 0.96 31.76 -9.51
C GLY H 42 1.46 32.88 -10.41
N GLU H 43 2.77 32.91 -10.68
CA GLU H 43 3.33 34.01 -11.49
C GLU H 43 2.74 34.07 -12.89
N LYS H 44 2.37 32.91 -13.43
CA LYS H 44 1.77 32.81 -14.78
C LYS H 44 0.26 32.92 -14.76
N ASN H 45 -0.33 33.21 -13.59
CA ASN H 45 -1.79 33.25 -13.45
C ASN H 45 -2.48 31.99 -13.98
N GLU H 46 -1.88 30.85 -13.67
CA GLU H 46 -2.42 29.57 -14.14
C GLU H 46 -3.18 28.74 -13.06
N TRP H 47 -3.51 29.33 -11.91
CA TRP H 47 -4.28 28.58 -10.91
C TRP H 47 -5.63 28.07 -11.44
N PRO H 48 -6.47 28.92 -12.05
CA PRO H 48 -7.73 28.41 -12.59
C PRO H 48 -7.48 27.35 -13.67
N LEU H 49 -6.50 27.57 -14.53
CA LEU H 49 -6.22 26.54 -15.54
C LEU H 49 -5.82 25.17 -14.94
N PHE H 50 -4.78 25.18 -14.10
CA PHE H 50 -4.27 23.96 -13.51
C PHE H 50 -5.35 23.28 -12.72
N LEU H 51 -6.05 24.00 -11.84
CA LEU H 51 -7.11 23.38 -11.03
C LEU H 51 -8.26 22.84 -11.89
N ASP H 52 -8.69 23.62 -12.87
CA ASP H 52 -9.84 23.19 -13.67
C ASP H 52 -9.48 21.96 -14.54
N VAL H 53 -8.22 21.83 -14.90
CA VAL H 53 -7.78 20.63 -15.65
C VAL H 53 -7.87 19.35 -14.79
N PHE H 54 -7.37 19.44 -13.55
CA PHE H 54 -7.13 18.26 -12.77
C PHE H 54 -8.18 17.97 -11.72
N PHE H 55 -8.88 18.99 -11.24
CA PHE H 55 -9.79 18.82 -10.11
C PHE H 55 -11.24 19.23 -10.35
N GLU H 56 -11.50 20.16 -11.27
CA GLU H 56 -12.87 20.63 -11.43
C GLU H 56 -13.84 19.49 -11.76
N HIS H 57 -13.41 18.50 -12.54
CA HIS H 57 -14.33 17.41 -12.87
C HIS H 57 -14.83 16.68 -11.59
N ALA H 58 -13.97 16.55 -10.57
CA ALA H 58 -14.35 15.90 -9.33
C ALA H 58 -15.31 16.77 -8.52
N ILE H 59 -15.03 18.07 -8.46
CA ILE H 59 -15.96 18.99 -7.82
C ILE H 59 -17.33 18.92 -8.52
N GLU H 60 -17.30 18.93 -9.84
CA GLU H 60 -18.52 19.05 -10.63
C GLU H 60 -19.34 17.76 -10.44
N SER H 61 -18.64 16.64 -10.39
CA SER H 61 -19.29 15.34 -10.24
C SER H 61 -20.05 15.25 -8.92
N VAL H 62 -19.51 15.84 -7.85
CA VAL H 62 -20.23 15.95 -6.59
C VAL H 62 -21.51 16.78 -6.78
N ALA H 63 -21.34 17.95 -7.39
CA ALA H 63 -22.46 18.88 -7.58
C ALA H 63 -23.53 18.22 -8.43
N ALA H 64 -23.12 17.46 -9.43
CA ALA H 64 -24.02 16.86 -10.42
C ALA H 64 -25.00 15.86 -9.79
N GLU H 65 -24.65 15.38 -8.59
CA GLU H 65 -25.50 14.44 -7.84
C GLU H 65 -26.84 15.09 -7.48
N SER H 66 -26.85 16.41 -7.31
CA SER H 66 -28.07 17.14 -6.98
C SER H 66 -28.81 17.77 -8.18
N ASN H 67 -28.45 17.38 -9.40
CA ASN H 67 -29.01 17.97 -10.62
C ASN H 67 -30.52 17.75 -10.65
N ARG H 68 -31.25 18.78 -11.03
CA ARG H 68 -32.70 18.70 -11.25
C ARG H 68 -33.07 18.75 -12.73
N GLY H 69 -32.08 19.06 -13.56
CA GLY H 69 -32.31 19.17 -14.99
C GLY H 69 -31.44 18.14 -15.67
N SER H 70 -31.03 18.43 -16.89
CA SER H 70 -30.21 17.52 -17.65
C SER H 70 -28.74 17.61 -17.25
N GLN H 71 -27.95 16.80 -17.93
CA GLN H 71 -26.57 16.55 -17.57
C GLN H 71 -25.69 17.80 -17.71
N SER H 72 -24.76 17.90 -16.79
CA SER H 72 -23.93 19.07 -16.54
C SER H 72 -22.47 18.69 -16.75
N SER H 73 -21.59 19.69 -16.78
CA SER H 73 -20.15 19.43 -16.87
C SER H 73 -19.41 20.65 -16.34
N ILE H 74 -18.09 20.58 -16.43
CA ILE H 74 -17.25 21.64 -15.86
C ILE H 74 -17.37 22.95 -16.65
N GLN H 75 -17.14 24.07 -15.96
CA GLN H 75 -17.06 25.37 -16.64
C GLN H 75 -15.74 25.57 -17.39
N GLY H 76 -14.65 25.08 -16.80
CA GLY H 76 -13.35 25.45 -17.29
C GLY H 76 -13.02 26.92 -17.06
N PRO H 77 -11.81 27.32 -17.43
CA PRO H 77 -11.27 28.63 -17.07
C PRO H 77 -11.46 29.76 -18.06
N TYR H 78 -12.15 29.52 -19.18
CA TYR H 78 -12.17 30.51 -20.26
C TYR H 78 -13.53 31.18 -20.49
N PHE H 79 -14.41 31.15 -19.50
CA PHE H 79 -15.67 31.89 -19.64
C PHE H 79 -15.32 33.39 -19.54
N ILE H 80 -15.94 34.23 -20.36
CA ILE H 80 -15.80 35.70 -20.25
C ILE H 80 -17.20 36.35 -20.12
N PRO H 81 -17.39 37.14 -19.05
CA PRO H 81 -18.64 37.90 -18.87
C PRO H 81 -18.91 38.93 -19.96
N GLY H 82 -20.18 39.23 -20.16
CA GLY H 82 -20.55 40.31 -21.05
C GLY H 82 -20.48 39.98 -22.51
N ALA H 83 -20.51 38.70 -22.87
CA ALA H 83 -20.58 38.31 -24.26
C ALA H 83 -21.83 38.93 -24.89
N PRO H 84 -21.78 39.20 -26.18
CA PRO H 84 -22.90 39.87 -26.87
C PRO H 84 -24.26 39.09 -26.91
N GLU H 85 -25.37 39.77 -26.56
CA GLU H 85 -26.69 39.27 -26.93
C GLU H 85 -26.78 39.30 -28.46
N LEU H 86 -27.03 38.15 -29.04
CA LEU H 86 -27.07 37.98 -30.49
C LEU H 86 -28.48 38.22 -30.98
N SER H 87 -28.65 38.34 -32.27
CA SER H 87 -30.00 38.51 -32.78
C SER H 87 -30.34 37.54 -33.92
N ILE H 88 -31.63 37.31 -34.11
CA ILE H 88 -32.13 36.36 -35.10
C ILE H 88 -31.70 36.82 -36.51
N PRO H 89 -31.15 35.93 -37.36
CA PRO H 89 -30.92 34.51 -37.06
C PRO H 89 -29.63 34.38 -36.25
N TYR H 90 -29.70 33.70 -35.10
CA TYR H 90 -28.56 33.66 -34.18
C TYR H 90 -27.32 33.12 -34.87
N THR H 91 -26.25 33.90 -34.83
CA THR H 91 -24.98 33.51 -35.43
C THR H 91 -23.83 33.85 -34.48
N MET H 92 -23.03 32.84 -34.11
CA MET H 92 -21.87 33.11 -33.24
C MET H 92 -20.99 34.13 -33.94
N PRO H 93 -20.36 35.04 -33.19
CA PRO H 93 -19.48 36.06 -33.79
C PRO H 93 -18.26 35.42 -34.48
N MET H 94 -18.09 35.72 -35.78
CA MET H 94 -17.07 35.07 -36.62
C MET H 94 -16.53 36.06 -37.62
N ARG H 95 -15.31 35.82 -38.11
CA ARG H 95 -14.68 36.69 -39.10
C ARG H 95 -15.22 36.40 -40.49
N ASP H 96 -15.03 37.33 -41.42
CA ASP H 96 -15.59 37.18 -42.77
C ASP H 96 -15.02 35.95 -43.50
N ASP H 97 -13.76 35.64 -43.21
CA ASP H 97 -13.07 34.44 -43.73
C ASP H 97 -12.84 33.35 -42.66
N GLU H 98 -13.73 33.26 -41.66
CA GLU H 98 -13.65 32.24 -40.60
C GLU H 98 -13.53 30.82 -41.16
N SER H 99 -12.48 30.12 -40.77
CA SER H 99 -12.29 28.71 -41.14
C SER H 99 -13.20 27.76 -40.42
N GLY H 100 -13.47 26.62 -41.05
CA GLY H 100 -14.09 25.50 -40.37
C GLY H 100 -15.37 25.10 -41.05
N ASP H 101 -15.95 24.00 -40.55
CA ASP H 101 -17.18 23.45 -41.06
C ASP H 101 -18.36 24.09 -40.38
N THR H 102 -19.35 24.53 -41.17
CA THR H 102 -20.57 25.12 -40.62
C THR H 102 -21.37 24.15 -39.77
N LEU H 103 -21.81 24.61 -38.61
CA LEU H 103 -22.67 23.86 -37.78
C LEU H 103 -23.95 24.63 -37.55
N ILE H 104 -25.09 23.97 -37.80
CA ILE H 104 -26.40 24.50 -37.44
C ILE H 104 -26.88 23.71 -36.24
N PHE H 105 -26.99 24.41 -35.12
CA PHE H 105 -27.38 23.80 -33.86
C PHE H 105 -28.80 24.19 -33.54
N ARG H 106 -29.66 23.17 -33.40
CA ARG H 106 -31.05 23.40 -33.07
C ARG H 106 -31.29 22.99 -31.64
N GLY H 107 -31.70 23.95 -30.81
CA GLY H 107 -31.79 23.67 -29.39
C GLY H 107 -33.19 23.83 -28.88
N GLU H 108 -33.46 23.10 -27.81
CA GLU H 108 -34.71 23.20 -27.11
C GLU H 108 -34.44 23.13 -25.61
N VAL H 109 -35.09 23.97 -24.83
CA VAL H 109 -35.04 23.80 -23.39
C VAL H 109 -36.41 23.68 -22.73
N VAL H 110 -36.55 22.65 -21.92
CA VAL H 110 -37.82 22.27 -21.31
C VAL H 110 -37.67 22.14 -19.80
N ASP H 111 -38.79 22.20 -19.07
CA ASP H 111 -38.82 21.96 -17.63
C ASP H 111 -38.85 20.46 -17.29
N GLN H 112 -38.98 20.14 -15.99
CA GLN H 112 -39.01 18.75 -15.50
C GLN H 112 -40.19 17.96 -16.08
N GLU H 113 -41.26 18.67 -16.47
CA GLU H 113 -42.44 18.07 -17.11
C GLU H 113 -42.28 17.86 -18.61
N GLY H 114 -41.33 18.56 -19.22
CA GLY H 114 -41.11 18.38 -20.65
C GLY H 114 -41.77 19.52 -21.41
N ALA H 115 -42.33 20.45 -20.66
CA ALA H 115 -42.96 21.63 -21.21
C ALA H 115 -41.92 22.71 -21.60
N PRO H 116 -42.13 23.40 -22.72
CA PRO H 116 -41.13 24.35 -23.24
C PRO H 116 -40.89 25.46 -22.23
N LEU H 117 -39.65 25.96 -22.13
CA LEU H 117 -39.37 27.16 -21.33
C LEU H 117 -38.96 28.30 -22.25
N ALA H 118 -39.68 29.41 -22.12
CA ALA H 118 -39.50 30.56 -22.99
C ALA H 118 -38.55 31.50 -22.32
N ASP H 119 -37.87 32.31 -23.13
CA ASP H 119 -36.98 33.35 -22.64
C ASP H 119 -35.90 32.84 -21.67
N VAL H 120 -35.43 31.62 -21.90
CA VAL H 120 -34.25 31.14 -21.17
C VAL H 120 -33.02 31.88 -21.76
N LEU H 121 -32.06 32.28 -20.90
CA LEU H 121 -30.80 32.83 -21.40
C LEU H 121 -29.73 31.72 -21.47
N LEU H 122 -29.11 31.58 -22.64
CA LEU H 122 -27.98 30.69 -22.83
C LEU H 122 -26.74 31.57 -23.16
N ASP H 123 -25.66 31.40 -22.39
CA ASP H 123 -24.37 31.92 -22.78
C ASP H 123 -23.67 30.75 -23.44
N MET H 124 -23.06 30.99 -24.60
CA MET H 124 -22.30 29.93 -25.26
C MET H 124 -20.91 30.43 -25.57
N TRP H 125 -19.89 29.57 -25.39
CA TRP H 125 -18.56 29.94 -25.87
C TRP H 125 -17.82 28.70 -26.34
N GLN H 126 -16.91 28.89 -27.28
CA GLN H 126 -16.18 27.79 -27.92
C GLN H 126 -14.88 28.32 -28.51
N ALA H 127 -14.00 27.40 -28.86
CA ALA H 127 -12.76 27.73 -29.57
C ALA H 127 -13.03 27.82 -31.07
N ASP H 128 -12.10 28.39 -31.82
CA ASP H 128 -12.30 28.46 -33.25
C ASP H 128 -11.79 27.13 -33.85
N ALA H 129 -11.72 27.10 -35.18
CA ALA H 129 -11.23 25.93 -35.92
C ALA H 129 -9.74 25.64 -35.71
N ALA H 130 -8.98 26.59 -35.14
CA ALA H 130 -7.62 26.31 -34.73
C ALA H 130 -7.51 26.01 -33.22
N GLY H 131 -8.64 25.86 -32.54
CA GLY H 131 -8.67 25.60 -31.11
C GLY H 131 -8.19 26.78 -30.27
N GLU H 132 -8.53 28.01 -30.68
CA GLU H 132 -8.18 29.19 -29.90
C GLU H 132 -9.42 29.92 -29.45
N TYR H 133 -9.33 30.61 -28.31
CA TYR H 133 -10.46 31.33 -27.73
C TYR H 133 -10.15 32.82 -27.76
N SER H 134 -11.18 33.63 -28.02
CA SER H 134 -11.03 35.07 -27.89
C SER H 134 -10.71 35.45 -26.43
N PHE H 135 -10.03 36.59 -26.26
CA PHE H 135 -9.54 37.11 -24.96
C PHE H 135 -8.35 36.31 -24.47
N ILE H 136 -8.52 34.98 -24.38
CA ILE H 136 -7.43 34.08 -24.03
C ILE H 136 -6.27 34.21 -25.01
N ASN H 137 -6.58 34.19 -26.29
CA ASN H 137 -5.62 34.62 -27.30
C ASN H 137 -5.98 36.05 -27.75
N PRO H 138 -5.19 37.04 -27.34
CA PRO H 138 -5.54 38.47 -27.53
C PRO H 138 -5.34 38.97 -28.96
N THR H 139 -4.85 38.12 -29.85
CA THR H 139 -4.79 38.49 -31.25
C THR H 139 -6.07 38.07 -32.01
N LEU H 140 -6.97 37.31 -31.38
CA LEU H 140 -8.30 37.06 -31.99
C LEU H 140 -9.15 38.30 -31.71
N PRO H 141 -10.13 38.61 -32.54
CA PRO H 141 -11.05 39.70 -32.20
C PRO H 141 -11.79 39.39 -30.91
N ASP H 142 -11.96 40.41 -30.10
CA ASP H 142 -12.72 40.28 -28.88
C ASP H 142 -14.15 39.78 -29.15
N TYR H 143 -14.57 38.81 -28.34
CA TYR H 143 -15.87 38.13 -28.39
C TYR H 143 -16.04 37.17 -29.54
N LEU H 144 -14.99 36.88 -30.30
CA LEU H 144 -15.10 35.84 -31.33
C LEU H 144 -15.63 34.61 -30.61
N PHE H 145 -16.65 33.97 -31.18
CA PHE H 145 -17.22 32.70 -30.67
C PHE H 145 -17.72 32.75 -29.24
N ARG H 146 -18.33 33.90 -28.87
CA ARG H 146 -18.91 34.04 -27.53
C ARG H 146 -20.19 34.81 -27.76
N GLY H 147 -21.29 34.33 -27.20
CA GLY H 147 -22.51 35.12 -27.31
C GLY H 147 -23.61 34.61 -26.39
N LYS H 148 -24.69 35.38 -26.36
CA LYS H 148 -25.83 35.04 -25.56
C LYS H 148 -27.06 34.96 -26.46
N ILE H 149 -27.90 33.94 -26.22
CA ILE H 149 -29.15 33.80 -26.97
C ILE H 149 -30.30 33.48 -26.03
N ARG H 150 -31.51 33.46 -26.58
CA ARG H 150 -32.71 33.21 -25.82
C ARG H 150 -33.53 32.12 -26.48
N THR H 151 -34.31 31.40 -25.69
CA THR H 151 -35.30 30.48 -26.26
C THR H 151 -36.53 31.23 -26.74
N ASP H 152 -37.21 30.60 -27.71
CA ASP H 152 -38.59 30.89 -28.16
C ASP H 152 -39.68 30.87 -27.10
N GLU H 153 -40.89 31.25 -27.51
CA GLU H 153 -42.14 30.85 -26.82
C GLU H 153 -42.33 29.35 -26.85
N ASN H 154 -41.79 28.68 -27.86
CA ASN H 154 -41.72 27.23 -27.83
C ASN H 154 -40.39 26.65 -27.29
N GLY H 155 -39.66 27.48 -26.54
CA GLY H 155 -38.43 27.06 -25.90
C GLY H 155 -37.34 26.60 -26.85
N ARG H 156 -37.35 27.13 -28.08
CA ARG H 156 -36.44 26.70 -29.13
C ARG H 156 -35.52 27.83 -29.56
N PHE H 157 -34.43 27.44 -30.23
CA PHE H 157 -33.56 28.36 -30.95
C PHE H 157 -32.78 27.59 -32.00
N THR H 158 -32.30 28.33 -33.00
CA THR H 158 -31.39 27.82 -33.99
C THR H 158 -30.16 28.73 -33.97
N LEU H 159 -28.98 28.12 -33.94
CA LEU H 159 -27.75 28.89 -33.82
C LEU H 159 -26.74 28.42 -34.84
N ARG H 160 -26.16 29.36 -35.57
CA ARG H 160 -25.19 29.00 -36.58
C ARG H 160 -23.83 29.26 -36.02
N THR H 161 -22.92 28.30 -36.17
CA THR H 161 -21.54 28.51 -35.78
C THR H 161 -20.58 27.69 -36.66
N ILE H 162 -19.34 27.44 -36.21
CA ILE H 162 -18.56 26.39 -36.87
C ILE H 162 -18.19 25.31 -35.85
N VAL H 163 -17.85 24.12 -36.34
CA VAL H 163 -17.40 23.03 -35.45
C VAL H 163 -16.02 23.39 -34.88
N PRO H 164 -15.91 23.51 -33.54
CA PRO H 164 -14.62 23.94 -32.95
C PRO H 164 -13.57 22.81 -33.09
N ALA H 165 -12.30 23.14 -33.08
CA ALA H 165 -11.23 22.15 -33.01
C ALA H 165 -10.98 21.75 -31.56
N PRO H 166 -10.44 20.53 -31.37
CA PRO H 166 -9.86 20.15 -30.08
C PRO H 166 -8.84 21.21 -29.60
N TYR H 167 -8.68 21.29 -28.28
N TYR H 167 -8.68 21.36 -28.30
CA TYR H 167 -7.89 22.32 -27.61
CA TYR H 167 -7.70 22.33 -27.86
C TYR H 167 -6.73 21.62 -26.85
C TYR H 167 -6.76 21.81 -26.79
N GLU H 168 -5.49 22.07 -27.04
CA GLU H 168 -4.37 21.63 -26.21
C GLU H 168 -4.03 22.68 -25.12
N ILE H 169 -3.94 22.25 -23.86
CA ILE H 169 -3.33 23.09 -22.80
C ILE H 169 -1.99 23.63 -23.30
N PRO H 170 -1.77 24.95 -23.24
CA PRO H 170 -0.55 25.58 -23.73
C PRO H 170 0.72 24.96 -23.21
N LYS H 171 1.63 24.61 -24.12
CA LYS H 171 2.87 23.94 -23.69
C LYS H 171 3.84 24.91 -23.03
N ASN H 172 3.68 26.21 -23.31
CA ASN H 172 4.61 27.24 -22.84
C ASN H 172 4.32 27.74 -21.41
N GLY H 173 3.54 26.97 -20.66
CA GLY H 173 3.20 27.38 -19.30
C GLY H 173 3.44 26.24 -18.35
N PRO H 174 3.35 26.50 -17.04
CA PRO H 174 3.59 25.46 -16.03
C PRO H 174 2.62 24.28 -16.08
N THR H 175 1.34 24.51 -16.39
CA THR H 175 0.43 23.38 -16.53
C THR H 175 0.88 22.46 -17.69
N GLY H 176 1.20 23.07 -18.83
CA GLY H 176 1.66 22.33 -20.01
C GLY H 176 3.00 21.64 -19.74
N ALA H 177 3.89 22.32 -19.01
CA ALA H 177 5.16 21.74 -18.56
C ALA H 177 4.98 20.50 -17.65
N LEU H 178 4.00 20.55 -16.75
CA LEU H 178 3.75 19.43 -15.85
C LEU H 178 3.26 18.27 -16.69
N LEU H 179 2.34 18.57 -17.61
CA LEU H 179 1.78 17.52 -18.46
C LEU H 179 2.89 16.77 -19.23
N ALA H 180 3.78 17.54 -19.83
CA ALA H 180 4.93 17.00 -20.56
C ALA H 180 5.86 16.22 -19.62
N ALA H 181 6.19 16.80 -18.46
CA ALA H 181 7.02 16.13 -17.44
C ALA H 181 6.42 14.85 -16.87
N ALA H 182 5.09 14.74 -16.84
CA ALA H 182 4.43 13.52 -16.45
C ALA H 182 4.13 12.50 -17.58
N GLY H 183 4.50 12.80 -18.83
CA GLY H 183 4.13 11.94 -19.96
C GLY H 183 2.64 11.81 -20.26
N TRP H 184 1.90 12.90 -19.97
CA TRP H 184 0.46 12.91 -20.19
C TRP H 184 0.14 13.83 -21.38
N HIS H 185 -0.82 13.42 -22.22
CA HIS H 185 -1.23 14.29 -23.35
C HIS H 185 -2.06 15.49 -22.82
N ALA H 186 -2.01 16.58 -23.56
CA ALA H 186 -2.58 17.87 -23.15
C ALA H 186 -3.88 18.26 -23.87
N TRP H 187 -4.59 17.28 -24.43
CA TRP H 187 -5.70 17.55 -25.36
C TRP H 187 -7.06 17.43 -24.73
N ARG H 188 -7.91 18.40 -25.06
CA ARG H 188 -9.36 18.29 -24.85
C ARG H 188 -10.04 18.01 -26.19
N PRO H 189 -11.10 17.23 -26.18
CA PRO H 189 -11.91 17.00 -27.39
C PRO H 189 -12.62 18.33 -27.73
N ALA H 190 -13.10 18.42 -28.95
CA ALA H 190 -13.89 19.58 -29.43
C ALA H 190 -15.17 19.72 -28.64
N HIS H 191 -15.56 20.96 -28.32
CA HIS H 191 -16.69 21.15 -27.44
C HIS H 191 -17.31 22.56 -27.46
N LEU H 192 -18.59 22.60 -27.11
CA LEU H 192 -19.37 23.83 -26.97
C LEU H 192 -19.65 24.03 -25.49
N HIS H 193 -19.31 25.19 -24.92
CA HIS H 193 -19.63 25.43 -23.51
C HIS H 193 -21.00 26.15 -23.42
N TRP H 194 -21.82 25.80 -22.42
CA TRP H 194 -23.08 26.54 -22.16
C TRP H 194 -23.30 26.87 -20.68
N ILE H 195 -23.80 28.07 -20.41
CA ILE H 195 -24.41 28.38 -19.10
C ILE H 195 -25.84 28.85 -19.35
N ILE H 196 -26.80 28.12 -18.77
CA ILE H 196 -28.22 28.25 -19.09
C ILE H 196 -29.00 28.63 -17.84
N ALA H 197 -29.75 29.72 -17.92
CA ALA H 197 -30.41 30.27 -16.76
C ALA H 197 -31.83 30.75 -17.08
N LYS H 198 -32.70 30.70 -16.05
CA LYS H 198 -34.04 31.27 -16.12
C LYS H 198 -34.56 31.49 -14.70
N GLU H 199 -35.01 32.69 -14.40
CA GLU H 199 -35.50 32.98 -13.05
C GLU H 199 -36.58 31.95 -12.63
N GLY H 200 -36.45 31.45 -11.40
CA GLY H 200 -37.29 30.36 -10.93
C GLY H 200 -36.72 28.98 -11.15
N TYR H 201 -35.61 28.88 -11.90
CA TYR H 201 -34.98 27.60 -12.18
C TYR H 201 -33.52 27.57 -11.74
N GLU H 202 -33.02 26.38 -11.44
CA GLU H 202 -31.59 26.22 -11.14
C GLU H 202 -30.83 26.32 -12.45
N SER H 203 -29.76 27.11 -12.47
CA SER H 203 -28.98 27.25 -13.71
C SER H 203 -28.29 25.94 -14.10
N LEU H 204 -27.94 25.80 -15.36
CA LEU H 204 -27.23 24.62 -15.86
C LEU H 204 -25.91 25.04 -16.50
N THR H 205 -24.79 24.45 -16.05
CA THR H 205 -23.51 24.64 -16.74
C THR H 205 -23.12 23.34 -17.39
N THR H 206 -22.84 23.40 -18.67
CA THR H 206 -22.59 22.14 -19.32
C THR H 206 -21.73 22.27 -20.53
N GLN H 207 -21.35 21.13 -21.11
CA GLN H 207 -20.57 21.11 -22.33
C GLN H 207 -21.18 20.10 -23.28
N LEU H 208 -21.12 20.38 -24.56
CA LEU H 208 -21.57 19.40 -25.53
C LEU H 208 -20.42 19.02 -26.46
N TYR H 209 -20.20 17.72 -26.62
CA TYR H 209 -19.13 17.17 -27.42
C TYR H 209 -19.73 16.56 -28.68
N PHE H 210 -18.88 15.97 -29.49
CA PHE H 210 -19.34 15.35 -30.72
C PHE H 210 -19.12 13.83 -30.65
N GLU H 211 -20.16 13.05 -30.91
CA GLU H 211 -20.03 11.60 -30.84
C GLU H 211 -18.86 11.22 -31.74
N ASN H 212 -18.07 10.24 -31.30
CA ASN H 212 -16.91 9.80 -32.08
C ASN H 212 -15.83 10.86 -32.29
N GLY H 213 -15.91 11.99 -31.57
CA GLY H 213 -14.90 13.03 -31.75
C GLY H 213 -13.56 12.60 -31.17
N GLN H 214 -12.48 13.01 -31.83
CA GLN H 214 -11.13 12.82 -31.33
C GLN H 214 -10.99 13.30 -29.88
N TRP H 215 -10.23 12.55 -29.08
CA TRP H 215 -10.06 12.80 -27.63
C TRP H 215 -11.27 12.62 -26.74
N THR H 216 -12.44 12.30 -27.32
CA THR H 216 -13.63 12.12 -26.51
C THR H 216 -13.45 11.01 -25.51
N GLY H 217 -12.56 10.07 -25.83
CA GLY H 217 -12.32 8.93 -24.96
C GLY H 217 -11.04 9.15 -24.16
N SER H 218 -10.43 10.34 -24.30
CA SER H 218 -9.18 10.61 -23.61
C SER H 218 -8.99 12.09 -23.13
N ASP H 219 -10.05 12.73 -22.67
CA ASP H 219 -10.04 14.15 -22.29
C ASP H 219 -9.11 14.39 -21.08
N VAL H 220 -8.05 15.17 -21.33
CA VAL H 220 -7.12 15.62 -20.26
C VAL H 220 -7.87 16.14 -19.04
N ALA H 221 -9.03 16.75 -19.26
CA ALA H 221 -9.79 17.38 -18.17
C ALA H 221 -10.83 16.45 -17.57
N ASN H 222 -10.96 15.26 -18.14
CA ASN H 222 -11.90 14.26 -17.64
C ASN H 222 -13.33 14.74 -17.50
N ALA H 223 -13.79 15.53 -18.46
CA ALA H 223 -15.07 16.19 -18.31
C ALA H 223 -16.14 15.74 -19.31
N VAL H 224 -15.82 14.74 -20.13
CA VAL H 224 -16.86 14.21 -21.02
C VAL H 224 -17.77 13.19 -20.29
N LYS H 225 -19.05 13.21 -20.65
CA LYS H 225 -20.04 12.33 -20.04
C LYS H 225 -20.88 11.83 -21.21
N PRO H 226 -21.48 10.64 -21.10
CA PRO H 226 -22.10 10.01 -22.28
C PRO H 226 -23.36 10.76 -22.77
N GLU H 227 -24.12 11.37 -21.86
CA GLU H 227 -25.33 12.12 -22.22
C GLU H 227 -25.04 13.43 -23.00
N LEU H 228 -23.76 13.76 -23.19
CA LEU H 228 -23.32 15.05 -23.72
C LEU H 228 -22.75 14.97 -25.14
N LEU H 229 -22.97 13.83 -25.80
CA LEU H 229 -22.42 13.65 -27.14
C LEU H 229 -23.51 13.96 -28.18
N LEU H 230 -23.12 14.76 -29.17
CA LEU H 230 -24.03 15.20 -30.22
C LEU H 230 -23.85 14.34 -31.46
N SER H 231 -24.97 14.07 -32.13
CA SER H 231 -24.95 13.47 -33.46
C SER H 231 -24.97 14.54 -34.54
N LEU H 232 -24.09 14.40 -35.53
CA LEU H 232 -23.98 15.34 -36.63
C LEU H 232 -24.53 14.83 -37.98
N ASP H 233 -25.68 15.37 -38.41
CA ASP H 233 -26.21 15.16 -39.78
C ASP H 233 -25.44 16.02 -40.78
N LYS H 234 -24.94 15.39 -41.85
CA LYS H 234 -23.90 15.97 -42.68
C LYS H 234 -24.26 16.58 -44.04
N ILE H 235 -25.47 17.14 -44.18
CA ILE H 235 -25.85 17.82 -45.43
C ILE H 235 -26.60 19.13 -45.22
CA PRO H 241 -21.94 20.86 -47.22
C PRO H 241 -21.92 21.69 -45.92
N HIS H 242 -22.75 21.27 -44.96
CA HIS H 242 -22.71 21.78 -43.60
C HIS H 242 -23.26 20.70 -42.66
N PHE H 243 -23.10 20.89 -41.34
CA PHE H 243 -23.59 19.94 -40.37
C PHE H 243 -24.76 20.50 -39.57
N GLU H 244 -25.73 19.66 -39.27
CA GLU H 244 -26.78 20.03 -38.31
C GLU H 244 -26.72 19.11 -37.13
N THR H 245 -27.19 19.63 -36.00
CA THR H 245 -27.39 18.80 -34.84
C THR H 245 -28.47 19.38 -33.96
N SER H 246 -28.84 18.59 -32.99
CA SER H 246 -29.95 18.95 -32.16
C SER H 246 -29.65 18.50 -30.73
N TYR H 247 -30.20 19.22 -29.77
CA TYR H 247 -30.07 18.86 -28.37
C TYR H 247 -31.18 19.48 -27.58
N LYS H 248 -31.64 18.76 -26.56
CA LYS H 248 -32.68 19.29 -25.67
C LYS H 248 -32.12 19.39 -24.24
N PHE H 249 -32.10 20.60 -23.70
CA PHE H 249 -31.66 20.85 -22.33
C PHE H 249 -32.88 20.83 -21.40
N THR H 250 -32.68 20.37 -20.15
CA THR H 250 -33.72 20.50 -19.13
C THR H 250 -33.26 21.29 -17.92
N LEU H 251 -34.10 22.21 -17.45
CA LEU H 251 -33.92 22.90 -16.16
C LEU H 251 -34.98 22.45 -15.14
N GLY H 252 -34.60 22.34 -13.87
CA GLY H 252 -35.55 22.06 -12.80
C GLY H 252 -35.84 23.30 -11.96
N LYS H 253 -37.02 23.35 -11.36
CA LYS H 253 -37.46 24.49 -10.55
C LYS H 253 -36.67 24.71 -9.24
N VAL H 254 -36.76 25.94 -8.71
CA VAL H 254 -36.38 26.35 -7.34
C VAL H 254 -35.09 27.14 -7.25
#